data_1NGR
#
_entry.id   1NGR
#
_cell.length_a   1.000
_cell.length_b   1.000
_cell.length_c   1.000
_cell.angle_alpha   90.00
_cell.angle_beta   90.00
_cell.angle_gamma   90.00
#
_symmetry.space_group_name_H-M   'P 1'
#
_entity_poly.entity_id   1
_entity_poly.type   'polypeptide(L)'
_entity_poly.pdbx_seq_one_letter_code
;GNLYSSLPLTKREEVEKLLNGDTWRHLAGELGYQPEHIDSFTHEACPVRALLASWGAQDSATLDALLAALRRIQRADIVE
SLCSE
;
_entity_poly.pdbx_strand_id   A
#
# COMPACT_ATOMS: atom_id res chain seq x y z
N GLY A 1 -4.73 7.44 11.48
CA GLY A 1 -5.65 8.27 10.70
C GLY A 1 -6.88 7.47 10.30
N ASN A 2 -7.52 7.78 9.17
CA ASN A 2 -8.56 6.91 8.60
C ASN A 2 -7.88 5.78 7.83
N LEU A 3 -8.57 4.65 7.61
CA LEU A 3 -7.99 3.52 6.91
C LEU A 3 -7.56 3.82 5.48
N TYR A 4 -6.99 2.82 4.83
CA TYR A 4 -6.50 2.94 3.47
C TYR A 4 -7.61 2.57 2.49
N SER A 5 -8.25 1.44 2.77
CA SER A 5 -9.51 0.97 2.24
C SER A 5 -10.69 1.91 2.53
N SER A 6 -10.48 2.96 3.35
CA SER A 6 -11.50 3.95 3.61
C SER A 6 -11.94 4.63 2.31
N LEU A 7 -11.02 4.94 1.40
CA LEU A 7 -11.31 5.16 -0.02
C LEU A 7 -11.89 3.89 -0.65
N PRO A 8 -13.19 3.80 -0.97
CA PRO A 8 -13.78 2.61 -1.56
C PRO A 8 -13.65 2.57 -3.10
N LEU A 9 -13.01 3.58 -3.71
CA LEU A 9 -13.18 3.92 -5.13
C LEU A 9 -11.81 3.92 -5.83
N THR A 10 -11.84 3.98 -7.16
CA THR A 10 -10.79 3.91 -8.16
C THR A 10 -9.56 4.81 -7.90
N LYS A 11 -9.60 5.75 -6.97
CA LYS A 11 -8.37 6.33 -6.41
C LYS A 11 -7.44 5.23 -5.90
N ARG A 12 -7.90 4.13 -5.29
CA ARG A 12 -7.03 2.98 -4.98
C ARG A 12 -6.43 2.32 -6.23
N GLU A 13 -7.11 2.31 -7.37
CA GLU A 13 -6.56 1.82 -8.63
C GLU A 13 -5.49 2.79 -9.13
N GLU A 14 -5.74 4.08 -8.95
CA GLU A 14 -4.70 5.10 -9.05
C GLU A 14 -3.53 4.87 -8.08
N VAL A 15 -3.65 4.08 -7.02
CA VAL A 15 -2.49 3.67 -6.22
C VAL A 15 -1.74 2.53 -6.91
N GLU A 16 -2.38 1.66 -7.69
CA GLU A 16 -1.67 0.68 -8.54
C GLU A 16 -0.73 1.41 -9.52
N LYS A 17 -1.10 2.63 -9.93
CA LYS A 17 -0.21 3.51 -10.70
C LYS A 17 0.97 3.97 -9.82
N LEU A 18 0.72 4.34 -8.57
CA LEU A 18 1.70 4.94 -7.67
C LEU A 18 2.64 3.95 -7.00
N LEU A 19 2.10 3.02 -6.19
CA LEU A 19 2.75 1.92 -5.49
C LEU A 19 3.12 0.87 -6.54
N ASN A 20 3.97 1.29 -7.46
CA ASN A 20 4.42 0.64 -8.67
C ASN A 20 5.09 -0.72 -8.40
N GLY A 21 5.18 -1.53 -9.47
CA GLY A 21 5.60 -2.93 -9.49
C GLY A 21 7.09 -3.11 -9.22
N ASP A 22 7.49 -2.81 -7.99
CA ASP A 22 8.82 -2.78 -7.41
C ASP A 22 8.72 -2.33 -5.96
N THR A 23 8.41 -1.05 -5.79
CA THR A 23 8.52 -0.40 -4.52
C THR A 23 7.39 -0.88 -3.61
N TRP A 24 6.25 -1.27 -4.17
CA TRP A 24 5.22 -1.90 -3.39
C TRP A 24 5.81 -3.08 -2.57
N ARG A 25 6.57 -4.03 -3.15
CA ARG A 25 7.32 -5.08 -2.41
C ARG A 25 8.04 -4.56 -1.17
N HIS A 26 8.89 -3.56 -1.37
CA HIS A 26 9.69 -2.93 -0.32
C HIS A 26 8.77 -2.45 0.80
N LEU A 27 7.72 -1.72 0.43
CA LEU A 27 6.70 -1.25 1.33
C LEU A 27 5.99 -2.42 2.05
N ALA A 28 5.58 -3.47 1.32
CA ALA A 28 4.85 -4.62 1.80
C ALA A 28 5.55 -5.24 3.02
N GLY A 29 6.87 -5.46 2.92
CA GLY A 29 7.65 -5.95 4.05
C GLY A 29 7.64 -4.96 5.21
N GLU A 30 7.88 -3.68 4.91
CA GLU A 30 7.89 -2.63 5.92
C GLU A 30 6.52 -2.43 6.58
N LEU A 31 5.44 -2.95 5.99
CA LEU A 31 4.08 -3.00 6.51
C LEU A 31 3.77 -4.28 7.29
N GLY A 32 4.79 -4.89 7.90
CA GLY A 32 4.65 -6.10 8.71
C GLY A 32 3.92 -7.26 8.04
N TYR A 33 4.16 -7.48 6.75
CA TYR A 33 3.80 -8.72 6.10
C TYR A 33 5.09 -9.49 5.79
N GLN A 34 5.17 -10.72 6.30
CA GLN A 34 6.27 -11.64 6.04
C GLN A 34 6.54 -11.78 4.53
N PRO A 35 7.75 -12.20 4.11
CA PRO A 35 8.12 -12.23 2.71
C PRO A 35 7.28 -13.23 1.90
N GLU A 36 6.79 -14.29 2.54
CA GLU A 36 5.87 -15.25 1.92
C GLU A 36 4.58 -14.56 1.50
N HIS A 37 4.04 -13.65 2.31
CA HIS A 37 2.87 -12.86 1.92
C HIS A 37 3.20 -11.89 0.81
N ILE A 38 4.39 -11.25 0.85
CA ILE A 38 4.80 -10.36 -0.24
C ILE A 38 4.84 -11.17 -1.55
N ASP A 39 5.31 -12.42 -1.51
CA ASP A 39 5.32 -13.25 -2.70
C ASP A 39 3.90 -13.67 -3.10
N SER A 40 3.04 -14.03 -2.14
CA SER A 40 1.66 -14.41 -2.48
C SER A 40 0.84 -13.22 -2.97
N PHE A 41 1.33 -12.00 -2.77
CA PHE A 41 0.58 -10.80 -3.13
C PHE A 41 0.90 -10.48 -4.59
N THR A 42 2.10 -10.83 -5.09
CA THR A 42 2.39 -10.71 -6.51
C THR A 42 1.85 -11.92 -7.31
N HIS A 43 1.37 -12.99 -6.64
CA HIS A 43 0.69 -14.12 -7.27
C HIS A 43 -0.82 -13.88 -7.31
N GLU A 44 -1.39 -13.28 -6.26
CA GLU A 44 -2.78 -12.88 -6.19
C GLU A 44 -3.09 -11.86 -7.31
N ALA A 45 -4.39 -11.57 -7.52
CA ALA A 45 -4.92 -10.99 -8.76
C ALA A 45 -4.10 -9.81 -9.27
N CYS A 46 -3.82 -8.85 -8.39
CA CYS A 46 -2.73 -7.89 -8.51
C CYS A 46 -2.27 -7.64 -7.07
N PRO A 47 -0.98 -7.30 -6.82
CA PRO A 47 -0.48 -6.91 -5.51
C PRO A 47 -1.29 -5.77 -4.95
N VAL A 48 -1.06 -4.52 -5.36
CA VAL A 48 -1.81 -3.37 -4.86
C VAL A 48 -3.33 -3.60 -4.71
N ARG A 49 -4.00 -4.39 -5.57
CA ARG A 49 -5.42 -4.70 -5.35
C ARG A 49 -5.61 -5.55 -4.09
N ALA A 50 -5.04 -6.75 -4.02
CA ALA A 50 -5.28 -7.61 -2.85
C ALA A 50 -4.50 -7.13 -1.62
N LEU A 51 -3.57 -6.21 -1.80
CA LEU A 51 -2.76 -5.57 -0.78
C LEU A 51 -3.60 -4.54 -0.05
N LEU A 52 -4.30 -3.66 -0.78
CA LEU A 52 -5.07 -2.62 -0.13
C LEU A 52 -6.38 -3.18 0.42
N ALA A 53 -6.85 -4.33 -0.09
CA ALA A 53 -7.96 -5.05 0.52
C ALA A 53 -7.53 -5.77 1.81
N SER A 54 -6.34 -6.40 1.82
CA SER A 54 -5.93 -7.26 2.93
C SER A 54 -5.20 -6.44 4.00
N TRP A 55 -4.22 -5.61 3.60
CA TRP A 55 -3.59 -4.71 4.56
C TRP A 55 -4.67 -3.81 5.15
N GLY A 56 -5.59 -3.33 4.29
CA GLY A 56 -6.72 -2.49 4.67
C GLY A 56 -7.82 -3.21 5.45
N ALA A 57 -7.56 -4.41 5.96
CA ALA A 57 -8.37 -5.11 6.94
C ALA A 57 -7.67 -5.20 8.30
N GLN A 58 -6.40 -4.79 8.40
CA GLN A 58 -5.61 -4.88 9.62
C GLN A 58 -5.83 -3.62 10.48
N ASP A 59 -5.48 -3.73 11.77
CA ASP A 59 -5.90 -2.85 12.87
C ASP A 59 -5.75 -1.36 12.59
N SER A 60 -4.52 -0.92 12.34
CA SER A 60 -4.13 0.47 12.21
C SER A 60 -3.55 0.71 10.82
N ALA A 61 -4.15 0.04 9.82
CA ALA A 61 -3.83 0.14 8.40
C ALA A 61 -4.30 1.48 7.80
N THR A 62 -3.90 2.59 8.42
CA THR A 62 -4.39 3.90 8.08
C THR A 62 -3.57 4.49 6.92
N LEU A 63 -4.09 5.53 6.25
CA LEU A 63 -3.38 6.14 5.13
C LEU A 63 -2.01 6.62 5.61
N ASP A 64 -1.98 7.21 6.80
CA ASP A 64 -0.82 7.71 7.53
C ASP A 64 0.11 6.60 8.03
N ALA A 65 -0.32 5.34 8.10
CA ALA A 65 0.57 4.21 8.39
C ALA A 65 1.35 3.86 7.11
N LEU A 66 0.64 3.71 5.99
CA LEU A 66 1.27 3.34 4.73
C LEU A 66 2.22 4.44 4.26
N LEU A 67 1.79 5.69 4.43
CA LEU A 67 2.55 6.88 4.15
C LEU A 67 3.85 6.89 4.97
N ALA A 68 3.79 6.45 6.23
CA ALA A 68 4.96 6.43 7.10
C ALA A 68 5.96 5.38 6.61
N ALA A 69 5.50 4.17 6.31
CA ALA A 69 6.34 3.12 5.78
C ALA A 69 6.95 3.52 4.43
N LEU A 70 6.20 4.19 3.55
CA LEU A 70 6.75 4.79 2.35
C LEU A 70 7.83 5.82 2.64
N ARG A 71 7.56 6.76 3.55
CA ARG A 71 8.50 7.85 3.79
C ARG A 71 9.76 7.27 4.45
N ARG A 72 9.64 6.17 5.21
CA ARG A 72 10.73 5.35 5.71
C ARG A 72 11.59 4.74 4.60
N ILE A 73 11.04 4.28 3.48
CA ILE A 73 11.85 3.85 2.32
C ILE A 73 12.15 5.03 1.38
N GLN A 74 12.04 6.26 1.90
CA GLN A 74 12.13 7.55 1.21
C GLN A 74 11.35 7.65 -0.11
N ARG A 75 10.38 6.76 -0.36
CA ARG A 75 9.49 6.82 -1.53
C ARG A 75 8.38 7.84 -1.28
N ALA A 76 8.80 9.05 -0.92
CA ALA A 76 7.98 10.20 -0.59
C ALA A 76 7.25 10.75 -1.82
N ASP A 77 7.74 10.45 -3.02
CA ASP A 77 7.07 10.66 -4.30
C ASP A 77 5.67 10.06 -4.28
N ILE A 78 5.55 8.80 -3.84
CA ILE A 78 4.25 8.14 -3.76
C ILE A 78 3.44 8.80 -2.64
N VAL A 79 4.07 9.16 -1.53
CA VAL A 79 3.38 9.71 -0.38
C VAL A 79 2.68 11.03 -0.74
N GLU A 80 3.41 11.98 -1.32
CA GLU A 80 2.87 13.29 -1.68
C GLU A 80 1.75 13.18 -2.73
N SER A 81 1.78 12.16 -3.59
CA SER A 81 0.63 11.87 -4.44
C SER A 81 -0.52 11.34 -3.57
N LEU A 82 -0.21 10.42 -2.67
CA LEU A 82 -1.16 9.85 -1.71
C LEU A 82 -1.86 10.94 -0.90
N CYS A 83 -1.13 12.00 -0.54
CA CYS A 83 -1.65 13.17 0.13
C CYS A 83 -2.81 13.80 -0.64
N SER A 84 -2.77 13.85 -1.98
CA SER A 84 -4.01 14.07 -2.76
C SER A 84 -3.91 13.59 -4.21
N GLU A 85 -2.99 14.17 -5.00
CA GLU A 85 -3.01 14.21 -6.47
C GLU A 85 -4.43 14.53 -6.93
N GLY A 1 -5.09 8.18 11.33
CA GLY A 1 -6.15 8.84 10.57
C GLY A 1 -7.21 7.82 10.21
N ASN A 2 -7.82 7.92 9.03
CA ASN A 2 -8.72 6.88 8.54
C ASN A 2 -7.87 5.73 8.00
N LEU A 3 -8.48 4.54 7.81
CA LEU A 3 -7.88 3.49 7.02
C LEU A 3 -7.66 3.95 5.58
N TYR A 4 -7.06 3.06 4.77
CA TYR A 4 -6.91 3.28 3.36
C TYR A 4 -8.03 2.59 2.58
N SER A 5 -8.53 1.44 3.04
CA SER A 5 -9.75 0.83 2.53
C SER A 5 -10.99 1.70 2.76
N SER A 6 -10.87 2.77 3.55
CA SER A 6 -11.88 3.82 3.66
C SER A 6 -12.14 4.42 2.26
N LEU A 7 -11.09 4.68 1.48
CA LEU A 7 -11.17 4.81 0.02
C LEU A 7 -11.65 3.47 -0.54
N PRO A 8 -12.88 3.34 -1.08
CA PRO A 8 -13.40 2.02 -1.46
C PRO A 8 -12.57 1.39 -2.58
N LEU A 9 -12.30 2.13 -3.68
CA LEU A 9 -11.49 1.62 -4.78
C LEU A 9 -10.67 2.72 -5.47
N THR A 10 -11.07 3.14 -6.67
CA THR A 10 -10.30 3.82 -7.72
C THR A 10 -9.08 4.71 -7.40
N LYS A 11 -9.01 5.54 -6.35
CA LYS A 11 -7.69 6.12 -6.00
C LYS A 11 -6.68 5.00 -5.71
N ARG A 12 -7.06 3.91 -5.06
CA ARG A 12 -6.21 2.73 -4.90
C ARG A 12 -5.69 2.22 -6.24
N GLU A 13 -6.49 2.26 -7.30
CA GLU A 13 -6.09 1.84 -8.64
C GLU A 13 -5.11 2.85 -9.24
N GLU A 14 -5.35 4.14 -9.07
CA GLU A 14 -4.36 5.14 -9.41
C GLU A 14 -3.07 4.94 -8.57
N VAL A 15 -3.16 4.36 -7.39
CA VAL A 15 -2.02 4.04 -6.55
C VAL A 15 -1.34 2.73 -6.99
N GLU A 16 -2.03 1.76 -7.59
CA GLU A 16 -1.36 0.67 -8.32
C GLU A 16 -0.30 1.20 -9.30
N LYS A 17 -0.56 2.35 -9.94
CA LYS A 17 0.43 3.03 -10.79
C LYS A 17 1.59 3.58 -9.95
N LEU A 18 1.30 4.10 -8.76
CA LEU A 18 2.25 4.81 -7.90
C LEU A 18 3.13 3.85 -7.08
N LEU A 19 2.51 3.02 -6.24
CA LEU A 19 3.10 1.88 -5.54
C LEU A 19 3.37 0.80 -6.62
N ASN A 20 4.19 1.12 -7.63
CA ASN A 20 4.38 0.29 -8.82
C ASN A 20 4.93 -1.09 -8.44
N GLY A 21 4.77 -2.08 -9.34
CA GLY A 21 5.17 -3.46 -9.14
C GLY A 21 6.70 -3.64 -9.15
N ASP A 22 7.35 -3.11 -8.13
CA ASP A 22 8.76 -3.30 -7.76
C ASP A 22 8.80 -2.76 -6.33
N THR A 23 8.49 -1.46 -6.21
CA THR A 23 8.64 -0.65 -5.02
C THR A 23 7.70 -1.14 -3.94
N TRP A 24 6.46 -1.48 -4.29
CA TRP A 24 5.47 -1.92 -3.33
C TRP A 24 6.02 -3.05 -2.44
N ARG A 25 6.65 -4.11 -2.98
CA ARG A 25 7.28 -5.20 -2.20
C ARG A 25 8.06 -4.67 -0.99
N HIS A 26 8.91 -3.66 -1.20
CA HIS A 26 9.72 -3.04 -0.17
C HIS A 26 8.82 -2.43 0.91
N LEU A 27 7.80 -1.68 0.51
CA LEU A 27 6.79 -1.14 1.41
C LEU A 27 6.03 -2.24 2.15
N ALA A 28 5.61 -3.30 1.46
CA ALA A 28 4.93 -4.47 2.00
C ALA A 28 5.72 -5.04 3.19
N GLY A 29 7.03 -5.22 3.01
CA GLY A 29 7.93 -5.66 4.07
C GLY A 29 8.02 -4.63 5.20
N GLU A 30 8.15 -3.34 4.86
CA GLU A 30 8.19 -2.28 5.87
C GLU A 30 6.86 -2.20 6.65
N LEU A 31 5.76 -2.71 6.10
CA LEU A 31 4.48 -2.87 6.78
C LEU A 31 4.30 -4.22 7.45
N GLY A 32 5.38 -4.88 7.87
CA GLY A 32 5.37 -6.07 8.71
C GLY A 32 4.46 -7.21 8.25
N TYR A 33 4.44 -7.52 6.94
CA TYR A 33 3.88 -8.78 6.43
C TYR A 33 5.08 -9.61 5.96
N GLN A 34 5.14 -10.87 6.38
CA GLN A 34 6.24 -11.79 6.04
C GLN A 34 6.51 -11.85 4.53
N PRO A 35 7.70 -12.26 4.10
CA PRO A 35 8.06 -12.24 2.68
C PRO A 35 7.24 -13.23 1.86
N GLU A 36 6.82 -14.34 2.45
CA GLU A 36 5.93 -15.31 1.82
C GLU A 36 4.60 -14.62 1.50
N HIS A 37 4.11 -13.77 2.41
CA HIS A 37 2.86 -13.04 2.22
C HIS A 37 3.03 -12.00 1.12
N ILE A 38 4.19 -11.31 1.07
CA ILE A 38 4.47 -10.32 0.04
C ILE A 38 4.44 -11.02 -1.33
N ASP A 39 5.16 -12.12 -1.50
CA ASP A 39 5.22 -12.69 -2.85
C ASP A 39 3.86 -13.33 -3.18
N SER A 40 3.12 -13.82 -2.18
CA SER A 40 1.74 -14.27 -2.33
C SER A 40 0.74 -13.13 -2.57
N PHE A 41 1.13 -11.87 -2.44
CA PHE A 41 0.27 -10.72 -2.72
C PHE A 41 0.38 -10.36 -4.20
N THR A 42 1.54 -10.56 -4.83
CA THR A 42 1.67 -10.34 -6.26
C THR A 42 1.07 -11.50 -7.09
N HIS A 43 0.50 -12.52 -6.45
CA HIS A 43 -0.23 -13.60 -7.08
C HIS A 43 -1.65 -13.14 -7.45
N GLU A 44 -2.30 -12.33 -6.60
CA GLU A 44 -3.54 -11.65 -6.98
C GLU A 44 -3.46 -10.88 -8.29
N ALA A 45 -4.65 -10.47 -8.78
CA ALA A 45 -4.87 -9.79 -10.06
C ALA A 45 -3.84 -8.69 -10.29
N CYS A 46 -3.65 -7.86 -9.26
CA CYS A 46 -2.47 -7.04 -9.04
C CYS A 46 -2.29 -7.00 -7.52
N PRO A 47 -1.06 -6.87 -6.99
CA PRO A 47 -0.79 -6.67 -5.57
C PRO A 47 -1.60 -5.49 -5.07
N VAL A 48 -1.20 -4.27 -5.41
CA VAL A 48 -1.77 -3.04 -4.86
C VAL A 48 -3.32 -3.05 -4.72
N ARG A 49 -4.13 -3.61 -5.64
CA ARG A 49 -5.57 -3.73 -5.37
C ARG A 49 -5.87 -4.59 -4.14
N ALA A 50 -5.47 -5.87 -4.14
CA ALA A 50 -5.84 -6.78 -3.05
C ALA A 50 -4.94 -6.61 -1.82
N LEU A 51 -3.84 -5.89 -1.98
CA LEU A 51 -2.90 -5.49 -0.94
C LEU A 51 -3.58 -4.47 -0.06
N LEU A 52 -4.14 -3.44 -0.70
CA LEU A 52 -4.72 -2.33 0.02
C LEU A 52 -6.11 -2.71 0.55
N ALA A 53 -6.74 -3.75 0.00
CA ALA A 53 -7.89 -4.37 0.67
C ALA A 53 -7.48 -5.16 1.93
N SER A 54 -6.36 -5.91 1.89
CA SER A 54 -6.01 -6.89 2.92
C SER A 54 -5.17 -6.27 4.04
N TRP A 55 -4.12 -5.53 3.70
CA TRP A 55 -3.50 -4.58 4.63
C TRP A 55 -4.58 -3.67 5.17
N GLY A 56 -5.53 -3.24 4.33
CA GLY A 56 -6.69 -2.44 4.71
C GLY A 56 -7.72 -3.17 5.57
N ALA A 57 -7.40 -4.32 6.18
CA ALA A 57 -8.26 -5.09 7.06
C ALA A 57 -7.67 -5.28 8.46
N GLN A 58 -6.41 -4.87 8.71
CA GLN A 58 -5.86 -4.88 10.07
C GLN A 58 -6.35 -3.59 10.77
N ASP A 59 -6.78 -3.68 12.03
CA ASP A 59 -7.23 -2.51 12.81
C ASP A 59 -6.01 -1.76 13.37
N SER A 60 -5.24 -1.18 12.45
CA SER A 60 -4.02 -0.41 12.67
C SER A 60 -3.57 0.29 11.38
N ALA A 61 -4.04 -0.17 10.22
CA ALA A 61 -3.60 0.24 8.91
C ALA A 61 -4.20 1.60 8.50
N THR A 62 -3.88 2.68 9.18
CA THR A 62 -4.36 3.98 8.74
C THR A 62 -3.66 4.32 7.41
N LEU A 63 -4.18 5.21 6.55
CA LEU A 63 -3.38 5.56 5.37
C LEU A 63 -2.07 6.24 5.82
N ASP A 64 -2.09 6.90 6.98
CA ASP A 64 -0.92 7.50 7.61
C ASP A 64 0.09 6.46 8.10
N ALA A 65 -0.27 5.18 8.21
CA ALA A 65 0.69 4.08 8.46
C ALA A 65 1.41 3.71 7.17
N LEU A 66 0.67 3.46 6.09
CA LEU A 66 1.27 3.11 4.79
C LEU A 66 2.15 4.25 4.29
N LEU A 67 1.68 5.48 4.48
CA LEU A 67 2.38 6.71 4.17
C LEU A 67 3.68 6.81 4.94
N ALA A 68 3.66 6.49 6.24
CA ALA A 68 4.85 6.55 7.07
C ALA A 68 5.87 5.54 6.58
N ALA A 69 5.44 4.29 6.40
CA ALA A 69 6.26 3.22 5.88
C ALA A 69 6.86 3.62 4.53
N LEU A 70 6.06 4.16 3.61
CA LEU A 70 6.57 4.67 2.33
C LEU A 70 7.72 5.65 2.48
N ARG A 71 7.53 6.65 3.34
CA ARG A 71 8.50 7.73 3.43
C ARG A 71 9.82 7.16 3.99
N ARG A 72 9.80 6.07 4.78
CA ARG A 72 11.01 5.37 5.23
C ARG A 72 11.87 4.94 4.05
N ILE A 73 11.32 4.39 2.95
CA ILE A 73 12.17 3.97 1.82
C ILE A 73 12.37 5.13 0.84
N GLN A 74 12.26 6.36 1.37
CA GLN A 74 12.36 7.63 0.68
C GLN A 74 11.41 7.71 -0.51
N ARG A 75 10.37 6.85 -0.55
CA ARG A 75 9.27 6.99 -1.49
C ARG A 75 8.27 8.00 -0.94
N ALA A 76 8.79 9.19 -0.70
CA ALA A 76 8.03 10.36 -0.28
C ALA A 76 7.19 10.90 -1.44
N ASP A 77 7.57 10.59 -2.67
CA ASP A 77 6.83 10.86 -3.89
C ASP A 77 5.45 10.20 -3.80
N ILE A 78 5.40 8.88 -3.59
CA ILE A 78 4.12 8.17 -3.61
C ILE A 78 3.20 8.68 -2.48
N VAL A 79 3.72 9.15 -1.35
CA VAL A 79 2.92 9.65 -0.23
C VAL A 79 2.07 10.86 -0.61
N GLU A 80 2.70 11.93 -1.08
CA GLU A 80 1.97 13.07 -1.59
C GLU A 80 1.07 12.77 -2.79
N SER A 81 1.44 11.77 -3.59
CA SER A 81 0.62 11.24 -4.67
C SER A 81 -0.57 10.39 -4.19
N LEU A 82 -0.46 9.72 -3.04
CA LEU A 82 -1.59 9.09 -2.36
C LEU A 82 -2.67 10.13 -2.17
N CYS A 83 -2.30 11.29 -1.62
CA CYS A 83 -3.24 12.39 -1.47
C CYS A 83 -3.76 12.82 -2.85
N SER A 84 -2.89 13.28 -3.75
CA SER A 84 -3.35 13.95 -4.94
C SER A 84 -2.41 13.76 -6.14
N GLU A 85 -1.16 14.21 -6.04
CA GLU A 85 -0.31 14.48 -7.20
C GLU A 85 0.96 13.65 -7.10
N GLY A 1 -9.71 2.96 12.51
CA GLY A 1 -10.05 4.31 12.02
C GLY A 1 -10.38 4.25 10.53
N ASN A 2 -10.30 5.36 9.79
CA ASN A 2 -10.50 5.34 8.34
C ASN A 2 -9.20 4.83 7.73
N LEU A 3 -9.12 3.51 7.62
CA LEU A 3 -7.99 2.79 7.05
C LEU A 3 -7.70 3.11 5.61
N TYR A 4 -6.67 2.44 5.08
CA TYR A 4 -6.26 2.58 3.71
C TYR A 4 -7.33 1.99 2.79
N SER A 5 -7.98 0.88 3.17
CA SER A 5 -9.09 0.27 2.46
C SER A 5 -10.37 1.13 2.56
N SER A 6 -10.40 2.18 3.41
CA SER A 6 -11.60 2.99 3.59
C SER A 6 -11.99 3.69 2.28
N LEU A 7 -11.03 4.17 1.48
CA LEU A 7 -11.19 4.47 0.05
C LEU A 7 -11.52 3.19 -0.74
N PRO A 8 -12.77 2.96 -1.19
CA PRO A 8 -13.15 1.75 -1.91
C PRO A 8 -13.00 1.87 -3.43
N LEU A 9 -12.53 3.03 -3.93
CA LEU A 9 -12.73 3.48 -5.31
C LEU A 9 -11.38 3.72 -5.98
N THR A 10 -11.41 3.90 -7.30
CA THR A 10 -10.33 4.01 -8.29
C THR A 10 -9.19 4.98 -7.95
N LYS A 11 -9.27 5.82 -6.91
CA LYS A 11 -8.04 6.40 -6.33
C LYS A 11 -7.07 5.28 -5.96
N ARG A 12 -7.52 4.13 -5.44
CA ARG A 12 -6.62 2.99 -5.19
C ARG A 12 -5.95 2.49 -6.47
N GLU A 13 -6.63 2.50 -7.60
CA GLU A 13 -6.06 2.09 -8.89
C GLU A 13 -5.07 3.15 -9.36
N GLU A 14 -5.39 4.43 -9.20
CA GLU A 14 -4.45 5.53 -9.37
C GLU A 14 -3.26 5.46 -8.37
N VAL A 15 -3.39 4.74 -7.26
CA VAL A 15 -2.28 4.38 -6.37
C VAL A 15 -1.50 3.17 -6.91
N GLU A 16 -2.10 2.23 -7.65
CA GLU A 16 -1.33 1.20 -8.37
C GLU A 16 -0.32 1.81 -9.35
N LYS A 17 -0.62 3.02 -9.85
CA LYS A 17 0.34 3.81 -10.64
C LYS A 17 1.49 4.29 -9.76
N LEU A 18 1.23 4.66 -8.49
CA LEU A 18 2.25 5.17 -7.58
C LEU A 18 3.07 4.06 -6.91
N LEU A 19 2.40 3.20 -6.13
CA LEU A 19 2.89 2.01 -5.45
C LEU A 19 3.08 0.97 -6.56
N ASN A 20 3.95 1.26 -7.53
CA ASN A 20 4.08 0.55 -8.79
C ASN A 20 4.54 -0.90 -8.57
N GLY A 21 4.50 -1.69 -9.65
CA GLY A 21 5.03 -3.04 -9.74
C GLY A 21 6.55 -3.09 -9.66
N ASP A 22 7.08 -2.77 -8.47
CA ASP A 22 8.39 -3.02 -7.88
C ASP A 22 8.35 -2.33 -6.53
N THR A 23 8.13 -1.01 -6.53
CA THR A 23 8.22 -0.19 -5.33
C THR A 23 7.27 -0.71 -4.26
N TRP A 24 6.07 -1.16 -4.64
CA TRP A 24 5.16 -1.77 -3.69
C TRP A 24 5.87 -2.89 -2.92
N ARG A 25 6.48 -3.90 -3.57
CA ARG A 25 7.31 -4.95 -2.94
C ARG A 25 8.22 -4.38 -1.86
N HIS A 26 9.03 -3.38 -2.24
CA HIS A 26 9.99 -2.78 -1.33
C HIS A 26 9.29 -2.20 -0.09
N LEU A 27 8.17 -1.50 -0.28
CA LEU A 27 7.32 -1.05 0.81
C LEU A 27 6.67 -2.20 1.57
N ALA A 28 6.22 -3.25 0.90
CA ALA A 28 5.56 -4.43 1.44
C ALA A 28 6.42 -4.98 2.57
N GLY A 29 7.73 -5.13 2.30
CA GLY A 29 8.73 -5.48 3.30
C GLY A 29 8.66 -4.58 4.53
N GLU A 30 8.62 -3.26 4.33
CA GLU A 30 8.59 -2.33 5.46
C GLU A 30 7.20 -2.30 6.16
N LEU A 31 6.14 -2.84 5.55
CA LEU A 31 4.79 -2.81 6.15
C LEU A 31 4.54 -3.96 7.13
N GLY A 32 5.58 -4.50 7.77
CA GLY A 32 5.48 -5.47 8.86
C GLY A 32 4.58 -6.67 8.59
N TYR A 33 4.44 -7.08 7.32
CA TYR A 33 3.66 -8.24 6.90
C TYR A 33 4.70 -9.26 6.40
N GLN A 34 4.60 -10.50 6.85
CA GLN A 34 5.60 -11.54 6.57
C GLN A 34 5.92 -11.66 5.07
N PRO A 35 7.09 -12.22 4.70
CA PRO A 35 7.49 -12.34 3.31
C PRO A 35 6.60 -13.31 2.55
N GLU A 36 6.04 -14.33 3.22
CA GLU A 36 5.09 -15.25 2.62
C GLU A 36 3.84 -14.49 2.16
N HIS A 37 3.42 -13.46 2.90
CA HIS A 37 2.29 -12.63 2.51
C HIS A 37 2.66 -11.81 1.28
N ILE A 38 3.85 -11.20 1.28
CA ILE A 38 4.35 -10.38 0.18
C ILE A 38 4.38 -11.23 -1.09
N ASP A 39 4.97 -12.43 -1.04
CA ASP A 39 5.05 -13.26 -2.22
C ASP A 39 3.66 -13.74 -2.62
N SER A 40 2.76 -14.03 -1.67
CA SER A 40 1.39 -14.41 -1.99
C SER A 40 0.57 -13.25 -2.57
N PHE A 41 1.05 -12.01 -2.52
CA PHE A 41 0.34 -10.87 -3.09
C PHE A 41 0.73 -10.72 -4.55
N THR A 42 1.98 -11.05 -4.92
CA THR A 42 2.37 -10.97 -6.33
C THR A 42 1.87 -12.20 -7.12
N HIS A 43 1.33 -13.22 -6.44
CA HIS A 43 0.69 -14.37 -7.06
C HIS A 43 -0.80 -14.12 -7.30
N GLU A 44 -1.48 -13.44 -6.37
CA GLU A 44 -2.85 -13.00 -6.57
C GLU A 44 -3.10 -12.14 -7.80
N ALA A 45 -4.40 -11.96 -8.10
CA ALA A 45 -4.94 -11.37 -9.32
C ALA A 45 -4.23 -10.07 -9.69
N CYS A 46 -4.07 -9.18 -8.71
CA CYS A 46 -3.08 -8.12 -8.71
C CYS A 46 -2.64 -7.95 -7.25
N PRO A 47 -1.34 -7.74 -6.95
CA PRO A 47 -0.88 -7.31 -5.64
C PRO A 47 -1.59 -6.03 -5.27
N VAL A 48 -1.09 -4.89 -5.73
CA VAL A 48 -1.46 -3.58 -5.25
C VAL A 48 -2.99 -3.39 -5.00
N ARG A 49 -3.90 -3.89 -5.85
CA ARG A 49 -5.32 -3.89 -5.51
C ARG A 49 -5.63 -4.70 -4.25
N ALA A 50 -5.35 -6.02 -4.22
CA ALA A 50 -5.77 -6.82 -3.08
C ALA A 50 -4.86 -6.60 -1.85
N LEU A 51 -3.72 -5.95 -2.06
CA LEU A 51 -2.76 -5.56 -1.05
C LEU A 51 -3.36 -4.42 -0.26
N LEU A 52 -3.84 -3.38 -0.93
CA LEU A 52 -4.28 -2.18 -0.23
C LEU A 52 -5.67 -2.42 0.34
N ALA A 53 -6.45 -3.31 -0.27
CA ALA A 53 -7.74 -3.73 0.27
C ALA A 53 -7.55 -4.57 1.55
N SER A 54 -6.58 -5.49 1.57
CA SER A 54 -6.40 -6.47 2.64
C SER A 54 -5.49 -5.92 3.74
N TRP A 55 -4.31 -5.36 3.42
CA TRP A 55 -3.46 -4.75 4.42
C TRP A 55 -4.24 -3.65 5.13
N GLY A 56 -5.00 -2.87 4.35
CA GLY A 56 -5.80 -1.76 4.83
C GLY A 56 -7.08 -2.19 5.54
N ALA A 57 -7.24 -3.47 5.87
CA ALA A 57 -8.39 -3.98 6.61
C ALA A 57 -8.14 -3.98 8.12
N GLN A 58 -6.88 -4.11 8.56
CA GLN A 58 -6.57 -4.45 9.95
C GLN A 58 -6.32 -3.14 10.72
N ASP A 59 -7.12 -2.85 11.74
CA ASP A 59 -7.16 -1.52 12.38
C ASP A 59 -5.86 -1.19 13.11
N SER A 60 -5.04 -0.37 12.46
CA SER A 60 -3.65 0.05 12.70
C SER A 60 -2.97 0.31 11.34
N ALA A 61 -3.40 -0.40 10.30
CA ALA A 61 -3.08 -0.17 8.90
C ALA A 61 -3.81 1.08 8.36
N THR A 62 -3.63 2.22 9.03
CA THR A 62 -4.25 3.47 8.63
C THR A 62 -3.60 3.96 7.32
N LEU A 63 -4.08 5.06 6.76
CA LEU A 63 -3.32 5.71 5.69
C LEU A 63 -1.92 6.05 6.24
N ASP A 64 -1.85 6.50 7.49
CA ASP A 64 -0.64 7.04 8.13
C ASP A 64 0.40 5.96 8.34
N ALA A 65 0.00 4.69 8.38
CA ALA A 65 0.90 3.57 8.59
C ALA A 65 1.60 3.29 7.27
N LEU A 66 0.86 3.23 6.17
CA LEU A 66 1.48 2.98 4.87
C LEU A 66 2.31 4.18 4.46
N LEU A 67 1.79 5.37 4.69
CA LEU A 67 2.44 6.64 4.42
C LEU A 67 3.77 6.74 5.20
N ALA A 68 3.81 6.27 6.45
CA ALA A 68 5.02 6.24 7.25
C ALA A 68 6.00 5.20 6.73
N ALA A 69 5.52 3.99 6.41
CA ALA A 69 6.35 2.95 5.80
C ALA A 69 6.96 3.48 4.50
N LEU A 70 6.18 4.13 3.66
CA LEU A 70 6.68 4.80 2.46
C LEU A 70 7.84 5.73 2.75
N ARG A 71 7.68 6.61 3.73
CA ARG A 71 8.71 7.59 4.07
C ARG A 71 9.96 6.92 4.68
N ARG A 72 9.82 5.80 5.40
CA ARG A 72 10.93 4.95 5.82
C ARG A 72 11.76 4.43 4.64
N ILE A 73 11.12 4.01 3.56
CA ILE A 73 11.75 3.68 2.28
C ILE A 73 11.89 4.87 1.33
N GLN A 74 11.71 6.08 1.86
CA GLN A 74 11.91 7.36 1.16
C GLN A 74 11.14 7.44 -0.16
N ARG A 75 10.12 6.59 -0.32
CA ARG A 75 9.11 6.69 -1.39
C ARG A 75 8.03 7.71 -1.00
N ALA A 76 8.48 8.90 -0.60
CA ALA A 76 7.60 9.99 -0.15
C ALA A 76 6.87 10.67 -1.32
N ASP A 77 7.39 10.53 -2.53
CA ASP A 77 6.74 10.85 -3.80
C ASP A 77 5.38 10.15 -3.93
N ILE A 78 5.26 8.90 -3.46
CA ILE A 78 3.96 8.24 -3.42
C ILE A 78 3.07 8.85 -2.35
N VAL A 79 3.62 9.29 -1.21
CA VAL A 79 2.83 9.80 -0.10
C VAL A 79 2.04 11.04 -0.53
N GLU A 80 2.69 12.01 -1.16
CA GLU A 80 2.03 13.25 -1.58
C GLU A 80 0.90 12.96 -2.58
N SER A 81 1.10 12.05 -3.53
CA SER A 81 0.09 11.67 -4.51
C SER A 81 -1.00 10.79 -3.89
N LEU A 82 -0.65 10.04 -2.84
CA LEU A 82 -1.61 9.42 -1.91
C LEU A 82 -2.61 10.41 -1.32
N CYS A 83 -2.18 11.62 -0.97
CA CYS A 83 -3.12 12.71 -0.68
C CYS A 83 -3.94 12.96 -1.95
N SER A 84 -3.21 13.32 -3.02
CA SER A 84 -3.56 13.55 -4.43
C SER A 84 -2.81 14.81 -4.83
N GLU A 85 -3.13 15.90 -4.15
CA GLU A 85 -2.52 17.22 -4.20
C GLU A 85 -2.49 17.72 -2.74
N GLY A 1 -6.03 10.03 8.64
CA GLY A 1 -6.55 9.11 9.66
C GLY A 1 -7.77 8.40 9.12
N ASN A 2 -7.54 7.40 8.28
CA ASN A 2 -8.54 6.72 7.43
C ASN A 2 -7.86 5.41 7.07
N LEU A 3 -8.49 4.23 7.11
CA LEU A 3 -7.81 3.07 6.50
C LEU A 3 -7.60 3.31 5.00
N TYR A 4 -6.96 2.35 4.33
CA TYR A 4 -6.46 2.61 2.99
C TYR A 4 -7.56 2.30 1.97
N SER A 5 -8.05 1.07 1.97
CA SER A 5 -9.23 0.65 1.23
C SER A 5 -10.53 1.22 1.85
N SER A 6 -10.44 2.00 2.94
CA SER A 6 -11.60 2.71 3.47
C SER A 6 -12.22 3.59 2.39
N LEU A 7 -11.37 4.23 1.56
CA LEU A 7 -11.72 4.75 0.25
C LEU A 7 -12.14 3.59 -0.68
N PRO A 8 -13.43 3.42 -1.04
CA PRO A 8 -13.85 2.39 -2.00
C PRO A 8 -13.72 2.86 -3.46
N LEU A 9 -13.39 4.13 -3.70
CA LEU A 9 -13.49 4.75 -5.01
C LEU A 9 -12.31 4.30 -5.88
N THR A 10 -12.36 4.57 -7.17
CA THR A 10 -11.30 4.32 -8.15
C THR A 10 -10.01 5.09 -7.85
N LYS A 11 -9.98 5.93 -6.81
CA LYS A 11 -8.77 6.37 -6.15
C LYS A 11 -7.87 5.16 -5.84
N ARG A 12 -8.38 3.98 -5.45
CA ARG A 12 -7.55 2.77 -5.40
C ARG A 12 -6.94 2.29 -6.72
N GLU A 13 -7.51 2.58 -7.89
CA GLU A 13 -6.85 2.31 -9.17
C GLU A 13 -5.68 3.27 -9.35
N GLU A 14 -5.87 4.53 -8.94
CA GLU A 14 -4.77 5.48 -8.80
C GLU A 14 -3.70 4.91 -7.85
N VAL A 15 -4.02 4.05 -6.88
CA VAL A 15 -2.98 3.41 -6.05
C VAL A 15 -2.11 2.46 -6.85
N GLU A 16 -2.64 1.67 -7.80
CA GLU A 16 -1.76 0.87 -8.67
C GLU A 16 -0.83 1.78 -9.47
N LYS A 17 -1.28 2.97 -9.86
CA LYS A 17 -0.43 4.03 -10.42
C LYS A 17 0.52 4.66 -9.38
N LEU A 18 0.19 4.70 -8.09
CA LEU A 18 1.03 5.30 -7.06
C LEU A 18 2.12 4.34 -6.59
N LEU A 19 1.72 3.21 -6.02
CA LEU A 19 2.61 2.22 -5.42
C LEU A 19 2.99 1.26 -6.54
N ASN A 20 3.59 1.80 -7.60
CA ASN A 20 3.83 1.08 -8.85
C ASN A 20 5.21 0.40 -8.85
N GLY A 21 5.48 -0.44 -9.85
CA GLY A 21 6.81 -1.02 -10.02
C GLY A 21 7.03 -2.09 -8.96
N ASP A 22 8.23 -2.09 -8.39
CA ASP A 22 8.70 -3.06 -7.40
C ASP A 22 8.78 -2.36 -6.03
N THR A 23 8.79 -1.02 -6.01
CA THR A 23 8.63 -0.25 -4.80
C THR A 23 7.48 -0.78 -3.92
N TRP A 24 6.34 -1.20 -4.48
CA TRP A 24 5.30 -1.82 -3.66
C TRP A 24 5.93 -2.97 -2.84
N ARG A 25 6.58 -3.96 -3.47
CA ARG A 25 7.38 -5.02 -2.81
C ARG A 25 8.25 -4.52 -1.68
N HIS A 26 9.04 -3.46 -1.92
CA HIS A 26 9.88 -2.88 -0.89
C HIS A 26 9.03 -2.57 0.33
N LEU A 27 8.00 -1.74 0.13
CA LEU A 27 7.05 -1.30 1.13
C LEU A 27 6.31 -2.46 1.78
N ALA A 28 5.94 -3.49 1.01
CA ALA A 28 5.19 -4.65 1.44
C ALA A 28 5.76 -5.21 2.75
N GLY A 29 7.07 -5.40 2.84
CA GLY A 29 7.73 -5.88 4.05
C GLY A 29 7.64 -4.88 5.21
N GLU A 30 7.82 -3.59 4.91
CA GLU A 30 7.79 -2.52 5.92
C GLU A 30 6.41 -2.39 6.57
N LEU A 31 5.36 -2.90 5.91
CA LEU A 31 3.97 -2.85 6.37
C LEU A 31 3.59 -4.01 7.29
N GLY A 32 4.57 -4.54 8.04
CA GLY A 32 4.39 -5.71 8.91
C GLY A 32 3.74 -6.90 8.21
N TYR A 33 4.26 -7.25 7.03
CA TYR A 33 3.90 -8.47 6.32
C TYR A 33 5.19 -9.22 6.02
N GLN A 34 5.38 -10.39 6.65
CA GLN A 34 6.51 -11.29 6.39
C GLN A 34 6.64 -11.59 4.88
N PRO A 35 7.82 -12.02 4.37
CA PRO A 35 8.05 -12.18 2.95
C PRO A 35 7.14 -13.22 2.27
N GLU A 36 6.57 -14.16 3.03
CA GLU A 36 5.61 -15.14 2.54
C GLU A 36 4.39 -14.41 1.96
N HIS A 37 3.93 -13.35 2.63
CA HIS A 37 2.84 -12.52 2.15
C HIS A 37 3.29 -11.76 0.91
N ILE A 38 4.48 -11.17 0.93
CA ILE A 38 4.98 -10.35 -0.18
C ILE A 38 5.03 -11.20 -1.45
N ASP A 39 5.44 -12.46 -1.34
CA ASP A 39 5.39 -13.39 -2.47
C ASP A 39 3.96 -13.79 -2.84
N SER A 40 3.09 -14.12 -1.88
CA SER A 40 1.72 -14.49 -2.25
C SER A 40 0.94 -13.28 -2.79
N PHE A 41 1.44 -12.07 -2.62
CA PHE A 41 0.68 -10.88 -3.01
C PHE A 41 0.98 -10.60 -4.48
N THR A 42 2.14 -10.97 -5.00
CA THR A 42 2.35 -10.97 -6.44
C THR A 42 1.75 -12.21 -7.12
N HIS A 43 1.24 -13.19 -6.36
CA HIS A 43 0.48 -14.33 -6.88
C HIS A 43 -1.02 -14.03 -6.91
N GLU A 44 -1.56 -13.33 -5.90
CA GLU A 44 -2.99 -13.00 -5.85
C GLU A 44 -3.39 -12.18 -7.09
N ALA A 45 -4.71 -12.02 -7.29
CA ALA A 45 -5.35 -11.51 -8.50
C ALA A 45 -4.62 -10.28 -9.09
N CYS A 46 -4.33 -9.29 -8.25
CA CYS A 46 -3.30 -8.30 -8.50
C CYS A 46 -2.69 -7.99 -7.12
N PRO A 47 -1.37 -7.66 -7.02
CA PRO A 47 -0.76 -7.20 -5.79
C PRO A 47 -1.46 -5.95 -5.29
N VAL A 48 -1.06 -4.77 -5.75
CA VAL A 48 -1.52 -3.49 -5.24
C VAL A 48 -3.04 -3.43 -4.95
N ARG A 49 -3.92 -3.98 -5.79
CA ARG A 49 -5.35 -4.13 -5.42
C ARG A 49 -5.57 -5.03 -4.19
N ALA A 50 -5.19 -6.31 -4.23
CA ALA A 50 -5.50 -7.20 -3.11
C ALA A 50 -4.64 -6.89 -1.87
N LEU A 51 -3.59 -6.09 -2.03
CA LEU A 51 -2.74 -5.55 -0.99
C LEU A 51 -3.50 -4.50 -0.21
N LEU A 52 -4.40 -3.75 -0.86
CA LEU A 52 -5.23 -2.75 -0.19
C LEU A 52 -6.36 -3.43 0.53
N ALA A 53 -6.99 -4.42 -0.12
CA ALA A 53 -8.07 -5.21 0.47
C ALA A 53 -7.58 -5.92 1.74
N SER A 54 -6.34 -6.39 1.75
CA SER A 54 -5.79 -7.15 2.85
C SER A 54 -5.17 -6.21 3.88
N TRP A 55 -4.21 -5.36 3.49
CA TRP A 55 -3.53 -4.50 4.46
C TRP A 55 -4.54 -3.58 5.14
N GLY A 56 -5.48 -3.03 4.36
CA GLY A 56 -6.48 -2.09 4.82
C GLY A 56 -7.59 -2.73 5.65
N ALA A 57 -7.49 -4.03 5.96
CA ALA A 57 -8.33 -4.71 6.93
C ALA A 57 -7.69 -4.73 8.33
N GLN A 58 -6.40 -4.43 8.45
CA GLN A 58 -5.64 -4.75 9.65
C GLN A 58 -5.76 -3.65 10.71
N ASP A 59 -5.44 -4.02 11.95
CA ASP A 59 -5.47 -3.19 13.16
C ASP A 59 -4.76 -1.86 12.94
N SER A 60 -5.56 -0.81 12.75
CA SER A 60 -5.12 0.58 12.65
C SER A 60 -4.06 0.79 11.55
N ALA A 61 -4.17 -0.02 10.49
CA ALA A 61 -3.51 0.13 9.19
C ALA A 61 -4.04 1.39 8.46
N THR A 62 -3.92 2.56 9.07
CA THR A 62 -4.42 3.79 8.47
C THR A 62 -3.53 4.12 7.27
N LEU A 63 -3.99 4.92 6.32
CA LEU A 63 -3.12 5.38 5.25
C LEU A 63 -1.96 6.19 5.83
N ASP A 64 -2.11 6.75 7.03
CA ASP A 64 -1.06 7.45 7.78
C ASP A 64 0.04 6.49 8.26
N ALA A 65 -0.24 5.18 8.36
CA ALA A 65 0.75 4.15 8.67
C ALA A 65 1.53 3.86 7.40
N LEU A 66 0.83 3.59 6.30
CA LEU A 66 1.50 3.23 5.05
C LEU A 66 2.32 4.39 4.50
N LEU A 67 1.87 5.61 4.72
CA LEU A 67 2.59 6.82 4.40
C LEU A 67 3.93 6.85 5.15
N ALA A 68 3.95 6.42 6.41
CA ALA A 68 5.16 6.38 7.21
C ALA A 68 6.08 5.28 6.69
N ALA A 69 5.51 4.08 6.45
CA ALA A 69 6.20 2.94 5.87
C ALA A 69 6.87 3.36 4.56
N LEU A 70 6.19 4.09 3.67
CA LEU A 70 6.75 4.60 2.43
C LEU A 70 7.94 5.51 2.67
N ARG A 71 7.78 6.50 3.54
CA ARG A 71 8.82 7.48 3.78
C ARG A 71 10.04 6.77 4.39
N ARG A 72 9.86 5.66 5.11
CA ARG A 72 10.94 4.80 5.59
C ARG A 72 11.90 4.37 4.48
N ILE A 73 11.44 3.99 3.28
CA ILE A 73 12.33 3.67 2.15
C ILE A 73 12.65 4.90 1.30
N GLN A 74 12.59 6.09 1.92
CA GLN A 74 12.64 7.42 1.31
C GLN A 74 11.69 7.58 0.13
N ARG A 75 10.67 6.72 0.00
CA ARG A 75 9.66 6.83 -1.06
C ARG A 75 8.59 7.84 -0.66
N ALA A 76 9.04 9.01 -0.24
CA ALA A 76 8.15 10.12 0.09
C ALA A 76 7.47 10.64 -1.18
N ASP A 77 8.06 10.40 -2.34
CA ASP A 77 7.49 10.68 -3.66
C ASP A 77 6.10 10.08 -3.77
N ILE A 78 5.92 8.81 -3.41
CA ILE A 78 4.61 8.19 -3.54
C ILE A 78 3.66 8.74 -2.47
N VAL A 79 4.12 9.15 -1.29
CA VAL A 79 3.26 9.76 -0.28
C VAL A 79 2.65 11.07 -0.78
N GLU A 80 3.49 12.03 -1.13
CA GLU A 80 3.05 13.29 -1.68
C GLU A 80 2.27 13.16 -3.00
N SER A 81 2.55 12.12 -3.80
CA SER A 81 1.66 11.72 -4.88
C SER A 81 0.34 11.11 -4.36
N LEU A 82 0.36 10.36 -3.26
CA LEU A 82 -0.81 9.72 -2.63
C LEU A 82 -1.93 10.68 -2.32
N CYS A 83 -1.60 11.89 -1.87
CA CYS A 83 -2.67 12.88 -1.74
C CYS A 83 -3.22 13.18 -3.14
N SER A 84 -2.38 13.70 -4.04
CA SER A 84 -2.73 14.19 -5.38
C SER A 84 -3.78 15.32 -5.41
N GLU A 85 -4.66 15.39 -4.42
CA GLU A 85 -5.96 16.01 -4.32
C GLU A 85 -6.07 16.43 -2.85
N GLY A 1 -5.95 9.96 9.25
CA GLY A 1 -6.58 9.83 7.93
C GLY A 1 -7.70 8.81 8.01
N ASN A 2 -8.31 8.47 6.88
CA ASN A 2 -9.22 7.33 6.77
C ASN A 2 -8.38 6.06 6.68
N LEU A 3 -9.02 4.88 6.77
CA LEU A 3 -8.38 3.67 6.30
C LEU A 3 -8.09 3.77 4.80
N TYR A 4 -7.45 2.74 4.25
CA TYR A 4 -7.05 2.74 2.87
C TYR A 4 -8.13 2.03 2.07
N SER A 5 -8.60 0.90 2.60
CA SER A 5 -9.79 0.17 2.19
C SER A 5 -11.08 1.01 2.27
N SER A 6 -11.02 2.19 2.91
CA SER A 6 -12.08 3.18 2.86
C SER A 6 -12.31 3.65 1.42
N LEU A 7 -11.26 3.83 0.61
CA LEU A 7 -11.39 3.89 -0.84
C LEU A 7 -11.96 2.56 -1.33
N PRO A 8 -13.20 2.50 -1.85
CA PRO A 8 -13.76 1.24 -2.31
C PRO A 8 -12.90 0.68 -3.45
N LEU A 9 -12.61 1.50 -4.47
CA LEU A 9 -11.71 1.10 -5.55
C LEU A 9 -10.95 2.31 -6.11
N THR A 10 -11.50 3.04 -7.07
CA THR A 10 -10.85 3.92 -8.05
C THR A 10 -9.53 4.64 -7.69
N LYS A 11 -9.36 5.38 -6.58
CA LYS A 11 -8.02 5.93 -6.28
C LYS A 11 -7.03 4.80 -6.08
N ARG A 12 -7.40 3.67 -5.44
CA ARG A 12 -6.51 2.53 -5.30
C ARG A 12 -6.03 1.95 -6.65
N GLU A 13 -6.78 2.11 -7.73
CA GLU A 13 -6.36 1.77 -9.11
C GLU A 13 -5.32 2.76 -9.60
N GLU A 14 -5.58 4.06 -9.43
CA GLU A 14 -4.60 5.11 -9.62
C GLU A 14 -3.39 4.96 -8.66
N VAL A 15 -3.51 4.21 -7.57
CA VAL A 15 -2.40 3.80 -6.72
C VAL A 15 -1.65 2.59 -7.30
N GLU A 16 -2.26 1.70 -8.07
CA GLU A 16 -1.47 0.73 -8.84
C GLU A 16 -0.44 1.48 -9.71
N LYS A 17 -0.84 2.66 -10.21
CA LYS A 17 0.04 3.68 -10.76
C LYS A 17 0.96 4.38 -9.73
N LEU A 18 0.52 4.75 -8.53
CA LEU A 18 1.39 5.45 -7.56
C LEU A 18 2.33 4.51 -6.81
N LEU A 19 1.80 3.56 -6.05
CA LEU A 19 2.51 2.44 -5.43
C LEU A 19 2.87 1.44 -6.56
N ASN A 20 3.66 1.90 -7.52
CA ASN A 20 4.14 1.25 -8.74
C ASN A 20 4.45 -0.24 -8.53
N GLY A 21 4.17 -1.06 -9.55
CA GLY A 21 4.24 -2.52 -9.52
C GLY A 21 5.67 -3.07 -9.45
N ASP A 22 6.31 -2.83 -8.30
CA ASP A 22 7.54 -3.37 -7.75
C ASP A 22 7.93 -2.54 -6.54
N THR A 23 7.82 -1.21 -6.63
CA THR A 23 8.13 -0.35 -5.50
C THR A 23 7.18 -0.65 -4.33
N TRP A 24 5.93 -1.05 -4.61
CA TRP A 24 5.05 -1.62 -3.59
C TRP A 24 5.74 -2.76 -2.83
N ARG A 25 6.38 -3.75 -3.48
CA ARG A 25 7.19 -4.80 -2.83
C ARG A 25 8.08 -4.26 -1.72
N HIS A 26 8.82 -3.18 -1.99
CA HIS A 26 9.72 -2.56 -1.01
C HIS A 26 8.93 -2.23 0.26
N LEU A 27 7.83 -1.52 0.07
CA LEU A 27 6.92 -1.07 1.12
C LEU A 27 6.27 -2.26 1.82
N ALA A 28 5.86 -3.27 1.06
CA ALA A 28 5.10 -4.42 1.51
C ALA A 28 5.74 -5.10 2.71
N GLY A 29 7.05 -5.37 2.65
CA GLY A 29 7.76 -5.96 3.78
C GLY A 29 7.74 -5.01 4.98
N GLU A 30 7.91 -3.71 4.71
CA GLU A 30 7.96 -2.71 5.77
C GLU A 30 6.58 -2.50 6.42
N LEU A 31 5.49 -2.93 5.79
CA LEU A 31 4.13 -2.95 6.36
C LEU A 31 3.90 -4.15 7.28
N GLY A 32 4.96 -4.67 7.92
CA GLY A 32 4.93 -5.78 8.86
C GLY A 32 4.22 -7.01 8.35
N TYR A 33 4.50 -7.41 7.11
CA TYR A 33 4.02 -8.66 6.53
C TYR A 33 5.22 -9.48 6.06
N GLN A 34 5.26 -10.76 6.46
CA GLN A 34 6.34 -11.70 6.12
C GLN A 34 6.64 -11.76 4.61
N PRO A 35 7.84 -12.21 4.20
CA PRO A 35 8.19 -12.35 2.77
C PRO A 35 7.24 -13.26 1.99
N GLU A 36 6.67 -14.27 2.65
CA GLU A 36 5.77 -15.23 2.03
C GLU A 36 4.44 -14.56 1.67
N HIS A 37 4.04 -13.56 2.45
CA HIS A 37 2.88 -12.74 2.15
C HIS A 37 3.19 -11.86 0.93
N ILE A 38 4.42 -11.35 0.82
CA ILE A 38 4.81 -10.45 -0.27
C ILE A 38 4.64 -11.22 -1.58
N ASP A 39 5.09 -12.49 -1.59
CA ASP A 39 4.91 -13.41 -2.71
C ASP A 39 3.42 -13.58 -3.01
N SER A 40 2.62 -13.89 -1.99
CA SER A 40 1.20 -14.17 -2.19
C SER A 40 0.41 -12.93 -2.62
N PHE A 41 0.99 -11.73 -2.54
CA PHE A 41 0.39 -10.52 -3.07
C PHE A 41 0.79 -10.29 -4.52
N THR A 42 1.99 -10.70 -4.95
CA THR A 42 2.33 -10.64 -6.38
C THR A 42 1.74 -11.80 -7.16
N HIS A 43 1.18 -12.81 -6.47
CA HIS A 43 0.35 -13.87 -7.04
C HIS A 43 -1.10 -13.42 -7.29
N GLU A 44 -1.69 -12.60 -6.40
CA GLU A 44 -3.01 -12.02 -6.65
C GLU A 44 -3.19 -11.33 -8.00
N ALA A 45 -4.47 -11.05 -8.31
CA ALA A 45 -4.93 -10.46 -9.57
C ALA A 45 -4.14 -9.20 -9.90
N CYS A 46 -4.04 -8.30 -8.91
CA CYS A 46 -3.01 -7.28 -8.83
C CYS A 46 -2.64 -7.19 -7.34
N PRO A 47 -1.36 -6.98 -6.99
CA PRO A 47 -0.92 -6.74 -5.62
C PRO A 47 -1.71 -5.59 -5.01
N VAL A 48 -1.43 -4.35 -5.39
CA VAL A 48 -2.07 -3.15 -4.84
C VAL A 48 -3.60 -3.29 -4.62
N ARG A 49 -4.34 -3.99 -5.47
CA ARG A 49 -5.76 -4.19 -5.22
C ARG A 49 -6.01 -5.01 -3.96
N ALA A 50 -5.53 -6.25 -3.88
CA ALA A 50 -5.79 -7.06 -2.68
C ALA A 50 -4.87 -6.71 -1.52
N LEU A 51 -3.82 -5.93 -1.77
CA LEU A 51 -2.81 -5.51 -0.80
C LEU A 51 -3.43 -4.46 0.09
N LEU A 52 -4.03 -3.43 -0.50
CA LEU A 52 -4.56 -2.32 0.27
C LEU A 52 -5.90 -2.71 0.88
N ALA A 53 -6.59 -3.71 0.33
CA ALA A 53 -7.76 -4.29 0.97
C ALA A 53 -7.38 -5.13 2.21
N SER A 54 -6.31 -5.93 2.12
CA SER A 54 -5.96 -6.91 3.14
C SER A 54 -5.08 -6.29 4.21
N TRP A 55 -4.02 -5.56 3.84
CA TRP A 55 -3.26 -4.78 4.81
C TRP A 55 -4.20 -3.79 5.52
N GLY A 56 -5.10 -3.16 4.77
CA GLY A 56 -6.06 -2.16 5.24
C GLY A 56 -7.21 -2.76 6.06
N ALA A 57 -6.92 -3.79 6.85
CA ALA A 57 -7.80 -4.36 7.86
C ALA A 57 -7.06 -4.54 9.20
N GLN A 58 -5.74 -4.32 9.26
CA GLN A 58 -4.98 -4.48 10.49
C GLN A 58 -5.19 -3.29 11.45
N ASP A 59 -4.87 -3.52 12.72
CA ASP A 59 -4.93 -2.58 13.84
C ASP A 59 -4.13 -1.31 13.57
N SER A 60 -4.81 -0.22 13.22
CA SER A 60 -4.29 1.13 12.99
C SER A 60 -3.64 1.30 11.61
N ALA A 61 -3.86 0.35 10.69
CA ALA A 61 -3.38 0.36 9.32
C ALA A 61 -4.08 1.44 8.46
N THR A 62 -4.19 2.69 8.91
CA THR A 62 -4.79 3.76 8.13
C THR A 62 -3.90 4.14 6.94
N LEU A 63 -4.34 5.03 6.05
CA LEU A 63 -3.42 5.50 5.01
C LEU A 63 -2.21 6.18 5.67
N ASP A 64 -2.36 6.75 6.87
CA ASP A 64 -1.27 7.42 7.59
C ASP A 64 -0.19 6.44 8.07
N ALA A 65 -0.54 5.15 8.20
CA ALA A 65 0.39 4.09 8.59
C ALA A 65 1.20 3.72 7.35
N LEU A 66 0.52 3.50 6.22
CA LEU A 66 1.22 3.17 4.97
C LEU A 66 2.10 4.32 4.51
N LEU A 67 1.63 5.55 4.68
CA LEU A 67 2.34 6.77 4.40
C LEU A 67 3.64 6.84 5.24
N ALA A 68 3.60 6.39 6.49
CA ALA A 68 4.80 6.27 7.32
C ALA A 68 5.70 5.14 6.84
N ALA A 69 5.12 4.00 6.47
CA ALA A 69 5.87 2.87 5.97
C ALA A 69 6.63 3.25 4.69
N LEU A 70 6.02 4.01 3.78
CA LEU A 70 6.72 4.59 2.63
C LEU A 70 7.90 5.47 3.03
N ARG A 71 7.73 6.26 4.09
CA ARG A 71 8.80 7.14 4.56
C ARG A 71 9.99 6.32 5.09
N ARG A 72 9.79 5.10 5.61
CA ARG A 72 10.86 4.19 6.04
C ARG A 72 11.88 4.02 4.92
N ILE A 73 11.38 3.89 3.69
CA ILE A 73 12.15 3.56 2.49
C ILE A 73 12.43 4.80 1.64
N GLN A 74 12.17 5.98 2.20
CA GLN A 74 12.25 7.29 1.57
C GLN A 74 11.48 7.33 0.25
N ARG A 75 10.44 6.50 0.10
CA ARG A 75 9.44 6.72 -0.95
C ARG A 75 8.47 7.83 -0.52
N ALA A 76 9.00 8.99 -0.17
CA ALA A 76 8.18 10.14 0.17
C ALA A 76 7.55 10.75 -1.09
N ASP A 77 8.14 10.49 -2.26
CA ASP A 77 7.58 10.74 -3.59
C ASP A 77 6.16 10.18 -3.68
N ILE A 78 5.96 8.89 -3.40
CA ILE A 78 4.65 8.30 -3.54
C ILE A 78 3.70 8.88 -2.48
N VAL A 79 4.18 9.27 -1.29
CA VAL A 79 3.34 9.85 -0.24
C VAL A 79 2.69 11.16 -0.71
N GLU A 80 3.48 12.18 -1.06
CA GLU A 80 2.94 13.45 -1.54
C GLU A 80 2.15 13.33 -2.85
N SER A 81 2.47 12.37 -3.72
CA SER A 81 1.61 12.07 -4.85
C SER A 81 0.30 11.44 -4.33
N LEU A 82 0.38 10.56 -3.33
CA LEU A 82 -0.79 10.02 -2.62
C LEU A 82 -1.72 11.11 -2.10
N CYS A 83 -1.15 12.21 -1.60
CA CYS A 83 -1.88 13.38 -1.16
C CYS A 83 -2.84 13.90 -2.24
N SER A 84 -2.44 13.88 -3.52
CA SER A 84 -3.32 14.36 -4.59
C SER A 84 -3.56 13.40 -5.76
N GLU A 85 -2.52 13.03 -6.50
CA GLU A 85 -2.46 12.44 -7.84
C GLU A 85 -0.96 12.28 -8.11
N GLY A 1 -5.36 10.06 10.05
CA GLY A 1 -5.94 10.39 8.74
C GLY A 1 -7.12 9.49 8.48
N ASN A 2 -7.43 9.20 7.20
CA ASN A 2 -8.44 8.22 6.84
C ASN A 2 -7.84 6.82 6.96
N LEU A 3 -8.66 5.77 6.96
CA LEU A 3 -8.18 4.43 6.61
C LEU A 3 -7.65 4.40 5.17
N TYR A 4 -7.13 3.24 4.75
CA TYR A 4 -6.61 3.09 3.40
C TYR A 4 -7.71 2.49 2.51
N SER A 5 -8.17 1.29 2.85
CA SER A 5 -9.25 0.55 2.19
C SER A 5 -10.58 1.29 2.16
N SER A 6 -10.83 2.12 3.18
CA SER A 6 -12.08 2.85 3.37
C SER A 6 -12.46 3.67 2.14
N LEU A 7 -11.48 4.29 1.46
CA LEU A 7 -11.69 5.08 0.25
C LEU A 7 -12.31 4.22 -0.86
N PRO A 8 -13.61 4.33 -1.17
CA PRO A 8 -14.29 3.45 -2.13
C PRO A 8 -14.07 3.88 -3.59
N LEU A 9 -13.28 4.94 -3.82
CA LEU A 9 -13.27 5.74 -5.04
C LEU A 9 -11.96 5.51 -5.78
N THR A 10 -11.89 6.00 -7.02
CA THR A 10 -10.77 5.92 -7.96
C THR A 10 -9.45 6.46 -7.41
N LYS A 11 -9.46 7.11 -6.24
CA LYS A 11 -8.26 7.34 -5.45
C LYS A 11 -7.52 6.05 -5.14
N ARG A 12 -8.12 4.86 -4.86
CA ARG A 12 -7.34 3.63 -4.94
C ARG A 12 -6.78 3.36 -6.32
N GLU A 13 -7.54 3.51 -7.40
CA GLU A 13 -7.10 3.11 -8.74
C GLU A 13 -5.82 3.84 -9.15
N GLU A 14 -5.80 5.18 -9.00
CA GLU A 14 -4.61 6.01 -9.18
C GLU A 14 -3.45 5.51 -8.30
N VAL A 15 -3.75 5.16 -7.06
CA VAL A 15 -2.76 4.71 -6.09
C VAL A 15 -2.22 3.32 -6.42
N GLU A 16 -2.98 2.41 -7.00
CA GLU A 16 -2.45 1.14 -7.47
C GLU A 16 -1.39 1.35 -8.56
N LYS A 17 -1.62 2.36 -9.41
CA LYS A 17 -0.65 2.89 -10.33
C LYS A 17 0.52 3.63 -9.65
N LEU A 18 0.34 4.21 -8.46
CA LEU A 18 1.43 4.84 -7.71
C LEU A 18 2.29 3.79 -7.01
N LEU A 19 1.71 2.98 -6.11
CA LEU A 19 2.28 1.82 -5.43
C LEU A 19 2.42 0.70 -6.45
N ASN A 20 3.16 0.99 -7.52
CA ASN A 20 3.30 0.22 -8.74
C ASN A 20 3.95 -1.14 -8.48
N GLY A 21 3.95 -1.98 -9.53
CA GLY A 21 4.64 -3.27 -9.59
C GLY A 21 6.16 -3.11 -9.55
N ASP A 22 6.68 -2.68 -8.41
CA ASP A 22 8.07 -2.47 -8.00
C ASP A 22 8.05 -1.91 -6.58
N THR A 23 7.55 -0.68 -6.45
CA THR A 23 7.69 0.05 -5.19
C THR A 23 6.88 -0.66 -4.11
N TRP A 24 5.73 -1.25 -4.48
CA TRP A 24 4.90 -1.97 -3.55
C TRP A 24 5.75 -3.01 -2.80
N ARG A 25 6.52 -3.87 -3.51
CA ARG A 25 7.48 -4.83 -2.95
C ARG A 25 8.32 -4.24 -1.82
N HIS A 26 8.90 -3.06 -2.03
CA HIS A 26 9.75 -2.39 -1.04
C HIS A 26 8.95 -2.22 0.25
N LEU A 27 7.81 -1.55 0.11
CA LEU A 27 6.85 -1.21 1.14
C LEU A 27 6.24 -2.44 1.81
N ALA A 28 5.96 -3.51 1.07
CA ALA A 28 5.25 -4.69 1.54
C ALA A 28 5.82 -5.20 2.87
N GLY A 29 7.15 -5.35 2.97
CA GLY A 29 7.80 -5.75 4.20
C GLY A 29 7.64 -4.71 5.31
N GLU A 30 7.76 -3.43 4.95
CA GLU A 30 7.66 -2.32 5.87
C GLU A 30 6.24 -2.15 6.44
N LEU A 31 5.24 -2.82 5.84
CA LEU A 31 3.87 -2.92 6.34
C LEU A 31 3.66 -4.12 7.27
N GLY A 32 4.71 -4.55 7.98
CA GLY A 32 4.69 -5.69 8.89
C GLY A 32 4.16 -6.99 8.28
N TYR A 33 4.41 -7.22 7.00
CA TYR A 33 4.13 -8.50 6.35
C TYR A 33 5.46 -9.17 6.05
N GLN A 34 5.71 -10.30 6.71
CA GLN A 34 6.89 -11.14 6.50
C GLN A 34 7.08 -11.49 5.00
N PRO A 35 8.29 -11.87 4.55
CA PRO A 35 8.56 -12.05 3.12
C PRO A 35 7.73 -13.17 2.49
N GLU A 36 7.32 -14.16 3.28
CA GLU A 36 6.43 -15.24 2.85
C GLU A 36 5.09 -14.67 2.36
N HIS A 37 4.61 -13.58 2.96
CA HIS A 37 3.43 -12.84 2.51
C HIS A 37 3.75 -12.10 1.23
N ILE A 38 4.89 -11.39 1.17
CA ILE A 38 5.26 -10.53 0.05
C ILE A 38 5.30 -11.37 -1.23
N ASP A 39 5.97 -12.52 -1.18
CA ASP A 39 6.05 -13.38 -2.35
C ASP A 39 4.69 -14.04 -2.61
N SER A 40 3.87 -14.25 -1.57
CA SER A 40 2.55 -14.87 -1.77
C SER A 40 1.54 -13.84 -2.31
N PHE A 41 1.87 -12.55 -2.30
CA PHE A 41 0.96 -11.47 -2.70
C PHE A 41 1.10 -11.24 -4.20
N THR A 42 2.28 -11.52 -4.77
CA THR A 42 2.48 -11.46 -6.20
C THR A 42 1.90 -12.71 -6.88
N HIS A 43 1.30 -13.64 -6.12
CA HIS A 43 0.59 -14.81 -6.61
C HIS A 43 -0.82 -14.41 -7.10
N GLU A 44 -1.50 -13.48 -6.40
CA GLU A 44 -2.79 -12.99 -6.86
C GLU A 44 -2.70 -12.36 -8.25
N ALA A 45 -3.86 -12.10 -8.85
CA ALA A 45 -4.05 -11.41 -10.13
C ALA A 45 -3.15 -10.17 -10.23
N CYS A 46 -3.14 -9.34 -9.19
CA CYS A 46 -2.08 -8.40 -8.91
C CYS A 46 -1.94 -8.35 -7.38
N PRO A 47 -0.71 -8.15 -6.84
CA PRO A 47 -0.47 -7.79 -5.45
C PRO A 47 -1.31 -6.59 -5.10
N VAL A 48 -0.94 -5.43 -5.62
CA VAL A 48 -1.44 -4.12 -5.25
C VAL A 48 -2.97 -4.07 -5.00
N ARG A 49 -3.79 -4.75 -5.82
CA ARG A 49 -5.22 -4.92 -5.58
C ARG A 49 -5.54 -5.65 -4.28
N ALA A 50 -5.10 -6.90 -4.14
CA ALA A 50 -5.40 -7.67 -2.93
C ALA A 50 -4.60 -7.14 -1.73
N LEU A 51 -3.62 -6.27 -1.97
CA LEU A 51 -2.75 -5.68 -0.99
C LEU A 51 -3.44 -4.52 -0.29
N LEU A 52 -4.20 -3.67 -1.02
CA LEU A 52 -4.91 -2.58 -0.35
C LEU A 52 -6.17 -3.13 0.32
N ALA A 53 -6.73 -4.24 -0.19
CA ALA A 53 -7.82 -4.94 0.45
C ALA A 53 -7.36 -5.66 1.73
N SER A 54 -6.19 -6.30 1.73
CA SER A 54 -5.73 -7.14 2.82
C SER A 54 -4.99 -6.28 3.83
N TRP A 55 -4.04 -5.44 3.39
CA TRP A 55 -3.36 -4.59 4.34
C TRP A 55 -4.37 -3.67 5.00
N GLY A 56 -5.33 -3.13 4.23
CA GLY A 56 -6.39 -2.29 4.74
C GLY A 56 -7.44 -3.04 5.55
N ALA A 57 -7.21 -4.31 5.91
CA ALA A 57 -8.00 -5.08 6.86
C ALA A 57 -7.22 -5.33 8.16
N GLN A 58 -5.93 -4.96 8.26
CA GLN A 58 -5.20 -5.04 9.52
C GLN A 58 -5.73 -3.89 10.39
N ASP A 59 -6.27 -4.20 11.58
CA ASP A 59 -6.79 -3.18 12.50
C ASP A 59 -5.67 -2.26 12.98
N SER A 60 -5.61 -1.07 12.38
CA SER A 60 -4.71 0.09 12.54
C SER A 60 -4.25 0.66 11.17
N ALA A 61 -4.62 0.01 10.06
CA ALA A 61 -4.13 0.24 8.70
C ALA A 61 -4.58 1.59 8.07
N THR A 62 -4.24 2.69 8.75
CA THR A 62 -4.54 4.05 8.34
C THR A 62 -3.73 4.42 7.11
N LEU A 63 -4.16 5.43 6.36
CA LEU A 63 -3.34 5.94 5.28
C LEU A 63 -2.03 6.46 5.87
N ASP A 64 -2.05 6.96 7.10
CA ASP A 64 -0.91 7.51 7.83
C ASP A 64 0.11 6.42 8.19
N ALA A 65 -0.32 5.15 8.24
CA ALA A 65 0.55 4.00 8.51
C ALA A 65 1.29 3.67 7.23
N LEU A 66 0.57 3.48 6.13
CA LEU A 66 1.21 3.13 4.86
C LEU A 66 2.10 4.27 4.39
N LEU A 67 1.69 5.51 4.62
CA LEU A 67 2.45 6.70 4.32
C LEU A 67 3.78 6.68 5.07
N ALA A 68 3.75 6.32 6.36
CA ALA A 68 4.96 6.21 7.17
C ALA A 68 5.86 5.09 6.68
N ALA A 69 5.27 3.92 6.39
CA ALA A 69 5.97 2.78 5.83
C ALA A 69 6.68 3.18 4.54
N LEU A 70 5.98 3.87 3.61
CA LEU A 70 6.59 4.36 2.37
C LEU A 70 7.73 5.31 2.63
N ARG A 71 7.48 6.32 3.47
CA ARG A 71 8.46 7.37 3.69
C ARG A 71 9.71 6.77 4.33
N ARG A 72 9.58 5.68 5.10
CA ARG A 72 10.71 4.95 5.66
C ARG A 72 11.69 4.46 4.59
N ILE A 73 11.25 3.96 3.42
CA ILE A 73 12.21 3.58 2.38
C ILE A 73 12.53 4.78 1.48
N GLN A 74 12.34 6.00 1.98
CA GLN A 74 12.45 7.27 1.26
C GLN A 74 11.55 7.32 0.02
N ARG A 75 10.53 6.46 -0.07
CA ARG A 75 9.54 6.50 -1.16
C ARG A 75 8.47 7.53 -0.82
N ALA A 76 8.93 8.75 -0.57
CA ALA A 76 8.11 9.93 -0.39
C ALA A 76 7.48 10.38 -1.72
N ASP A 77 8.01 9.88 -2.84
CA ASP A 77 7.46 10.00 -4.19
C ASP A 77 5.97 9.62 -4.20
N ILE A 78 5.64 8.42 -3.75
CA ILE A 78 4.25 7.99 -3.73
C ILE A 78 3.50 8.72 -2.63
N VAL A 79 4.13 9.03 -1.49
CA VAL A 79 3.42 9.66 -0.39
C VAL A 79 2.84 11.01 -0.81
N GLU A 80 3.68 11.88 -1.41
CA GLU A 80 3.22 13.21 -1.77
C GLU A 80 2.08 13.11 -2.79
N SER A 81 2.19 12.17 -3.75
CA SER A 81 1.18 11.93 -4.77
C SER A 81 -0.08 11.30 -4.17
N LEU A 82 0.07 10.47 -3.13
CA LEU A 82 -1.02 9.94 -2.32
C LEU A 82 -1.91 11.01 -1.74
N CYS A 83 -1.34 12.14 -1.31
CA CYS A 83 -2.17 13.17 -0.71
C CYS A 83 -2.97 13.83 -1.83
N SER A 84 -2.29 14.48 -2.80
CA SER A 84 -2.80 15.13 -4.02
C SER A 84 -3.84 16.24 -3.73
N GLU A 85 -4.97 15.87 -3.13
CA GLU A 85 -6.18 16.55 -2.67
C GLU A 85 -7.00 15.38 -2.12
N GLY A 1 -8.19 2.49 12.33
CA GLY A 1 -8.34 3.94 12.11
C GLY A 1 -8.95 4.22 10.73
N ASN A 2 -8.73 5.40 10.16
CA ASN A 2 -9.18 5.69 8.80
C ASN A 2 -8.19 5.04 7.85
N LEU A 3 -8.52 3.81 7.44
CA LEU A 3 -7.62 2.96 6.68
C LEU A 3 -7.23 3.51 5.33
N TYR A 4 -6.39 2.74 4.66
CA TYR A 4 -6.08 2.91 3.26
C TYR A 4 -7.30 2.56 2.42
N SER A 5 -7.96 1.46 2.78
CA SER A 5 -9.24 1.00 2.27
C SER A 5 -10.42 1.92 2.64
N SER A 6 -10.23 2.90 3.55
CA SER A 6 -11.27 3.86 3.89
C SER A 6 -11.62 4.71 2.66
N LEU A 7 -10.63 5.11 1.86
CA LEU A 7 -10.79 5.60 0.49
C LEU A 7 -11.41 4.50 -0.40
N PRO A 8 -12.70 4.57 -0.77
CA PRO A 8 -13.37 3.52 -1.53
C PRO A 8 -13.24 3.73 -3.06
N LEU A 9 -12.54 4.77 -3.50
CA LEU A 9 -12.69 5.35 -4.83
C LEU A 9 -11.34 5.39 -5.57
N THR A 10 -11.35 5.94 -6.78
CA THR A 10 -10.37 5.85 -7.85
C THR A 10 -8.92 6.12 -7.45
N LYS A 11 -8.64 6.77 -6.31
CA LYS A 11 -7.30 6.81 -5.76
C LYS A 11 -6.71 5.40 -5.63
N ARG A 12 -7.43 4.32 -5.26
CA ARG A 12 -6.81 2.99 -5.32
C ARG A 12 -6.31 2.61 -6.72
N GLU A 13 -7.01 2.98 -7.79
CA GLU A 13 -6.56 2.76 -9.17
C GLU A 13 -5.31 3.57 -9.42
N GLU A 14 -5.36 4.84 -9.02
CA GLU A 14 -4.25 5.75 -9.08
C GLU A 14 -3.07 5.27 -8.21
N VAL A 15 -3.30 4.41 -7.23
CA VAL A 15 -2.25 3.80 -6.44
C VAL A 15 -1.64 2.61 -7.16
N GLU A 16 -2.38 1.87 -7.99
CA GLU A 16 -1.72 0.93 -8.91
C GLU A 16 -0.79 1.67 -9.88
N LYS A 17 -1.11 2.92 -10.24
CA LYS A 17 -0.12 3.82 -10.85
C LYS A 17 0.99 4.27 -9.89
N LEU A 18 0.72 4.61 -8.64
CA LEU A 18 1.74 5.16 -7.73
C LEU A 18 2.63 4.11 -7.07
N LEU A 19 2.03 3.21 -6.27
CA LEU A 19 2.63 2.03 -5.62
C LEU A 19 2.85 0.99 -6.72
N ASN A 20 3.69 1.37 -7.67
CA ASN A 20 4.07 0.71 -8.91
C ASN A 20 4.63 -0.71 -8.67
N GLY A 21 4.68 -1.48 -9.76
CA GLY A 21 5.12 -2.88 -9.82
C GLY A 21 6.63 -3.02 -9.65
N ASP A 22 7.07 -2.74 -8.43
CA ASP A 22 8.43 -2.69 -7.90
C ASP A 22 8.38 -2.18 -6.48
N THR A 23 8.07 -0.90 -6.33
CA THR A 23 8.22 -0.22 -5.07
C THR A 23 7.17 -0.74 -4.09
N TRP A 24 6.01 -1.19 -4.57
CA TRP A 24 5.04 -1.85 -3.71
C TRP A 24 5.75 -3.00 -2.93
N ARG A 25 6.43 -3.97 -3.58
CA ARG A 25 7.23 -5.01 -2.90
C ARG A 25 8.07 -4.48 -1.74
N HIS A 26 8.85 -3.45 -2.02
CA HIS A 26 9.76 -2.85 -1.03
C HIS A 26 8.94 -2.36 0.17
N LEU A 27 7.88 -1.60 -0.11
CA LEU A 27 6.93 -1.14 0.88
C LEU A 27 6.27 -2.31 1.64
N ALA A 28 5.93 -3.40 0.95
CA ALA A 28 5.20 -4.55 1.47
C ALA A 28 5.84 -5.06 2.78
N GLY A 29 7.17 -5.24 2.79
CA GLY A 29 7.90 -5.62 4.00
C GLY A 29 7.87 -4.54 5.07
N GLU A 30 8.08 -3.29 4.68
CA GLU A 30 7.94 -2.12 5.53
C GLU A 30 6.54 -1.96 6.14
N LEU A 31 5.50 -2.62 5.61
CA LEU A 31 4.15 -2.61 6.18
C LEU A 31 3.97 -3.74 7.21
N GLY A 32 5.06 -4.16 7.85
CA GLY A 32 5.10 -5.19 8.89
C GLY A 32 4.43 -6.51 8.50
N TYR A 33 4.39 -6.86 7.22
CA TYR A 33 3.79 -8.09 6.72
C TYR A 33 4.93 -8.97 6.26
N GLN A 34 5.08 -10.15 6.89
CA GLN A 34 6.14 -11.10 6.62
C GLN A 34 6.26 -11.42 5.12
N PRO A 35 7.42 -11.91 4.63
CA PRO A 35 7.66 -12.08 3.20
C PRO A 35 6.78 -13.14 2.54
N GLU A 36 6.20 -14.06 3.32
CA GLU A 36 5.26 -15.06 2.82
C GLU A 36 4.06 -14.36 2.17
N HIS A 37 3.58 -13.26 2.77
CA HIS A 37 2.49 -12.48 2.20
C HIS A 37 2.98 -11.77 0.95
N ILE A 38 4.17 -11.17 0.99
CA ILE A 38 4.70 -10.37 -0.10
C ILE A 38 4.83 -11.24 -1.35
N ASP A 39 5.36 -12.45 -1.21
CA ASP A 39 5.47 -13.35 -2.34
C ASP A 39 4.10 -13.87 -2.73
N SER A 40 3.19 -14.16 -1.79
CA SER A 40 1.85 -14.61 -2.18
C SER A 40 1.02 -13.48 -2.81
N PHE A 41 1.46 -12.24 -2.71
CA PHE A 41 0.69 -11.10 -3.22
C PHE A 41 1.08 -10.91 -4.67
N THR A 42 2.31 -11.20 -5.06
CA THR A 42 2.67 -11.15 -6.47
C THR A 42 2.21 -12.41 -7.22
N HIS A 43 1.76 -13.46 -6.53
CA HIS A 43 1.13 -14.64 -7.12
C HIS A 43 -0.39 -14.50 -7.22
N GLU A 44 -1.01 -13.89 -6.21
CA GLU A 44 -2.44 -13.56 -6.18
C GLU A 44 -2.80 -12.63 -7.35
N ALA A 45 -4.11 -12.45 -7.57
CA ALA A 45 -4.69 -11.90 -8.80
C ALA A 45 -3.94 -10.65 -9.30
N CYS A 46 -3.72 -9.69 -8.39
CA CYS A 46 -2.71 -8.66 -8.50
C CYS A 46 -2.24 -8.38 -7.06
N PRO A 47 -0.97 -7.98 -6.83
CA PRO A 47 -0.47 -7.53 -5.54
C PRO A 47 -1.29 -6.35 -5.08
N VAL A 48 -1.05 -5.14 -5.57
CA VAL A 48 -1.73 -3.93 -5.13
C VAL A 48 -3.26 -4.09 -4.93
N ARG A 49 -3.97 -4.93 -5.71
CA ARG A 49 -5.37 -5.26 -5.38
C ARG A 49 -5.51 -6.02 -4.07
N ALA A 50 -4.94 -7.22 -3.94
CA ALA A 50 -5.17 -8.02 -2.74
C ALA A 50 -4.37 -7.50 -1.55
N LEU A 51 -3.41 -6.61 -1.80
CA LEU A 51 -2.56 -5.95 -0.84
C LEU A 51 -3.40 -4.94 -0.08
N LEU A 52 -4.13 -4.08 -0.79
CA LEU A 52 -4.88 -3.01 -0.13
C LEU A 52 -6.18 -3.54 0.45
N ALA A 53 -6.66 -4.69 -0.03
CA ALA A 53 -7.78 -5.40 0.59
C ALA A 53 -7.35 -6.13 1.86
N SER A 54 -6.18 -6.78 1.86
CA SER A 54 -5.78 -7.64 2.96
C SER A 54 -5.03 -6.83 4.01
N TRP A 55 -4.04 -6.01 3.61
CA TRP A 55 -3.37 -5.13 4.56
C TRP A 55 -4.43 -4.21 5.17
N GLY A 56 -5.35 -3.72 4.34
CA GLY A 56 -6.43 -2.80 4.71
C GLY A 56 -7.61 -3.48 5.39
N ALA A 57 -7.44 -4.67 5.98
CA ALA A 57 -8.41 -5.32 6.85
C ALA A 57 -8.02 -5.21 8.32
N GLN A 58 -6.76 -4.92 8.66
CA GLN A 58 -6.33 -4.70 10.04
C GLN A 58 -6.73 -3.25 10.43
N ASP A 59 -7.02 -2.96 11.70
CA ASP A 59 -7.36 -1.58 12.09
C ASP A 59 -6.15 -0.63 12.05
N SER A 60 -4.95 -1.18 12.24
CA SER A 60 -3.68 -0.48 12.15
C SER A 60 -3.28 -0.05 10.73
N ALA A 61 -4.04 -0.42 9.68
CA ALA A 61 -3.69 -0.10 8.30
C ALA A 61 -4.19 1.29 7.90
N THR A 62 -3.84 2.30 8.69
CA THR A 62 -4.30 3.65 8.47
C THR A 62 -3.65 4.19 7.20
N LEU A 63 -4.21 5.25 6.60
CA LEU A 63 -3.56 5.88 5.47
C LEU A 63 -2.16 6.34 5.92
N ASP A 64 -2.08 6.88 7.12
CA ASP A 64 -0.86 7.37 7.77
C ASP A 64 0.13 6.25 8.13
N ALA A 65 -0.32 4.99 8.16
CA ALA A 65 0.59 3.86 8.36
C ALA A 65 1.29 3.58 7.04
N LEU A 66 0.54 3.47 5.94
CA LEU A 66 1.16 3.17 4.65
C LEU A 66 2.05 4.31 4.21
N LEU A 67 1.59 5.54 4.44
CA LEU A 67 2.30 6.76 4.14
C LEU A 67 3.65 6.78 4.88
N ALA A 68 3.68 6.43 6.16
CA ALA A 68 4.92 6.36 6.93
C ALA A 68 5.79 5.18 6.51
N ALA A 69 5.20 4.02 6.22
CA ALA A 69 5.93 2.87 5.70
C ALA A 69 6.67 3.25 4.41
N LEU A 70 5.99 3.96 3.50
CA LEU A 70 6.62 4.55 2.33
C LEU A 70 7.71 5.54 2.70
N ARG A 71 7.45 6.38 3.69
CA ARG A 71 8.39 7.42 4.10
C ARG A 71 9.65 6.75 4.65
N ARG A 72 9.56 5.55 5.23
CA ARG A 72 10.64 4.68 5.65
C ARG A 72 11.43 4.03 4.50
N ILE A 73 10.99 4.03 3.24
CA ILE A 73 11.90 3.85 2.08
C ILE A 73 12.12 5.18 1.36
N GLN A 74 11.71 6.30 1.95
CA GLN A 74 11.73 7.63 1.37
C GLN A 74 11.10 7.68 -0.04
N ARG A 75 10.19 6.76 -0.37
CA ARG A 75 9.44 6.81 -1.64
C ARG A 75 8.28 7.83 -1.50
N ALA A 76 8.67 9.06 -1.18
CA ALA A 76 7.83 10.16 -0.74
C ALA A 76 6.96 10.72 -1.88
N ASP A 77 7.34 10.49 -3.12
CA ASP A 77 6.58 10.81 -4.32
C ASP A 77 5.20 10.16 -4.26
N ILE A 78 5.11 8.89 -3.86
CA ILE A 78 3.82 8.21 -3.72
C ILE A 78 3.07 8.82 -2.54
N VAL A 79 3.78 9.12 -1.45
CA VAL A 79 3.17 9.62 -0.24
C VAL A 79 2.45 10.95 -0.49
N GLU A 80 3.15 11.91 -1.09
CA GLU A 80 2.61 13.22 -1.38
C GLU A 80 1.40 13.12 -2.32
N SER A 81 1.42 12.19 -3.29
CA SER A 81 0.27 11.93 -4.15
C SER A 81 -0.87 11.29 -3.35
N LEU A 82 -0.52 10.43 -2.41
CA LEU A 82 -1.46 9.83 -1.46
C LEU A 82 -2.25 10.91 -0.71
N CYS A 83 -1.60 12.03 -0.36
CA CYS A 83 -2.26 13.19 0.19
C CYS A 83 -3.29 13.74 -0.80
N SER A 84 -2.90 14.02 -2.05
CA SER A 84 -3.86 14.40 -3.10
C SER A 84 -3.33 14.16 -4.52
N GLU A 85 -2.13 14.67 -4.78
CA GLU A 85 -1.55 15.01 -6.09
C GLU A 85 -2.16 16.39 -6.44
N GLY A 1 -8.29 2.31 12.24
CA GLY A 1 -8.49 3.77 12.25
C GLY A 1 -9.19 4.22 10.97
N ASN A 2 -9.01 5.49 10.54
CA ASN A 2 -9.41 5.88 9.19
C ASN A 2 -8.33 5.40 8.24
N LEU A 3 -8.55 4.21 7.70
CA LEU A 3 -7.60 3.55 6.84
C LEU A 3 -7.30 4.32 5.58
N TYR A 4 -6.39 3.74 4.80
CA TYR A 4 -6.28 4.01 3.38
C TYR A 4 -7.49 3.41 2.67
N SER A 5 -7.75 2.13 2.92
CA SER A 5 -8.85 1.36 2.37
C SER A 5 -10.23 1.85 2.84
N SER A 6 -10.29 2.90 3.67
CA SER A 6 -11.51 3.64 3.96
C SER A 6 -12.09 4.10 2.61
N LEU A 7 -11.26 4.66 1.72
CA LEU A 7 -11.49 4.75 0.28
C LEU A 7 -11.58 3.36 -0.39
N PRO A 8 -12.76 2.83 -0.80
CA PRO A 8 -12.85 1.79 -1.82
C PRO A 8 -12.91 2.37 -3.25
N LEU A 9 -13.16 3.68 -3.37
CA LEU A 9 -13.47 4.34 -4.64
C LEU A 9 -12.26 4.35 -5.58
N THR A 10 -12.47 4.76 -6.82
CA THR A 10 -11.56 4.90 -7.96
C THR A 10 -10.24 5.64 -7.64
N LYS A 11 -10.14 6.32 -6.49
CA LYS A 11 -8.88 6.69 -5.88
C LYS A 11 -7.92 5.49 -5.84
N ARG A 12 -8.39 4.25 -5.58
CA ARG A 12 -7.49 3.09 -5.66
C ARG A 12 -6.83 3.10 -7.03
N GLU A 13 -7.56 3.21 -8.12
CA GLU A 13 -7.07 2.94 -9.46
C GLU A 13 -5.88 3.85 -9.79
N GLU A 14 -6.05 5.16 -9.55
CA GLU A 14 -4.97 6.11 -9.75
C GLU A 14 -3.78 5.79 -8.84
N VAL A 15 -4.01 5.51 -7.56
CA VAL A 15 -2.90 5.38 -6.62
C VAL A 15 -2.22 4.01 -6.72
N GLU A 16 -2.92 2.95 -7.12
CA GLU A 16 -2.31 1.68 -7.51
C GLU A 16 -1.29 1.88 -8.62
N LYS A 17 -1.49 2.88 -9.51
CA LYS A 17 -0.49 3.23 -10.50
C LYS A 17 0.74 3.85 -9.84
N LEU A 18 0.59 4.48 -8.68
CA LEU A 18 1.64 5.11 -7.89
C LEU A 18 2.40 4.09 -7.04
N LEU A 19 1.73 3.36 -6.14
CA LEU A 19 2.25 2.16 -5.44
C LEU A 19 2.42 1.00 -6.44
N ASN A 20 3.17 1.24 -7.51
CA ASN A 20 3.37 0.41 -8.70
C ASN A 20 4.24 -0.82 -8.41
N GLY A 21 4.33 -1.74 -9.39
CA GLY A 21 5.10 -2.98 -9.40
C GLY A 21 6.61 -2.78 -9.32
N ASP A 22 7.08 -2.30 -8.17
CA ASP A 22 8.45 -2.23 -7.67
C ASP A 22 8.37 -1.71 -6.25
N THR A 23 7.92 -0.46 -6.10
CA THR A 23 7.92 0.21 -4.82
C THR A 23 7.02 -0.56 -3.85
N TRP A 24 5.88 -1.07 -4.33
CA TRP A 24 4.96 -1.80 -3.49
C TRP A 24 5.73 -2.91 -2.75
N ARG A 25 6.48 -3.79 -3.46
CA ARG A 25 7.35 -4.84 -2.90
C ARG A 25 8.15 -4.36 -1.70
N HIS A 26 8.85 -3.22 -1.87
CA HIS A 26 9.68 -2.64 -0.83
C HIS A 26 8.82 -2.34 0.39
N LEU A 27 7.75 -1.58 0.17
CA LEU A 27 6.79 -1.18 1.16
C LEU A 27 6.10 -2.35 1.85
N ALA A 28 5.77 -3.42 1.12
CA ALA A 28 4.99 -4.57 1.56
C ALA A 28 5.50 -5.10 2.91
N GLY A 29 6.82 -5.30 3.06
CA GLY A 29 7.42 -5.74 4.30
C GLY A 29 7.32 -4.68 5.40
N GLU A 30 7.50 -3.41 5.04
CA GLU A 30 7.44 -2.30 5.97
C GLU A 30 6.03 -2.13 6.56
N LEU A 31 5.01 -2.67 5.89
CA LEU A 31 3.61 -2.71 6.33
C LEU A 31 3.33 -3.93 7.23
N GLY A 32 4.33 -4.42 7.95
CA GLY A 32 4.24 -5.53 8.90
C GLY A 32 3.60 -6.79 8.32
N TYR A 33 3.92 -7.12 7.07
CA TYR A 33 3.52 -8.37 6.42
C TYR A 33 4.80 -9.08 5.99
N GLN A 34 5.12 -10.18 6.68
CA GLN A 34 6.31 -11.01 6.45
C GLN A 34 6.45 -11.40 4.97
N PRO A 35 7.65 -11.79 4.47
CA PRO A 35 7.85 -12.05 3.05
C PRO A 35 6.98 -13.17 2.47
N GLU A 36 6.45 -14.07 3.30
CA GLU A 36 5.50 -15.09 2.88
C GLU A 36 4.24 -14.45 2.27
N HIS A 37 3.80 -13.32 2.84
CA HIS A 37 2.71 -12.52 2.30
C HIS A 37 3.15 -11.87 1.00
N ILE A 38 4.33 -11.24 1.01
CA ILE A 38 4.82 -10.41 -0.09
C ILE A 38 4.94 -11.26 -1.35
N ASP A 39 5.55 -12.44 -1.25
CA ASP A 39 5.65 -13.28 -2.42
C ASP A 39 4.28 -13.86 -2.78
N SER A 40 3.39 -14.10 -1.80
CA SER A 40 2.07 -14.66 -2.10
C SER A 40 1.16 -13.60 -2.74
N PHE A 41 1.56 -12.33 -2.71
CA PHE A 41 0.78 -11.21 -3.22
C PHE A 41 1.11 -11.03 -4.70
N THR A 42 2.37 -11.25 -5.10
CA THR A 42 2.73 -11.16 -6.50
C THR A 42 2.33 -12.42 -7.28
N HIS A 43 1.87 -13.48 -6.60
CA HIS A 43 1.31 -14.67 -7.22
C HIS A 43 -0.20 -14.54 -7.41
N GLU A 44 -0.91 -13.95 -6.44
CA GLU A 44 -2.29 -13.52 -6.66
C GLU A 44 -2.50 -12.58 -7.84
N ALA A 45 -3.79 -12.40 -8.16
CA ALA A 45 -4.30 -11.78 -9.37
C ALA A 45 -3.56 -10.48 -9.71
N CYS A 46 -3.42 -9.60 -8.72
CA CYS A 46 -2.41 -8.56 -8.69
C CYS A 46 -2.03 -8.38 -7.22
N PRO A 47 -0.75 -8.06 -6.90
CA PRO A 47 -0.32 -7.61 -5.59
C PRO A 47 -1.13 -6.40 -5.20
N VAL A 48 -0.78 -5.23 -5.72
CA VAL A 48 -1.33 -3.93 -5.33
C VAL A 48 -2.87 -3.99 -5.12
N ARG A 49 -3.62 -4.69 -5.97
CA ARG A 49 -5.07 -4.85 -5.77
C ARG A 49 -5.39 -5.63 -4.50
N ALA A 50 -4.94 -6.89 -4.41
CA ALA A 50 -5.26 -7.68 -3.24
C ALA A 50 -4.54 -7.16 -2.00
N LEU A 51 -3.56 -6.27 -2.15
CA LEU A 51 -2.78 -5.65 -1.11
C LEU A 51 -3.59 -4.55 -0.46
N LEU A 52 -4.31 -3.72 -1.23
CA LEU A 52 -5.09 -2.63 -0.64
C LEU A 52 -6.40 -3.17 -0.08
N ALA A 53 -6.85 -4.36 -0.50
CA ALA A 53 -7.91 -5.09 0.18
C ALA A 53 -7.42 -5.77 1.47
N SER A 54 -6.21 -6.37 1.46
CA SER A 54 -5.74 -7.24 2.53
C SER A 54 -5.03 -6.47 3.61
N TRP A 55 -4.11 -5.57 3.27
CA TRP A 55 -3.45 -4.72 4.25
C TRP A 55 -4.48 -4.01 5.12
N GLY A 56 -5.58 -3.54 4.52
CA GLY A 56 -6.64 -2.86 5.23
C GLY A 56 -7.47 -3.75 6.16
N ALA A 57 -7.14 -5.04 6.32
CA ALA A 57 -7.65 -5.84 7.42
C ALA A 57 -6.93 -5.52 8.74
N GLN A 58 -5.73 -4.94 8.69
CA GLN A 58 -5.08 -4.36 9.86
C GLN A 58 -5.85 -3.08 10.21
N ASP A 59 -6.39 -2.94 11.43
CA ASP A 59 -6.98 -1.64 11.84
C ASP A 59 -5.91 -0.53 11.86
N SER A 60 -4.65 -0.92 12.07
CA SER A 60 -3.49 -0.04 11.97
C SER A 60 -3.20 0.42 10.54
N ALA A 61 -3.98 0.03 9.53
CA ALA A 61 -3.73 0.39 8.14
C ALA A 61 -4.17 1.82 7.81
N THR A 62 -3.79 2.79 8.64
CA THR A 62 -4.14 4.20 8.48
C THR A 62 -3.40 4.74 7.25
N LEU A 63 -3.82 5.91 6.74
CA LEU A 63 -3.04 6.52 5.67
C LEU A 63 -1.65 6.85 6.22
N ASP A 64 -1.57 7.32 7.46
CA ASP A 64 -0.33 7.70 8.13
C ASP A 64 0.57 6.49 8.42
N ALA A 65 0.02 5.26 8.40
CA ALA A 65 0.81 4.04 8.51
C ALA A 65 1.46 3.76 7.17
N LEU A 66 0.67 3.80 6.08
CA LEU A 66 1.14 3.51 4.73
C LEU A 66 2.20 4.53 4.31
N LEU A 67 1.94 5.77 4.66
CA LEU A 67 2.76 6.93 4.37
C LEU A 67 4.07 6.85 5.14
N ALA A 68 4.02 6.45 6.42
CA ALA A 68 5.21 6.30 7.24
C ALA A 68 6.04 5.11 6.77
N ALA A 69 5.38 4.01 6.43
CA ALA A 69 6.02 2.84 5.84
C ALA A 69 6.74 3.26 4.57
N LEU A 70 6.10 4.02 3.66
CA LEU A 70 6.75 4.52 2.44
C LEU A 70 7.98 5.36 2.75
N ARG A 71 7.84 6.30 3.66
CA ARG A 71 8.93 7.15 4.09
C ARG A 71 10.08 6.34 4.68
N ARG A 72 9.82 5.17 5.26
CA ARG A 72 10.84 4.28 5.79
C ARG A 72 11.82 3.85 4.69
N ILE A 73 11.34 3.51 3.48
CA ILE A 73 12.25 3.24 2.34
C ILE A 73 12.55 4.53 1.55
N GLN A 74 12.30 5.70 2.14
CA GLN A 74 12.41 7.02 1.52
C GLN A 74 11.64 7.16 0.21
N ARG A 75 10.67 6.29 -0.08
CA ARG A 75 9.81 6.41 -1.27
C ARG A 75 8.70 7.44 -0.98
N ALA A 76 9.10 8.63 -0.58
CA ALA A 76 8.22 9.72 -0.15
C ALA A 76 7.53 10.40 -1.34
N ASP A 77 8.02 10.16 -2.56
CA ASP A 77 7.36 10.49 -3.81
C ASP A 77 5.92 9.98 -3.82
N ILE A 78 5.71 8.70 -3.50
CA ILE A 78 4.36 8.15 -3.46
C ILE A 78 3.53 8.78 -2.34
N VAL A 79 4.12 9.23 -1.23
CA VAL A 79 3.36 9.81 -0.13
C VAL A 79 2.58 11.07 -0.54
N GLU A 80 3.22 12.09 -1.08
CA GLU A 80 2.47 13.26 -1.51
C GLU A 80 1.45 12.89 -2.60
N SER A 81 1.82 11.95 -3.46
CA SER A 81 1.01 11.47 -4.57
C SER A 81 -0.17 10.62 -4.06
N LEU A 82 -0.02 9.93 -2.92
CA LEU A 82 -1.08 9.25 -2.17
C LEU A 82 -2.23 10.17 -1.85
N CYS A 83 -1.92 11.40 -1.46
CA CYS A 83 -3.03 12.32 -1.25
C CYS A 83 -3.62 12.67 -2.62
N SER A 84 -2.84 13.29 -3.52
CA SER A 84 -3.30 13.83 -4.82
C SER A 84 -4.41 14.90 -4.74
N GLU A 85 -5.26 14.85 -3.72
CA GLU A 85 -6.58 15.42 -3.53
C GLU A 85 -6.85 15.20 -2.04
N GLY A 1 -5.62 9.31 10.34
CA GLY A 1 -6.52 9.48 9.20
C GLY A 1 -7.55 8.36 9.18
N ASN A 2 -8.27 8.20 8.06
CA ASN A 2 -9.17 7.08 7.83
C ASN A 2 -8.34 5.86 7.43
N LEU A 3 -8.96 4.67 7.35
CA LEU A 3 -8.27 3.50 6.81
C LEU A 3 -7.84 3.71 5.38
N TYR A 4 -7.16 2.72 4.83
CA TYR A 4 -6.68 2.78 3.47
C TYR A 4 -7.86 2.51 2.53
N SER A 5 -8.54 1.41 2.81
CA SER A 5 -9.69 0.89 2.09
C SER A 5 -10.90 1.83 2.21
N SER A 6 -10.83 2.85 3.09
CA SER A 6 -11.91 3.80 3.31
C SER A 6 -12.17 4.62 2.05
N LEU A 7 -11.14 5.01 1.31
CA LEU A 7 -11.25 5.49 -0.06
C LEU A 7 -11.82 4.38 -0.94
N PRO A 8 -13.07 4.46 -1.44
CA PRO A 8 -13.63 3.44 -2.33
C PRO A 8 -13.29 3.72 -3.81
N LEU A 9 -12.61 4.83 -4.10
CA LEU A 9 -12.59 5.43 -5.42
C LEU A 9 -11.37 4.91 -6.21
N THR A 10 -11.37 5.20 -7.50
CA THR A 10 -10.37 4.90 -8.52
C THR A 10 -8.95 5.38 -8.15
N LYS A 11 -8.79 6.16 -7.07
CA LYS A 11 -7.49 6.39 -6.44
C LYS A 11 -6.74 5.07 -6.25
N ARG A 12 -7.38 3.94 -5.88
CA ARG A 12 -6.65 2.66 -5.81
C ARG A 12 -6.02 2.23 -7.14
N GLU A 13 -6.65 2.50 -8.28
CA GLU A 13 -6.11 2.14 -9.60
C GLU A 13 -4.90 3.03 -9.91
N GLU A 14 -5.06 4.32 -9.63
CA GLU A 14 -3.99 5.31 -9.66
C GLU A 14 -2.88 4.95 -8.66
N VAL A 15 -3.16 4.19 -7.61
CA VAL A 15 -2.15 3.67 -6.71
C VAL A 15 -1.46 2.43 -7.28
N GLU A 16 -2.10 1.59 -8.11
CA GLU A 16 -1.35 0.56 -8.87
C GLU A 16 -0.29 1.23 -9.78
N LYS A 17 -0.58 2.43 -10.26
CA LYS A 17 0.37 3.36 -10.86
C LYS A 17 1.40 3.94 -9.89
N LEU A 18 1.04 4.31 -8.66
CA LEU A 18 2.01 4.90 -7.72
C LEU A 18 2.87 3.86 -7.00
N LEU A 19 2.24 2.96 -6.24
CA LEU A 19 2.80 1.83 -5.52
C LEU A 19 3.18 0.78 -6.60
N ASN A 20 4.10 1.16 -7.49
CA ASN A 20 4.53 0.47 -8.71
C ASN A 20 4.93 -1.00 -8.46
N GLY A 21 4.86 -1.82 -9.52
CA GLY A 21 5.10 -3.26 -9.58
C GLY A 21 6.57 -3.65 -9.37
N ASP A 22 7.02 -3.43 -8.15
CA ASP A 22 8.36 -3.53 -7.57
C ASP A 22 8.29 -2.91 -6.19
N THR A 23 8.05 -1.61 -6.21
CA THR A 23 8.30 -0.71 -5.12
C THR A 23 7.27 -0.95 -4.02
N TRP A 24 6.05 -1.38 -4.41
CA TRP A 24 5.09 -1.94 -3.48
C TRP A 24 5.69 -3.07 -2.63
N ARG A 25 6.39 -4.08 -3.17
CA ARG A 25 7.08 -5.15 -2.40
C ARG A 25 7.82 -4.60 -1.18
N HIS A 26 8.70 -3.63 -1.42
CA HIS A 26 9.51 -2.94 -0.42
C HIS A 26 8.63 -2.35 0.68
N LEU A 27 7.57 -1.64 0.30
CA LEU A 27 6.58 -1.13 1.23
C LEU A 27 5.89 -2.27 1.99
N ALA A 28 5.34 -3.24 1.28
CA ALA A 28 4.58 -4.37 1.79
C ALA A 28 5.35 -5.08 2.91
N GLY A 29 6.63 -5.41 2.68
CA GLY A 29 7.48 -6.02 3.70
C GLY A 29 7.64 -5.10 4.91
N GLU A 30 7.80 -3.81 4.66
CA GLU A 30 7.91 -2.79 5.71
C GLU A 30 6.57 -2.61 6.47
N LEU A 31 5.46 -3.07 5.91
CA LEU A 31 4.14 -3.17 6.51
C LEU A 31 3.91 -4.53 7.19
N GLY A 32 4.93 -5.02 7.91
CA GLY A 32 4.85 -6.15 8.82
C GLY A 32 4.23 -7.43 8.26
N TYR A 33 4.39 -7.67 6.96
CA TYR A 33 4.03 -8.92 6.34
C TYR A 33 5.34 -9.63 5.96
N GLN A 34 5.56 -10.83 6.52
CA GLN A 34 6.72 -11.67 6.21
C GLN A 34 6.87 -11.88 4.68
N PRO A 35 8.07 -12.24 4.18
CA PRO A 35 8.36 -12.20 2.74
C PRO A 35 7.55 -13.21 1.94
N GLU A 36 7.17 -14.34 2.55
CA GLU A 36 6.34 -15.35 1.93
C GLU A 36 4.98 -14.75 1.56
N HIS A 37 4.43 -13.89 2.42
CA HIS A 37 3.19 -13.19 2.14
C HIS A 37 3.41 -12.14 1.05
N ILE A 38 4.57 -11.46 1.03
CA ILE A 38 4.81 -10.42 0.05
C ILE A 38 4.76 -11.02 -1.34
N ASP A 39 5.51 -12.10 -1.58
CA ASP A 39 5.54 -12.63 -2.94
C ASP A 39 4.20 -13.30 -3.27
N SER A 40 3.52 -13.89 -2.27
CA SER A 40 2.15 -14.40 -2.40
C SER A 40 1.09 -13.30 -2.55
N PHE A 41 1.44 -12.03 -2.46
CA PHE A 41 0.52 -10.93 -2.78
C PHE A 41 0.63 -10.60 -4.26
N THR A 42 1.83 -10.69 -4.85
CA THR A 42 1.97 -10.51 -6.30
C THR A 42 1.61 -11.79 -7.08
N HIS A 43 1.19 -12.85 -6.39
CA HIS A 43 0.64 -14.07 -6.97
C HIS A 43 -0.81 -13.82 -7.36
N GLU A 44 -1.56 -13.09 -6.54
CA GLU A 44 -2.95 -12.76 -6.82
C GLU A 44 -3.04 -11.79 -8.01
N ALA A 45 -4.26 -11.60 -8.52
CA ALA A 45 -4.59 -10.90 -9.78
C ALA A 45 -3.76 -9.63 -9.97
N CYS A 46 -3.71 -8.79 -8.94
CA CYS A 46 -2.68 -7.79 -8.74
C CYS A 46 -2.41 -7.78 -7.23
N PRO A 47 -1.17 -7.49 -6.80
CA PRO A 47 -0.87 -7.16 -5.41
C PRO A 47 -1.68 -5.95 -5.00
N VAL A 48 -1.29 -4.76 -5.43
CA VAL A 48 -1.80 -3.48 -4.96
C VAL A 48 -3.33 -3.44 -4.76
N ARG A 49 -4.16 -4.01 -5.64
CA ARG A 49 -5.60 -4.12 -5.37
C ARG A 49 -5.89 -4.99 -4.13
N ALA A 50 -5.49 -6.27 -4.12
CA ALA A 50 -5.84 -7.14 -2.99
C ALA A 50 -5.02 -6.81 -1.74
N LEU A 51 -3.97 -6.01 -1.88
CA LEU A 51 -3.09 -5.54 -0.82
C LEU A 51 -3.81 -4.46 -0.04
N LEU A 52 -4.41 -3.51 -0.74
CA LEU A 52 -5.06 -2.35 -0.16
C LEU A 52 -6.45 -2.73 0.37
N ALA A 53 -7.02 -3.86 -0.08
CA ALA A 53 -8.11 -4.54 0.61
C ALA A 53 -7.65 -5.27 1.88
N SER A 54 -6.49 -5.94 1.86
CA SER A 54 -6.11 -6.89 2.91
C SER A 54 -5.37 -6.21 4.06
N TRP A 55 -4.36 -5.38 3.75
CA TRP A 55 -3.54 -4.67 4.73
C TRP A 55 -4.42 -3.90 5.74
N GLY A 56 -5.59 -3.41 5.32
CA GLY A 56 -6.54 -2.72 6.18
C GLY A 56 -7.07 -3.58 7.35
N ALA A 57 -6.79 -4.89 7.39
CA ALA A 57 -7.10 -5.75 8.53
C ALA A 57 -6.04 -5.68 9.64
N GLN A 58 -4.87 -5.07 9.41
CA GLN A 58 -3.92 -4.79 10.48
C GLN A 58 -4.51 -3.66 11.32
N ASP A 59 -4.77 -3.90 12.60
CA ASP A 59 -5.24 -2.85 13.52
C ASP A 59 -4.13 -1.83 13.74
N SER A 60 -4.26 -0.69 13.05
CA SER A 60 -3.41 0.50 12.92
C SER A 60 -3.30 0.96 11.46
N ALA A 61 -3.86 0.22 10.49
CA ALA A 61 -3.77 0.45 9.05
C ALA A 61 -4.55 1.68 8.55
N THR A 62 -4.40 2.84 9.19
CA THR A 62 -4.89 4.09 8.63
C THR A 62 -4.04 4.40 7.39
N LEU A 63 -4.51 5.25 6.47
CA LEU A 63 -3.69 5.55 5.28
C LEU A 63 -2.35 6.17 5.72
N ASP A 64 -2.32 6.80 6.89
CA ASP A 64 -1.16 7.44 7.49
C ASP A 64 -0.09 6.41 7.90
N ALA A 65 -0.46 5.14 8.08
CA ALA A 65 0.47 4.06 8.39
C ALA A 65 1.17 3.61 7.11
N LEU A 66 0.43 3.43 6.01
CA LEU A 66 1.02 3.07 4.72
C LEU A 66 1.94 4.20 4.25
N LEU A 67 1.48 5.44 4.45
CA LEU A 67 2.20 6.65 4.17
C LEU A 67 3.50 6.71 5.00
N ALA A 68 3.47 6.25 6.25
CA ALA A 68 4.64 6.26 7.12
C ALA A 68 5.67 5.25 6.63
N ALA A 69 5.24 4.02 6.34
CA ALA A 69 6.13 2.99 5.81
C ALA A 69 6.70 3.43 4.45
N LEU A 70 5.91 4.07 3.58
CA LEU A 70 6.45 4.70 2.39
C LEU A 70 7.53 5.73 2.70
N ARG A 71 7.26 6.66 3.60
CA ARG A 71 8.18 7.77 3.83
C ARG A 71 9.45 7.22 4.49
N ARG A 72 9.36 6.11 5.27
CA ARG A 72 10.49 5.32 5.72
C ARG A 72 11.39 4.85 4.57
N ILE A 73 10.85 4.30 3.50
CA ILE A 73 11.66 3.86 2.34
C ILE A 73 11.85 5.02 1.36
N GLN A 74 11.70 6.25 1.86
CA GLN A 74 11.82 7.53 1.18
C GLN A 74 10.96 7.59 -0.09
N ARG A 75 9.96 6.72 -0.23
CA ARG A 75 8.95 6.83 -1.29
C ARG A 75 7.88 7.85 -0.94
N ALA A 76 8.36 9.04 -0.55
CA ALA A 76 7.55 10.20 -0.24
C ALA A 76 6.89 10.78 -1.50
N ASP A 77 7.44 10.47 -2.67
CA ASP A 77 6.83 10.71 -3.98
C ASP A 77 5.44 10.06 -4.04
N ILE A 78 5.33 8.77 -3.70
CA ILE A 78 4.03 8.10 -3.67
C ILE A 78 3.17 8.73 -2.58
N VAL A 79 3.74 9.08 -1.43
CA VAL A 79 2.96 9.61 -0.33
C VAL A 79 2.26 10.91 -0.74
N GLU A 80 3.01 11.87 -1.29
CA GLU A 80 2.50 13.18 -1.66
C GLU A 80 1.39 13.05 -2.71
N SER A 81 1.50 12.09 -3.64
CA SER A 81 0.43 11.79 -4.58
C SER A 81 -0.76 11.14 -3.87
N LEU A 82 -0.48 10.22 -2.93
CA LEU A 82 -1.48 9.62 -2.05
C LEU A 82 -2.29 10.67 -1.31
N CYS A 83 -1.63 11.75 -0.88
CA CYS A 83 -2.22 12.87 -0.18
C CYS A 83 -3.29 13.55 -1.04
N SER A 84 -3.03 13.76 -2.34
CA SER A 84 -4.04 14.31 -3.24
C SER A 84 -3.82 13.92 -4.69
N GLU A 85 -2.68 14.31 -5.26
CA GLU A 85 -2.49 14.45 -6.71
C GLU A 85 -3.54 15.46 -7.21
N GLY A 1 -4.73 7.69 11.98
CA GLY A 1 -5.77 8.53 11.36
C GLY A 1 -6.88 7.65 10.85
N ASN A 2 -7.41 7.90 9.64
CA ASN A 2 -8.37 6.97 9.03
C ASN A 2 -7.57 5.81 8.45
N LEU A 3 -8.20 4.64 8.32
CA LEU A 3 -7.63 3.54 7.55
C LEU A 3 -7.45 3.96 6.10
N TYR A 4 -6.88 3.07 5.30
CA TYR A 4 -6.75 3.32 3.86
C TYR A 4 -7.89 2.67 3.10
N SER A 5 -8.45 1.57 3.61
CA SER A 5 -9.71 0.99 3.16
C SER A 5 -10.90 1.95 3.28
N SER A 6 -10.71 3.10 3.94
CA SER A 6 -11.63 4.23 3.89
C SER A 6 -11.86 4.59 2.41
N LEU A 7 -10.79 4.82 1.63
CA LEU A 7 -10.79 4.72 0.16
C LEU A 7 -11.10 3.29 -0.35
N PRO A 8 -12.29 2.94 -0.86
CA PRO A 8 -12.45 1.77 -1.73
C PRO A 8 -12.21 2.11 -3.21
N LEU A 9 -12.24 3.39 -3.58
CA LEU A 9 -12.46 3.85 -4.95
C LEU A 9 -11.20 3.70 -5.81
N THR A 10 -11.35 3.94 -7.12
CA THR A 10 -10.37 3.84 -8.20
C THR A 10 -9.07 4.64 -7.99
N LYS A 11 -8.93 5.42 -6.91
CA LYS A 11 -7.62 5.82 -6.40
C LYS A 11 -6.75 4.56 -6.33
N ARG A 12 -7.28 3.37 -5.96
CA ARG A 12 -6.51 2.12 -5.94
C ARG A 12 -5.83 1.85 -7.29
N GLU A 13 -6.47 2.17 -8.41
CA GLU A 13 -5.94 1.95 -9.75
C GLU A 13 -4.80 2.92 -10.02
N GLU A 14 -5.06 4.20 -9.78
CA GLU A 14 -4.07 5.25 -9.85
C GLU A 14 -2.93 5.04 -8.83
N VAL A 15 -3.15 4.27 -7.76
CA VAL A 15 -2.15 3.80 -6.83
C VAL A 15 -1.42 2.56 -7.35
N GLU A 16 -2.01 1.70 -8.19
CA GLU A 16 -1.21 0.72 -8.93
C GLU A 16 -0.17 1.44 -9.79
N LYS A 17 -0.47 2.65 -10.26
CA LYS A 17 0.52 3.56 -10.82
C LYS A 17 1.49 4.10 -9.76
N LEU A 18 1.07 4.49 -8.54
CA LEU A 18 1.98 5.06 -7.54
C LEU A 18 2.79 4.05 -6.74
N LEU A 19 2.13 3.17 -5.97
CA LEU A 19 2.68 2.04 -5.21
C LEU A 19 2.92 0.98 -6.28
N ASN A 20 3.79 1.31 -7.24
CA ASN A 20 3.98 0.59 -8.48
C ASN A 20 4.53 -0.81 -8.24
N GLY A 21 4.54 -1.62 -9.30
CA GLY A 21 5.16 -2.93 -9.39
C GLY A 21 6.69 -2.89 -9.20
N ASP A 22 7.11 -2.58 -7.98
CA ASP A 22 8.43 -2.63 -7.38
C ASP A 22 8.38 -1.92 -6.03
N THR A 23 7.93 -0.66 -6.01
CA THR A 23 7.92 0.09 -4.76
C THR A 23 6.98 -0.57 -3.77
N TRP A 24 5.81 -1.04 -4.22
CA TRP A 24 4.91 -1.77 -3.35
C TRP A 24 5.68 -2.90 -2.67
N ARG A 25 6.34 -3.80 -3.43
CA ARG A 25 7.23 -4.87 -2.97
C ARG A 25 8.16 -4.46 -1.84
N HIS A 26 8.86 -3.32 -1.98
CA HIS A 26 9.70 -2.78 -0.91
C HIS A 26 8.83 -2.59 0.34
N LEU A 27 7.82 -1.74 0.19
CA LEU A 27 6.90 -1.31 1.24
C LEU A 27 6.20 -2.47 1.93
N ALA A 28 5.81 -3.51 1.18
CA ALA A 28 5.11 -4.71 1.64
C ALA A 28 5.78 -5.28 2.90
N GLY A 29 7.11 -5.45 2.88
CA GLY A 29 7.87 -5.91 4.04
C GLY A 29 7.79 -4.94 5.22
N GLU A 30 7.97 -3.64 4.95
CA GLU A 30 7.76 -2.58 5.93
C GLU A 30 6.36 -2.55 6.54
N LEU A 31 5.36 -3.12 5.88
CA LEU A 31 3.96 -3.10 6.31
C LEU A 31 3.60 -4.28 7.21
N GLY A 32 4.58 -4.80 7.95
CA GLY A 32 4.43 -5.96 8.82
C GLY A 32 3.82 -7.18 8.14
N TYR A 33 4.15 -7.39 6.86
CA TYR A 33 3.80 -8.59 6.13
C TYR A 33 5.09 -9.28 5.73
N GLN A 34 5.35 -10.44 6.36
CA GLN A 34 6.48 -11.32 6.08
C GLN A 34 6.60 -11.61 4.57
N PRO A 35 7.78 -12.02 4.05
CA PRO A 35 8.00 -12.13 2.61
C PRO A 35 7.09 -13.16 1.95
N GLU A 36 6.64 -14.19 2.68
CA GLU A 36 5.69 -15.18 2.18
C GLU A 36 4.37 -14.51 1.77
N HIS A 37 3.93 -13.48 2.50
CA HIS A 37 2.75 -12.71 2.14
C HIS A 37 3.04 -11.91 0.87
N ILE A 38 4.21 -11.27 0.78
CA ILE A 38 4.57 -10.43 -0.34
C ILE A 38 4.57 -11.29 -1.61
N ASP A 39 5.08 -12.52 -1.53
CA ASP A 39 5.13 -13.42 -2.67
C ASP A 39 3.72 -13.86 -3.03
N SER A 40 2.88 -14.24 -2.06
CA SER A 40 1.48 -14.59 -2.36
C SER A 40 0.65 -13.37 -2.80
N PHE A 41 1.16 -12.15 -2.64
CA PHE A 41 0.42 -10.97 -3.05
C PHE A 41 0.74 -10.68 -4.51
N THR A 42 1.93 -11.06 -5.01
CA THR A 42 2.19 -10.99 -6.44
C THR A 42 1.73 -12.28 -7.16
N HIS A 43 1.34 -13.34 -6.44
CA HIS A 43 0.75 -14.54 -6.99
C HIS A 43 -0.76 -14.32 -7.19
N GLU A 44 -1.43 -13.79 -6.16
CA GLU A 44 -2.86 -13.54 -6.19
C GLU A 44 -3.20 -12.48 -7.26
N ALA A 45 -4.51 -12.36 -7.54
CA ALA A 45 -5.07 -11.78 -8.76
C ALA A 45 -4.39 -10.49 -9.22
N CYS A 46 -4.21 -9.52 -8.31
CA CYS A 46 -3.28 -8.43 -8.46
C CYS A 46 -2.73 -8.12 -7.07
N PRO A 47 -1.45 -7.75 -6.92
CA PRO A 47 -0.91 -7.24 -5.65
C PRO A 47 -1.63 -5.96 -5.29
N VAL A 48 -1.18 -4.80 -5.74
CA VAL A 48 -1.61 -3.48 -5.28
C VAL A 48 -3.13 -3.37 -5.05
N ARG A 49 -4.01 -3.90 -5.91
CA ARG A 49 -5.44 -3.96 -5.58
C ARG A 49 -5.72 -4.79 -4.33
N ALA A 50 -5.39 -6.10 -4.31
CA ALA A 50 -5.79 -6.93 -3.18
C ALA A 50 -4.91 -6.69 -1.95
N LEU A 51 -3.80 -5.98 -2.10
CA LEU A 51 -2.90 -5.54 -1.06
C LEU A 51 -3.59 -4.46 -0.27
N LEU A 52 -4.16 -3.47 -0.97
CA LEU A 52 -4.76 -2.32 -0.32
C LEU A 52 -6.14 -2.65 0.22
N ALA A 53 -6.77 -3.74 -0.27
CA ALA A 53 -7.94 -4.32 0.36
C ALA A 53 -7.56 -5.11 1.62
N SER A 54 -6.46 -5.88 1.59
CA SER A 54 -6.15 -6.87 2.62
C SER A 54 -5.36 -6.22 3.76
N TRP A 55 -4.30 -5.45 3.46
CA TRP A 55 -3.62 -4.66 4.47
C TRP A 55 -4.65 -3.74 5.14
N GLY A 56 -5.54 -3.15 4.33
CA GLY A 56 -6.59 -2.26 4.80
C GLY A 56 -7.69 -2.95 5.61
N ALA A 57 -7.66 -4.28 5.78
CA ALA A 57 -8.52 -4.99 6.72
C ALA A 57 -7.90 -5.05 8.13
N GLN A 58 -6.61 -4.76 8.28
CA GLN A 58 -5.92 -4.88 9.55
C GLN A 58 -6.09 -3.53 10.28
N ASP A 59 -6.73 -3.55 11.45
CA ASP A 59 -6.98 -2.33 12.23
C ASP A 59 -5.66 -1.85 12.84
N SER A 60 -5.08 -0.83 12.19
CA SER A 60 -3.74 -0.22 12.33
C SER A 60 -3.24 0.25 10.96
N ALA A 61 -3.84 -0.22 9.87
CA ALA A 61 -3.51 0.15 8.49
C ALA A 61 -4.02 1.55 8.13
N THR A 62 -3.61 2.56 8.89
CA THR A 62 -3.98 3.94 8.68
C THR A 62 -3.33 4.46 7.39
N LEU A 63 -3.85 5.55 6.83
CA LEU A 63 -3.15 6.25 5.77
C LEU A 63 -1.78 6.68 6.29
N ASP A 64 -1.75 7.15 7.53
CA ASP A 64 -0.55 7.60 8.24
C ASP A 64 0.41 6.45 8.58
N ALA A 65 -0.02 5.19 8.51
CA ALA A 65 0.88 4.04 8.61
C ALA A 65 1.57 3.86 7.25
N LEU A 66 0.77 3.81 6.18
CA LEU A 66 1.25 3.55 4.83
C LEU A 66 2.23 4.64 4.39
N LEU A 67 1.89 5.88 4.70
CA LEU A 67 2.65 7.06 4.39
C LEU A 67 3.97 7.04 5.17
N ALA A 68 3.96 6.61 6.44
CA ALA A 68 5.15 6.58 7.27
C ALA A 68 6.09 5.50 6.76
N ALA A 69 5.56 4.31 6.48
CA ALA A 69 6.30 3.20 5.92
C ALA A 69 6.98 3.66 4.63
N LEU A 70 6.22 4.29 3.71
CA LEU A 70 6.76 4.86 2.48
C LEU A 70 7.88 5.86 2.71
N ARG A 71 7.65 6.84 3.58
CA ARG A 71 8.64 7.88 3.80
C ARG A 71 9.92 7.27 4.37
N ARG A 72 9.85 6.16 5.12
CA ARG A 72 11.02 5.36 5.52
C ARG A 72 11.77 4.65 4.38
N ILE A 73 11.19 4.31 3.22
CA ILE A 73 12.00 4.00 2.04
C ILE A 73 12.29 5.26 1.21
N GLN A 74 11.94 6.44 1.71
CA GLN A 74 12.09 7.75 1.07
C GLN A 74 11.38 7.81 -0.29
N ARG A 75 10.44 6.89 -0.53
CA ARG A 75 9.52 6.90 -1.67
C ARG A 75 8.39 7.89 -1.34
N ALA A 76 8.79 9.15 -1.11
CA ALA A 76 7.94 10.23 -0.65
C ALA A 76 7.03 10.78 -1.75
N ASP A 77 7.39 10.53 -3.00
CA ASP A 77 6.59 10.80 -4.18
C ASP A 77 5.20 10.17 -4.04
N ILE A 78 5.14 8.91 -3.61
CA ILE A 78 3.86 8.24 -3.44
C ILE A 78 3.09 8.86 -2.28
N VAL A 79 3.76 9.30 -1.22
CA VAL A 79 3.13 9.80 -0.01
C VAL A 79 2.27 11.04 -0.32
N GLU A 80 2.87 12.06 -0.89
CA GLU A 80 2.19 13.27 -1.32
C GLU A 80 1.12 13.12 -2.40
N SER A 81 1.22 12.13 -3.28
CA SER A 81 0.12 11.72 -4.15
C SER A 81 -0.98 10.96 -3.41
N LEU A 82 -0.60 10.16 -2.42
CA LEU A 82 -1.51 9.52 -1.46
C LEU A 82 -2.39 10.56 -0.79
N CYS A 83 -1.85 11.73 -0.48
CA CYS A 83 -2.62 12.86 0.03
C CYS A 83 -3.77 13.21 -0.90
N SER A 84 -3.53 13.37 -2.21
CA SER A 84 -4.60 13.53 -3.18
C SER A 84 -4.20 13.23 -4.63
N GLU A 85 -3.08 13.81 -5.05
CA GLU A 85 -2.70 14.08 -6.45
C GLU A 85 -3.62 15.24 -6.89
N GLY A 1 -5.85 10.09 9.52
CA GLY A 1 -6.65 10.23 8.29
C GLY A 1 -7.74 9.18 8.28
N ASN A 2 -8.19 8.77 7.09
CA ASN A 2 -9.10 7.63 6.91
C ASN A 2 -8.27 6.35 7.01
N LEU A 3 -8.91 5.16 7.05
CA LEU A 3 -8.16 3.96 6.69
C LEU A 3 -7.68 4.09 5.24
N TYR A 4 -6.94 3.10 4.76
CA TYR A 4 -6.62 3.05 3.34
C TYR A 4 -7.86 2.51 2.64
N SER A 5 -8.33 1.34 3.07
CA SER A 5 -9.40 0.58 2.43
C SER A 5 -10.72 1.35 2.34
N SER A 6 -10.84 2.46 3.07
CA SER A 6 -11.91 3.44 2.96
C SER A 6 -12.01 3.97 1.53
N LEU A 7 -10.88 4.20 0.83
CA LEU A 7 -10.86 4.40 -0.61
C LEU A 7 -11.41 3.12 -1.25
N PRO A 8 -12.57 3.15 -1.93
CA PRO A 8 -13.25 1.94 -2.36
C PRO A 8 -12.41 1.21 -3.40
N LEU A 9 -12.12 1.83 -4.55
CA LEU A 9 -11.31 1.22 -5.60
C LEU A 9 -10.54 2.24 -6.43
N THR A 10 -11.18 3.30 -6.93
CA THR A 10 -10.68 4.07 -8.06
C THR A 10 -9.31 4.71 -7.79
N LYS A 11 -9.16 5.42 -6.67
CA LYS A 11 -7.85 5.94 -6.25
C LYS A 11 -6.83 4.81 -6.13
N ARG A 12 -7.20 3.63 -5.63
CA ARG A 12 -6.25 2.53 -5.49
C ARG A 12 -5.66 2.15 -6.84
N GLU A 13 -6.44 2.24 -7.92
CA GLU A 13 -5.99 1.90 -9.27
C GLU A 13 -5.01 2.94 -9.81
N GLU A 14 -5.26 4.23 -9.55
CA GLU A 14 -4.26 5.29 -9.81
C GLU A 14 -3.00 5.05 -8.96
N VAL A 15 -3.19 4.55 -7.74
CA VAL A 15 -2.12 4.23 -6.82
C VAL A 15 -1.39 2.95 -7.23
N GLU A 16 -1.98 1.97 -7.91
CA GLU A 16 -1.20 0.85 -8.47
C GLU A 16 -0.09 1.37 -9.37
N LYS A 17 -0.37 2.45 -10.12
CA LYS A 17 0.65 3.15 -10.89
C LYS A 17 1.62 3.93 -10.00
N LEU A 18 1.25 4.38 -8.80
CA LEU A 18 2.18 5.05 -7.86
C LEU A 18 3.02 4.07 -7.05
N LEU A 19 2.37 3.22 -6.24
CA LEU A 19 2.89 2.06 -5.51
C LEU A 19 3.19 1.00 -6.59
N ASN A 20 4.10 1.33 -7.51
CA ASN A 20 4.37 0.57 -8.72
C ASN A 20 4.85 -0.84 -8.39
N GLY A 21 4.86 -1.71 -9.41
CA GLY A 21 5.40 -3.06 -9.39
C GLY A 21 6.91 -3.10 -9.14
N ASP A 22 7.31 -2.74 -7.93
CA ASP A 22 8.61 -2.80 -7.28
C ASP A 22 8.54 -2.00 -5.97
N THR A 23 8.13 -0.74 -6.04
CA THR A 23 8.08 0.09 -4.84
C THR A 23 7.10 -0.51 -3.84
N TRP A 24 5.94 -1.00 -4.29
CA TRP A 24 5.02 -1.67 -3.40
C TRP A 24 5.74 -2.80 -2.63
N ARG A 25 6.45 -3.73 -3.30
CA ARG A 25 7.29 -4.76 -2.66
C ARG A 25 8.11 -4.22 -1.49
N HIS A 26 8.83 -3.12 -1.68
CA HIS A 26 9.66 -2.51 -0.64
C HIS A 26 8.78 -2.25 0.59
N LEU A 27 7.70 -1.49 0.36
CA LEU A 27 6.71 -1.13 1.36
C LEU A 27 6.06 -2.36 2.00
N ALA A 28 5.77 -3.41 1.23
CA ALA A 28 5.07 -4.61 1.67
C ALA A 28 5.73 -5.19 2.94
N GLY A 29 7.05 -5.33 2.94
CA GLY A 29 7.79 -5.78 4.13
C GLY A 29 7.67 -4.80 5.29
N GLU A 30 7.71 -3.50 5.00
CA GLU A 30 7.58 -2.44 6.00
C GLU A 30 6.18 -2.44 6.64
N LEU A 31 5.17 -3.02 5.97
CA LEU A 31 3.81 -3.22 6.46
C LEU A 31 3.67 -4.54 7.21
N GLY A 32 4.73 -4.97 7.91
CA GLY A 32 4.77 -6.15 8.75
C GLY A 32 4.27 -7.43 8.09
N TYR A 33 4.42 -7.56 6.78
CA TYR A 33 4.05 -8.75 6.05
C TYR A 33 5.35 -9.41 5.59
N GLN A 34 5.69 -10.55 6.21
CA GLN A 34 6.86 -11.37 5.87
C GLN A 34 6.88 -11.69 4.36
N PRO A 35 8.03 -12.04 3.75
CA PRO A 35 8.13 -12.20 2.30
C PRO A 35 7.19 -13.26 1.72
N GLU A 36 6.75 -14.23 2.51
CA GLU A 36 5.77 -15.24 2.12
C GLU A 36 4.47 -14.56 1.69
N HIS A 37 4.04 -13.53 2.44
CA HIS A 37 2.89 -12.70 2.13
C HIS A 37 3.19 -11.82 0.91
N ILE A 38 4.38 -11.21 0.84
CA ILE A 38 4.74 -10.30 -0.25
C ILE A 38 4.63 -11.06 -1.58
N ASP A 39 5.21 -12.26 -1.67
CA ASP A 39 5.12 -13.00 -2.91
C ASP A 39 3.68 -13.50 -3.13
N SER A 40 2.95 -13.82 -2.05
CA SER A 40 1.58 -14.30 -2.18
C SER A 40 0.61 -13.16 -2.58
N PHE A 41 1.07 -11.91 -2.53
CA PHE A 41 0.28 -10.73 -2.87
C PHE A 41 0.40 -10.43 -4.35
N THR A 42 1.53 -10.75 -4.98
CA THR A 42 1.65 -10.57 -6.42
C THR A 42 1.01 -11.75 -7.19
N HIS A 43 0.44 -12.74 -6.49
CA HIS A 43 -0.39 -13.80 -7.06
C HIS A 43 -1.81 -13.31 -7.33
N GLU A 44 -2.38 -12.48 -6.45
CA GLU A 44 -3.66 -11.82 -6.71
C GLU A 44 -3.76 -11.11 -8.05
N ALA A 45 -5.00 -10.72 -8.38
CA ALA A 45 -5.37 -10.04 -9.63
C ALA A 45 -4.42 -8.89 -9.92
N CYS A 46 -4.19 -8.06 -8.90
CA CYS A 46 -3.03 -7.19 -8.78
C CYS A 46 -2.66 -7.17 -7.29
N PRO A 47 -1.39 -6.91 -6.92
CA PRO A 47 -0.99 -6.68 -5.54
C PRO A 47 -1.75 -5.48 -4.98
N VAL A 48 -1.34 -4.25 -5.25
CA VAL A 48 -1.86 -3.04 -4.61
C VAL A 48 -3.39 -3.04 -4.40
N ARG A 49 -4.21 -3.49 -5.34
CA ARG A 49 -5.66 -3.59 -5.15
C ARG A 49 -6.01 -4.55 -4.01
N ALA A 50 -5.58 -5.82 -4.03
CA ALA A 50 -5.91 -6.76 -2.96
C ALA A 50 -5.01 -6.61 -1.72
N LEU A 51 -3.92 -5.85 -1.84
CA LEU A 51 -2.99 -5.49 -0.78
C LEU A 51 -3.68 -4.53 0.14
N LEU A 52 -4.31 -3.50 -0.45
CA LEU A 52 -5.00 -2.45 0.26
C LEU A 52 -6.38 -2.95 0.71
N ALA A 53 -6.90 -4.03 0.11
CA ALA A 53 -8.05 -4.75 0.68
C ALA A 53 -7.65 -5.53 1.95
N SER A 54 -6.49 -6.17 1.97
CA SER A 54 -6.10 -7.14 3.00
C SER A 54 -5.43 -6.44 4.18
N TRP A 55 -4.46 -5.57 3.90
CA TRP A 55 -3.73 -4.78 4.89
C TRP A 55 -4.67 -4.00 5.82
N GLY A 56 -5.86 -3.62 5.34
CA GLY A 56 -6.85 -2.92 6.13
C GLY A 56 -7.39 -3.72 7.33
N ALA A 57 -7.04 -5.00 7.47
CA ALA A 57 -7.31 -5.81 8.64
C ALA A 57 -6.19 -5.74 9.70
N GLN A 58 -5.06 -5.09 9.42
CA GLN A 58 -4.07 -4.79 10.44
C GLN A 58 -4.56 -3.65 11.33
N ASP A 59 -3.97 -3.54 12.52
CA ASP A 59 -4.44 -2.78 13.69
C ASP A 59 -4.84 -1.34 13.35
N SER A 60 -3.90 -0.55 12.85
CA SER A 60 -4.04 0.88 12.64
C SER A 60 -3.70 1.24 11.19
N ALA A 61 -4.24 0.43 10.26
CA ALA A 61 -4.08 0.48 8.80
C ALA A 61 -4.70 1.74 8.14
N THR A 62 -4.30 2.89 8.65
CA THR A 62 -4.64 4.23 8.22
C THR A 62 -3.99 4.50 6.86
N LEU A 63 -4.50 5.46 6.08
CA LEU A 63 -3.72 5.99 4.97
C LEU A 63 -2.36 6.44 5.54
N ASP A 64 -2.39 7.02 6.74
CA ASP A 64 -1.27 7.65 7.42
C ASP A 64 -0.22 6.62 7.86
N ALA A 65 -0.61 5.35 8.00
CA ALA A 65 0.29 4.25 8.33
C ALA A 65 1.05 3.85 7.08
N LEU A 66 0.35 3.67 5.96
CA LEU A 66 0.99 3.30 4.70
C LEU A 66 1.89 4.42 4.19
N LEU A 67 1.43 5.66 4.37
CA LEU A 67 2.15 6.88 4.06
C LEU A 67 3.46 6.92 4.86
N ALA A 68 3.40 6.62 6.16
CA ALA A 68 4.59 6.57 7.00
C ALA A 68 5.51 5.44 6.55
N ALA A 69 4.93 4.26 6.30
CA ALA A 69 5.67 3.08 5.90
C ALA A 69 6.46 3.34 4.62
N LEU A 70 5.84 3.98 3.62
CA LEU A 70 6.55 4.43 2.41
C LEU A 70 7.72 5.33 2.72
N ARG A 71 7.49 6.29 3.62
CA ARG A 71 8.47 7.32 3.92
C ARG A 71 9.70 6.67 4.56
N ARG A 72 9.58 5.53 5.27
CA ARG A 72 10.71 4.75 5.76
C ARG A 72 11.68 4.42 4.61
N ILE A 73 11.23 3.93 3.45
CA ILE A 73 12.15 3.53 2.39
C ILE A 73 12.47 4.73 1.49
N GLN A 74 12.29 5.95 1.98
CA GLN A 74 12.39 7.24 1.31
C GLN A 74 11.62 7.33 -0.02
N ARG A 75 10.64 6.44 -0.26
CA ARG A 75 9.73 6.53 -1.42
C ARG A 75 8.64 7.57 -1.10
N ALA A 76 9.09 8.78 -0.80
CA ALA A 76 8.35 9.92 -0.33
C ALA A 76 7.54 10.59 -1.44
N ASP A 77 7.88 10.32 -2.70
CA ASP A 77 7.19 10.75 -3.90
C ASP A 77 5.76 10.21 -3.93
N ILE A 78 5.58 8.91 -3.68
CA ILE A 78 4.24 8.33 -3.68
C ILE A 78 3.42 8.94 -2.56
N VAL A 79 4.03 9.27 -1.42
CA VAL A 79 3.31 9.68 -0.23
C VAL A 79 2.49 10.95 -0.48
N GLU A 80 3.10 12.05 -0.95
CA GLU A 80 2.29 13.24 -1.26
C GLU A 80 1.26 12.93 -2.35
N SER A 81 1.62 12.10 -3.33
CA SER A 81 0.71 11.75 -4.42
C SER A 81 -0.47 10.90 -3.93
N LEU A 82 -0.25 10.12 -2.87
CA LEU A 82 -1.27 9.36 -2.16
C LEU A 82 -2.37 10.26 -1.65
N CYS A 83 -1.99 11.35 -0.96
CA CYS A 83 -2.92 12.30 -0.36
C CYS A 83 -3.90 12.76 -1.44
N SER A 84 -3.37 13.34 -2.52
CA SER A 84 -4.06 13.62 -3.78
C SER A 84 -4.96 14.85 -3.72
N GLU A 85 -5.49 15.20 -2.55
CA GLU A 85 -6.34 16.32 -2.21
C GLU A 85 -5.90 16.72 -0.80
N GLY A 1 -6.24 8.74 10.15
CA GLY A 1 -7.17 9.20 9.10
C GLY A 1 -8.11 8.07 8.75
N ASN A 2 -8.61 8.01 7.51
CA ASN A 2 -9.41 6.89 7.06
C ASN A 2 -8.49 5.72 6.70
N LEU A 3 -9.06 4.51 6.56
CA LEU A 3 -8.41 3.44 5.83
C LEU A 3 -8.17 3.85 4.37
N TYR A 4 -7.54 2.95 3.62
CA TYR A 4 -7.13 3.19 2.25
C TYR A 4 -8.23 2.66 1.33
N SER A 5 -8.56 1.38 1.51
CA SER A 5 -9.74 0.69 0.98
C SER A 5 -11.07 1.30 1.44
N SER A 6 -11.05 2.38 2.22
CA SER A 6 -12.20 3.26 2.35
C SER A 6 -12.62 3.69 0.94
N LEU A 7 -11.69 4.04 0.06
CA LEU A 7 -11.88 4.03 -1.38
C LEU A 7 -12.17 2.60 -1.84
N PRO A 8 -13.39 2.26 -2.26
CA PRO A 8 -13.74 0.88 -2.56
C PRO A 8 -12.90 0.35 -3.73
N LEU A 9 -12.70 1.17 -4.78
CA LEU A 9 -11.99 0.73 -5.98
C LEU A 9 -11.21 1.85 -6.67
N THR A 10 -11.89 2.76 -7.36
CA THR A 10 -11.30 3.59 -8.42
C THR A 10 -10.00 4.32 -8.06
N LYS A 11 -9.98 5.06 -6.94
CA LYS A 11 -8.76 5.76 -6.54
C LYS A 11 -7.62 4.76 -6.30
N ARG A 12 -7.88 3.58 -5.71
CA ARG A 12 -6.84 2.58 -5.53
C ARG A 12 -6.25 2.09 -6.88
N GLU A 13 -6.92 2.27 -8.01
CA GLU A 13 -6.37 1.96 -9.34
C GLU A 13 -5.29 2.97 -9.73
N GLU A 14 -5.50 4.26 -9.44
CA GLU A 14 -4.43 5.27 -9.53
C GLU A 14 -3.29 4.91 -8.55
N VAL A 15 -3.62 4.32 -7.40
CA VAL A 15 -2.60 3.85 -6.45
C VAL A 15 -1.80 2.68 -7.05
N GLU A 16 -2.34 1.81 -7.90
CA GLU A 16 -1.52 0.72 -8.49
C GLU A 16 -0.36 1.30 -9.30
N LYS A 17 -0.65 2.41 -9.98
CA LYS A 17 0.33 3.20 -10.69
C LYS A 17 1.26 3.97 -9.74
N LEU A 18 0.75 4.55 -8.64
CA LEU A 18 1.55 5.39 -7.74
C LEU A 18 2.37 4.54 -6.75
N LEU A 19 1.74 3.69 -5.95
CA LEU A 19 2.37 2.54 -5.28
C LEU A 19 2.69 1.48 -6.36
N ASN A 20 3.54 1.90 -7.29
CA ASN A 20 4.00 1.22 -8.49
C ASN A 20 4.23 -0.27 -8.26
N GLY A 21 3.91 -1.09 -9.28
CA GLY A 21 4.05 -2.54 -9.27
C GLY A 21 5.51 -3.02 -9.30
N ASP A 22 6.22 -2.74 -8.21
CA ASP A 22 7.47 -3.30 -7.70
C ASP A 22 7.87 -2.50 -6.46
N THR A 23 7.78 -1.16 -6.53
CA THR A 23 8.06 -0.30 -5.38
C THR A 23 7.14 -0.65 -4.21
N TRP A 24 5.89 -1.07 -4.47
CA TRP A 24 5.01 -1.64 -3.45
C TRP A 24 5.70 -2.78 -2.68
N ARG A 25 6.36 -3.76 -3.31
CA ARG A 25 7.12 -4.84 -2.64
C ARG A 25 7.95 -4.34 -1.47
N HIS A 26 8.71 -3.26 -1.72
CA HIS A 26 9.59 -2.64 -0.74
C HIS A 26 8.78 -2.15 0.46
N LEU A 27 7.63 -1.49 0.22
CA LEU A 27 6.70 -1.14 1.26
C LEU A 27 6.11 -2.39 1.95
N ALA A 28 5.72 -3.41 1.18
CA ALA A 28 5.02 -4.61 1.62
C ALA A 28 5.73 -5.28 2.80
N GLY A 29 7.05 -5.49 2.67
CA GLY A 29 7.83 -6.07 3.76
C GLY A 29 7.86 -5.16 4.99
N GLU A 30 8.02 -3.86 4.77
CA GLU A 30 8.13 -2.90 5.86
C GLU A 30 6.78 -2.74 6.60
N LEU A 31 5.66 -3.13 5.99
CA LEU A 31 4.34 -3.25 6.61
C LEU A 31 4.19 -4.54 7.44
N GLY A 32 5.29 -5.06 8.00
CA GLY A 32 5.33 -6.24 8.84
C GLY A 32 4.64 -7.46 8.25
N TYR A 33 4.73 -7.65 6.94
CA TYR A 33 4.20 -8.79 6.23
C TYR A 33 5.40 -9.50 5.60
N GLN A 34 5.73 -10.68 6.15
CA GLN A 34 6.83 -11.54 5.72
C GLN A 34 6.77 -11.81 4.21
N PRO A 35 7.88 -12.21 3.54
CA PRO A 35 7.88 -12.37 2.08
C PRO A 35 6.87 -13.37 1.53
N GLU A 36 6.36 -14.31 2.35
CA GLU A 36 5.28 -15.23 1.99
C GLU A 36 4.01 -14.45 1.60
N HIS A 37 3.74 -13.35 2.30
CA HIS A 37 2.62 -12.46 1.99
C HIS A 37 2.89 -11.76 0.67
N ILE A 38 4.11 -11.23 0.51
CA ILE A 38 4.54 -10.45 -0.64
C ILE A 38 4.44 -11.31 -1.90
N ASP A 39 4.84 -12.59 -1.79
CA ASP A 39 4.65 -13.57 -2.86
C ASP A 39 3.16 -13.71 -3.18
N SER A 40 2.33 -13.92 -2.16
CA SER A 40 0.91 -14.19 -2.41
C SER A 40 0.16 -12.92 -2.87
N PHE A 41 0.77 -11.75 -2.75
CA PHE A 41 0.24 -10.49 -3.25
C PHE A 41 0.69 -10.25 -4.70
N THR A 42 1.85 -10.77 -5.12
CA THR A 42 2.23 -10.71 -6.52
C THR A 42 1.61 -11.89 -7.31
N HIS A 43 1.01 -12.87 -6.62
CA HIS A 43 0.18 -13.93 -7.18
C HIS A 43 -1.29 -13.50 -7.30
N GLU A 44 -1.83 -12.76 -6.33
CA GLU A 44 -3.14 -12.12 -6.51
C GLU A 44 -3.35 -11.34 -7.80
N ALA A 45 -4.62 -10.99 -8.03
CA ALA A 45 -5.13 -10.37 -9.25
C ALA A 45 -4.30 -9.14 -9.64
N CYS A 46 -4.08 -8.27 -8.65
CA CYS A 46 -3.01 -7.29 -8.63
C CYS A 46 -2.57 -7.17 -7.16
N PRO A 47 -1.30 -6.82 -6.88
CA PRO A 47 -0.80 -6.52 -5.54
C PRO A 47 -1.64 -5.43 -4.90
N VAL A 48 -1.44 -4.15 -5.24
CA VAL A 48 -2.15 -3.02 -4.63
C VAL A 48 -3.66 -3.28 -4.38
N ARG A 49 -4.37 -3.99 -5.26
CA ARG A 49 -5.78 -4.31 -5.00
C ARG A 49 -5.95 -5.20 -3.77
N ALA A 50 -5.36 -6.40 -3.73
CA ALA A 50 -5.54 -7.26 -2.57
C ALA A 50 -4.62 -6.87 -1.40
N LEU A 51 -3.63 -6.01 -1.64
CA LEU A 51 -2.67 -5.50 -0.66
C LEU A 51 -3.38 -4.54 0.26
N LEU A 52 -4.11 -3.58 -0.32
CA LEU A 52 -4.75 -2.55 0.48
C LEU A 52 -6.04 -3.11 1.09
N ALA A 53 -6.59 -4.20 0.54
CA ALA A 53 -7.65 -4.94 1.21
C ALA A 53 -7.12 -5.71 2.43
N SER A 54 -5.95 -6.33 2.33
CA SER A 54 -5.45 -7.30 3.31
C SER A 54 -4.65 -6.58 4.42
N TRP A 55 -3.71 -5.70 4.05
CA TRP A 55 -3.01 -4.88 5.02
C TRP A 55 -3.98 -4.07 5.88
N GLY A 56 -5.14 -3.69 5.32
CA GLY A 56 -6.15 -2.93 6.03
C GLY A 56 -6.78 -3.65 7.23
N ALA A 57 -6.45 -4.93 7.47
CA ALA A 57 -6.84 -5.65 8.66
C ALA A 57 -5.87 -5.42 9.84
N GLN A 58 -4.71 -4.80 9.63
CA GLN A 58 -3.79 -4.49 10.73
C GLN A 58 -4.38 -3.37 11.59
N ASP A 59 -4.27 -3.53 12.91
CA ASP A 59 -4.72 -2.55 13.90
C ASP A 59 -3.96 -1.23 13.76
N SER A 60 -4.60 -0.25 13.13
CA SER A 60 -4.27 1.16 12.92
C SER A 60 -3.92 1.48 11.46
N ALA A 61 -4.17 0.56 10.52
CA ALA A 61 -3.86 0.64 9.09
C ALA A 61 -4.61 1.74 8.32
N THR A 62 -4.52 3.00 8.73
CA THR A 62 -5.02 4.15 7.99
C THR A 62 -4.14 4.42 6.76
N LEU A 63 -4.54 5.29 5.84
CA LEU A 63 -3.60 5.70 4.78
C LEU A 63 -2.36 6.35 5.42
N ASP A 64 -2.56 7.08 6.51
CA ASP A 64 -1.51 7.73 7.28
C ASP A 64 -0.58 6.76 8.04
N ALA A 65 -0.94 5.47 8.17
CA ALA A 65 -0.02 4.43 8.64
C ALA A 65 0.90 4.04 7.49
N LEU A 66 0.31 3.74 6.32
CA LEU A 66 1.06 3.35 5.13
C LEU A 66 2.00 4.47 4.69
N LEU A 67 1.58 5.72 4.87
CA LEU A 67 2.34 6.90 4.56
C LEU A 67 3.66 6.92 5.33
N ALA A 68 3.62 6.56 6.62
CA ALA A 68 4.81 6.47 7.45
C ALA A 68 5.73 5.36 6.92
N ALA A 69 5.15 4.19 6.62
CA ALA A 69 5.88 3.04 6.08
C ALA A 69 6.55 3.36 4.74
N LEU A 70 5.90 4.13 3.85
CA LEU A 70 6.58 4.67 2.68
C LEU A 70 7.73 5.59 3.05
N ARG A 71 7.50 6.57 3.93
CA ARG A 71 8.49 7.61 4.17
C ARG A 71 9.73 7.02 4.87
N ARG A 72 9.54 5.95 5.65
CA ARG A 72 10.57 5.02 6.14
C ARG A 72 11.51 4.50 5.06
N ILE A 73 11.00 4.04 3.91
CA ILE A 73 11.85 3.58 2.80
C ILE A 73 12.23 4.75 1.86
N GLN A 74 12.09 5.98 2.35
CA GLN A 74 12.32 7.20 1.58
C GLN A 74 11.48 7.21 0.29
N ARG A 75 10.37 6.47 0.24
CA ARG A 75 9.35 6.59 -0.81
C ARG A 75 8.47 7.81 -0.54
N ALA A 76 9.12 8.93 -0.20
CA ALA A 76 8.47 10.22 0.01
C ALA A 76 7.93 10.78 -1.30
N ASP A 77 8.48 10.32 -2.43
CA ASP A 77 7.97 10.58 -3.77
C ASP A 77 6.52 10.10 -3.89
N ILE A 78 6.22 8.85 -3.56
CA ILE A 78 4.86 8.34 -3.61
C ILE A 78 4.01 9.04 -2.55
N VAL A 79 4.55 9.31 -1.36
CA VAL A 79 3.78 9.96 -0.30
C VAL A 79 3.32 11.36 -0.76
N GLU A 80 4.23 12.18 -1.29
CA GLU A 80 3.90 13.52 -1.76
C GLU A 80 2.85 13.47 -2.88
N SER A 81 2.82 12.39 -3.66
CA SER A 81 1.76 12.17 -4.63
C SER A 81 0.46 11.86 -3.88
N LEU A 82 0.48 10.98 -2.87
CA LEU A 82 -0.65 10.65 -2.00
C LEU A 82 -1.24 11.89 -1.31
N CYS A 83 -0.39 12.81 -0.90
CA CYS A 83 -0.76 14.11 -0.34
C CYS A 83 -1.71 14.87 -1.30
N SER A 84 -1.45 14.77 -2.60
CA SER A 84 -2.23 15.43 -3.66
C SER A 84 -3.42 14.58 -4.14
N GLU A 85 -3.33 13.24 -4.06
CA GLU A 85 -4.25 12.26 -4.60
C GLU A 85 -5.65 12.44 -4.03
N GLY A 1 -8.73 1.97 12.34
CA GLY A 1 -8.91 3.43 12.34
C GLY A 1 -9.56 3.87 11.04
N ASN A 2 -9.32 5.10 10.58
CA ASN A 2 -9.73 5.51 9.24
C ASN A 2 -8.71 4.92 8.29
N LEU A 3 -9.08 3.82 7.64
CA LEU A 3 -8.17 3.01 6.86
C LEU A 3 -7.54 3.77 5.69
N TYR A 4 -6.67 3.07 4.97
CA TYR A 4 -6.17 3.47 3.68
C TYR A 4 -7.30 3.39 2.66
N SER A 5 -7.98 2.25 2.70
CA SER A 5 -9.21 1.91 2.01
C SER A 5 -10.43 2.69 2.54
N SER A 6 -10.25 3.59 3.53
CA SER A 6 -11.27 4.60 3.85
C SER A 6 -11.59 5.39 2.59
N LEU A 7 -10.61 5.73 1.75
CA LEU A 7 -10.85 6.07 0.36
C LEU A 7 -11.48 4.84 -0.34
N PRO A 8 -12.78 4.84 -0.69
CA PRO A 8 -13.37 3.69 -1.38
C PRO A 8 -13.11 3.73 -2.89
N LEU A 9 -12.58 4.86 -3.42
CA LEU A 9 -12.62 5.12 -4.84
C LEU A 9 -11.55 4.33 -5.57
N THR A 10 -11.67 4.33 -6.89
CA THR A 10 -10.71 3.94 -7.91
C THR A 10 -9.43 4.78 -7.87
N LYS A 11 -9.29 5.74 -6.93
CA LYS A 11 -7.98 6.24 -6.54
C LYS A 11 -7.07 5.05 -6.23
N ARG A 12 -7.53 3.96 -5.60
CA ARG A 12 -6.71 2.76 -5.49
C ARG A 12 -6.16 2.22 -6.82
N GLU A 13 -6.85 2.37 -7.95
CA GLU A 13 -6.31 1.98 -9.26
C GLU A 13 -5.20 2.96 -9.66
N GLU A 14 -5.40 4.24 -9.40
CA GLU A 14 -4.37 5.27 -9.51
C GLU A 14 -3.19 4.98 -8.57
N VAL A 15 -3.40 4.22 -7.48
CA VAL A 15 -2.33 3.77 -6.59
C VAL A 15 -1.62 2.56 -7.18
N GLU A 16 -2.26 1.71 -7.97
CA GLU A 16 -1.54 0.68 -8.75
C GLU A 16 -0.51 1.33 -9.68
N LYS A 17 -0.81 2.52 -10.20
CA LYS A 17 0.14 3.39 -10.89
C LYS A 17 1.20 3.98 -9.95
N LEU A 18 0.85 4.41 -8.74
CA LEU A 18 1.81 5.07 -7.84
C LEU A 18 2.67 4.06 -7.09
N LEU A 19 2.07 3.18 -6.28
CA LEU A 19 2.67 2.01 -5.63
C LEU A 19 2.94 0.96 -6.73
N ASN A 20 3.78 1.34 -7.71
CA ASN A 20 4.21 0.58 -8.89
C ASN A 20 4.57 -0.86 -8.52
N GLY A 21 4.39 -1.81 -9.45
CA GLY A 21 4.56 -3.24 -9.25
C GLY A 21 6.01 -3.66 -9.08
N ASP A 22 6.60 -3.25 -7.96
CA ASP A 22 7.89 -3.58 -7.34
C ASP A 22 8.17 -2.59 -6.21
N THR A 23 7.86 -1.31 -6.41
CA THR A 23 7.99 -0.31 -5.37
C THR A 23 7.08 -0.70 -4.19
N TRP A 24 5.86 -1.17 -4.47
CA TRP A 24 5.02 -1.79 -3.46
C TRP A 24 5.76 -2.90 -2.68
N ARG A 25 6.42 -3.88 -3.33
CA ARG A 25 7.22 -4.93 -2.65
C ARG A 25 8.06 -4.38 -1.50
N HIS A 26 8.81 -3.32 -1.78
CA HIS A 26 9.69 -2.69 -0.79
C HIS A 26 8.86 -2.21 0.41
N LEU A 27 7.76 -1.52 0.14
CA LEU A 27 6.80 -1.11 1.16
C LEU A 27 6.21 -2.32 1.90
N ALA A 28 5.84 -3.38 1.19
CA ALA A 28 5.18 -4.57 1.69
C ALA A 28 5.92 -5.14 2.90
N GLY A 29 7.24 -5.31 2.80
CA GLY A 29 8.05 -5.73 3.95
C GLY A 29 7.98 -4.73 5.09
N GLU A 30 8.07 -3.43 4.77
CA GLU A 30 8.04 -2.38 5.78
C GLU A 30 6.68 -2.28 6.50
N LEU A 31 5.61 -2.87 5.93
CA LEU A 31 4.28 -2.97 6.54
C LEU A 31 4.16 -4.15 7.51
N GLY A 32 5.26 -4.56 8.15
CA GLY A 32 5.31 -5.70 9.04
C GLY A 32 4.72 -6.99 8.48
N TYR A 33 4.78 -7.18 7.16
CA TYR A 33 4.29 -8.36 6.49
C TYR A 33 5.50 -9.10 5.93
N GLN A 34 5.80 -10.24 6.54
CA GLN A 34 6.91 -11.14 6.19
C GLN A 34 6.90 -11.48 4.69
N PRO A 35 8.03 -11.91 4.09
CA PRO A 35 8.11 -12.13 2.65
C PRO A 35 7.12 -13.16 2.11
N GLU A 36 6.57 -14.05 2.94
CA GLU A 36 5.53 -14.99 2.56
C GLU A 36 4.27 -14.25 2.06
N HIS A 37 3.95 -13.11 2.67
CA HIS A 37 2.84 -12.26 2.25
C HIS A 37 3.18 -11.65 0.90
N ILE A 38 4.39 -11.10 0.79
CA ILE A 38 4.86 -10.35 -0.37
C ILE A 38 4.85 -11.28 -1.58
N ASP A 39 5.31 -12.52 -1.42
CA ASP A 39 5.25 -13.55 -2.45
C ASP A 39 3.79 -13.78 -2.85
N SER A 40 2.91 -14.03 -1.88
CA SER A 40 1.58 -14.49 -2.24
C SER A 40 0.72 -13.34 -2.79
N PHE A 41 1.17 -12.09 -2.64
CA PHE A 41 0.51 -10.93 -3.22
C PHE A 41 1.04 -10.67 -4.62
N THR A 42 2.29 -11.01 -4.93
CA THR A 42 2.75 -10.97 -6.32
C THR A 42 2.28 -12.21 -7.11
N HIS A 43 1.75 -13.24 -6.43
CA HIS A 43 1.07 -14.37 -7.04
C HIS A 43 -0.42 -14.06 -7.27
N GLU A 44 -1.10 -13.36 -6.36
CA GLU A 44 -2.47 -12.93 -6.61
C GLU A 44 -2.62 -12.10 -7.90
N ALA A 45 -3.87 -11.89 -8.31
CA ALA A 45 -4.27 -11.30 -9.59
C ALA A 45 -3.55 -9.99 -9.88
N CYS A 46 -3.53 -9.07 -8.91
CA CYS A 46 -2.58 -7.98 -8.81
C CYS A 46 -2.33 -7.76 -7.32
N PRO A 47 -1.08 -7.49 -6.89
CA PRO A 47 -0.73 -7.17 -5.51
C PRO A 47 -1.57 -6.01 -5.03
N VAL A 48 -1.26 -4.77 -5.42
CA VAL A 48 -1.90 -3.56 -4.91
C VAL A 48 -3.43 -3.65 -4.73
N ARG A 49 -4.17 -4.38 -5.58
CA ARG A 49 -5.61 -4.56 -5.34
C ARG A 49 -5.85 -5.41 -4.09
N ALA A 50 -5.39 -6.66 -4.05
CA ALA A 50 -5.67 -7.51 -2.90
C ALA A 50 -4.81 -7.15 -1.69
N LEU A 51 -3.78 -6.33 -1.88
CA LEU A 51 -2.89 -5.81 -0.85
C LEU A 51 -3.67 -4.84 0.00
N LEU A 52 -4.36 -3.88 -0.63
CA LEU A 52 -5.05 -2.82 0.11
C LEU A 52 -6.38 -3.34 0.66
N ALA A 53 -6.92 -4.43 0.11
CA ALA A 53 -8.04 -5.14 0.75
C ALA A 53 -7.57 -5.95 1.97
N SER A 54 -6.43 -6.63 1.88
CA SER A 54 -6.02 -7.63 2.86
C SER A 54 -5.21 -7.01 3.99
N TRP A 55 -4.21 -6.17 3.68
CA TRP A 55 -3.53 -5.37 4.69
C TRP A 55 -4.56 -4.57 5.49
N GLY A 56 -5.65 -4.14 4.84
CA GLY A 56 -6.74 -3.42 5.46
C GLY A 56 -7.57 -4.24 6.45
N ALA A 57 -7.30 -5.55 6.62
CA ALA A 57 -7.86 -6.31 7.74
C ALA A 57 -7.19 -5.93 9.07
N GLN A 58 -5.98 -5.36 9.03
CA GLN A 58 -5.31 -4.84 10.22
C GLN A 58 -5.94 -3.47 10.49
N ASP A 59 -6.58 -3.26 11.65
CA ASP A 59 -7.27 -1.99 11.94
C ASP A 59 -6.32 -0.79 11.89
N SER A 60 -5.05 -1.01 12.21
CA SER A 60 -3.98 -0.04 12.18
C SER A 60 -3.59 0.38 10.76
N ALA A 61 -4.18 -0.21 9.71
CA ALA A 61 -3.90 0.08 8.30
C ALA A 61 -4.51 1.42 7.87
N THR A 62 -4.26 2.50 8.59
CA THR A 62 -4.73 3.82 8.20
C THR A 62 -3.99 4.29 6.94
N LEU A 63 -4.41 5.42 6.35
CA LEU A 63 -3.62 6.01 5.28
C LEU A 63 -2.22 6.34 5.84
N ASP A 64 -2.15 6.80 7.09
CA ASP A 64 -0.94 7.30 7.74
C ASP A 64 0.06 6.17 7.98
N ALA A 65 -0.42 4.93 8.01
CA ALA A 65 0.40 3.76 8.26
C ALA A 65 1.15 3.41 6.98
N LEU A 66 0.44 3.35 5.86
CA LEU A 66 1.06 3.05 4.57
C LEU A 66 1.97 4.21 4.18
N LEU A 67 1.51 5.43 4.44
CA LEU A 67 2.22 6.66 4.17
C LEU A 67 3.55 6.67 4.91
N ALA A 68 3.56 6.35 6.22
CA ALA A 68 4.79 6.31 6.99
C ALA A 68 5.66 5.13 6.54
N ALA A 69 5.08 3.97 6.22
CA ALA A 69 5.84 2.86 5.72
C ALA A 69 6.57 3.24 4.42
N LEU A 70 5.92 3.94 3.49
CA LEU A 70 6.59 4.53 2.33
C LEU A 70 7.66 5.54 2.73
N ARG A 71 7.36 6.35 3.74
CA ARG A 71 8.26 7.38 4.25
C ARG A 71 9.57 6.76 4.74
N ARG A 72 9.58 5.50 5.22
CA ARG A 72 10.78 4.76 5.64
C ARG A 72 11.76 4.71 4.46
N ILE A 73 11.24 4.28 3.31
CA ILE A 73 11.97 3.93 2.10
C ILE A 73 12.16 5.16 1.21
N GLN A 74 11.95 6.35 1.78
CA GLN A 74 12.00 7.64 1.11
C GLN A 74 11.08 7.68 -0.12
N ARG A 75 10.07 6.81 -0.20
CA ARG A 75 9.04 6.90 -1.26
C ARG A 75 8.03 7.98 -0.88
N ALA A 76 8.56 9.17 -0.61
CA ALA A 76 7.82 10.38 -0.36
C ALA A 76 7.15 10.85 -1.64
N ASP A 77 7.63 10.41 -2.80
CA ASP A 77 6.99 10.54 -4.10
C ASP A 77 5.53 10.05 -4.03
N ILE A 78 5.30 8.77 -3.70
CA ILE A 78 3.95 8.22 -3.67
C ILE A 78 3.19 8.82 -2.49
N VAL A 79 3.85 9.10 -1.37
CA VAL A 79 3.17 9.64 -0.21
C VAL A 79 2.54 11.00 -0.56
N GLU A 80 3.36 11.94 -1.05
CA GLU A 80 2.91 13.29 -1.37
C GLU A 80 1.83 13.23 -2.47
N SER A 81 1.88 12.24 -3.37
CA SER A 81 0.82 11.98 -4.34
C SER A 81 -0.43 11.47 -3.62
N LEU A 82 -0.31 10.58 -2.64
CA LEU A 82 -1.41 10.10 -1.81
C LEU A 82 -2.15 11.29 -1.18
N CYS A 83 -1.41 12.32 -0.79
CA CYS A 83 -1.91 13.58 -0.29
C CYS A 83 -2.54 14.48 -1.39
N SER A 84 -1.96 14.53 -2.60
CA SER A 84 -2.18 15.65 -3.54
C SER A 84 -2.47 15.29 -5.01
N GLU A 85 -2.02 14.16 -5.55
CA GLU A 85 -2.30 13.70 -6.92
C GLU A 85 -2.78 12.27 -6.78
N GLY A 1 -5.44 9.81 10.17
CA GLY A 1 -6.26 10.13 8.99
C GLY A 1 -7.40 9.14 8.87
N ASN A 2 -7.87 8.88 7.65
CA ASN A 2 -8.77 7.75 7.38
C ASN A 2 -7.98 6.45 7.29
N LEU A 3 -8.67 5.30 7.37
CA LEU A 3 -8.09 4.04 6.93
C LEU A 3 -7.79 4.09 5.43
N TYR A 4 -7.22 3.00 4.91
CA TYR A 4 -6.72 3.04 3.54
C TYR A 4 -7.86 2.76 2.59
N SER A 5 -8.45 1.59 2.70
CA SER A 5 -9.56 1.13 1.87
C SER A 5 -10.89 1.78 2.29
N SER A 6 -10.85 2.65 3.32
CA SER A 6 -11.92 3.59 3.64
C SER A 6 -12.26 4.42 2.41
N LEU A 7 -11.25 4.90 1.66
CA LEU A 7 -11.38 5.38 0.29
C LEU A 7 -11.86 4.23 -0.62
N PRO A 8 -13.13 4.19 -1.07
CA PRO A 8 -13.59 3.16 -1.99
C PRO A 8 -13.37 3.55 -3.47
N LEU A 9 -12.89 4.77 -3.71
CA LEU A 9 -13.02 5.44 -5.01
C LEU A 9 -11.80 5.08 -5.85
N THR A 10 -11.86 5.40 -7.14
CA THR A 10 -10.85 5.07 -8.15
C THR A 10 -9.50 5.76 -7.91
N LYS A 11 -9.32 6.55 -6.85
CA LYS A 11 -7.97 6.83 -6.37
C LYS A 11 -7.21 5.51 -6.15
N ARG A 12 -7.80 4.41 -5.66
CA ARG A 12 -7.06 3.15 -5.62
C ARG A 12 -6.58 2.63 -6.99
N GLU A 13 -7.18 3.02 -8.11
CA GLU A 13 -6.57 2.81 -9.44
C GLU A 13 -5.30 3.65 -9.53
N GLU A 14 -5.38 4.90 -9.09
CA GLU A 14 -4.22 5.76 -8.97
C GLU A 14 -3.17 5.19 -8.00
N VAL A 15 -3.55 4.34 -7.04
CA VAL A 15 -2.55 3.69 -6.19
C VAL A 15 -1.84 2.59 -6.97
N GLU A 16 -2.48 1.87 -7.90
CA GLU A 16 -1.73 0.98 -8.79
C GLU A 16 -0.71 1.76 -9.64
N LYS A 17 -1.04 3.01 -10.01
CA LYS A 17 -0.08 3.93 -10.62
C LYS A 17 1.01 4.39 -9.64
N LEU A 18 0.67 4.69 -8.38
CA LEU A 18 1.62 5.24 -7.42
C LEU A 18 2.49 4.16 -6.78
N LEU A 19 1.89 3.21 -6.07
CA LEU A 19 2.52 2.06 -5.40
C LEU A 19 2.97 1.06 -6.45
N ASN A 20 3.88 1.51 -7.31
CA ASN A 20 4.38 0.87 -8.51
C ASN A 20 4.93 -0.53 -8.26
N GLY A 21 5.16 -1.26 -9.36
CA GLY A 21 5.83 -2.56 -9.40
C GLY A 21 7.31 -2.45 -9.07
N ASP A 22 7.61 -2.13 -7.81
CA ASP A 22 8.88 -2.24 -7.10
C ASP A 22 8.63 -1.78 -5.66
N THR A 23 8.17 -0.53 -5.51
CA THR A 23 8.03 0.05 -4.19
C THR A 23 6.99 -0.74 -3.41
N TRP A 24 5.88 -1.14 -4.05
CA TRP A 24 4.86 -1.88 -3.34
C TRP A 24 5.54 -3.09 -2.63
N ARG A 25 6.32 -3.90 -3.36
CA ARG A 25 7.16 -5.00 -2.86
C ARG A 25 7.93 -4.69 -1.60
N HIS A 26 8.62 -3.55 -1.58
CA HIS A 26 9.32 -3.10 -0.38
C HIS A 26 8.27 -2.91 0.71
N LEU A 27 7.33 -1.99 0.45
CA LEU A 27 6.32 -1.50 1.36
C LEU A 27 5.54 -2.62 2.03
N ALA A 28 5.21 -3.67 1.30
CA ALA A 28 4.57 -4.89 1.79
C ALA A 28 5.31 -5.39 3.05
N GLY A 29 6.64 -5.49 3.00
CA GLY A 29 7.50 -5.81 4.12
C GLY A 29 7.50 -4.72 5.20
N GLU A 30 7.61 -3.43 4.84
CA GLU A 30 7.50 -2.36 5.84
C GLU A 30 6.13 -2.38 6.55
N LEU A 31 5.11 -2.98 5.94
CA LEU A 31 3.77 -3.19 6.48
C LEU A 31 3.62 -4.53 7.20
N GLY A 32 4.70 -5.06 7.75
CA GLY A 32 4.71 -6.25 8.58
C GLY A 32 4.06 -7.49 7.97
N TYR A 33 4.27 -7.75 6.69
CA TYR A 33 3.95 -9.03 6.08
C TYR A 33 5.28 -9.74 5.80
N GLN A 34 5.40 -10.98 6.28
CA GLN A 34 6.56 -11.83 6.02
C GLN A 34 6.86 -11.90 4.51
N PRO A 35 8.08 -12.24 4.09
CA PRO A 35 8.46 -12.16 2.68
C PRO A 35 7.75 -13.21 1.83
N GLU A 36 7.32 -14.32 2.43
CA GLU A 36 6.51 -15.35 1.80
C GLU A 36 5.14 -14.77 1.44
N HIS A 37 4.54 -13.95 2.31
CA HIS A 37 3.30 -13.26 2.00
C HIS A 37 3.50 -12.18 0.94
N ILE A 38 4.62 -11.45 0.99
CA ILE A 38 4.91 -10.50 -0.08
C ILE A 38 4.97 -11.24 -1.42
N ASP A 39 5.59 -12.42 -1.47
CA ASP A 39 5.61 -13.16 -2.73
C ASP A 39 4.23 -13.72 -3.07
N SER A 40 3.43 -14.09 -2.07
CA SER A 40 2.05 -14.54 -2.32
C SER A 40 1.15 -13.39 -2.77
N PHE A 41 1.60 -12.15 -2.66
CA PHE A 41 0.78 -11.00 -3.03
C PHE A 41 0.98 -10.73 -4.51
N THR A 42 2.14 -11.04 -5.07
CA THR A 42 2.34 -10.95 -6.51
C THR A 42 1.85 -12.23 -7.24
N HIS A 43 1.50 -13.30 -6.50
CA HIS A 43 0.85 -14.50 -7.03
C HIS A 43 -0.67 -14.38 -6.97
N GLU A 44 -1.20 -13.80 -5.90
CA GLU A 44 -2.60 -13.44 -5.74
C GLU A 44 -2.99 -12.46 -6.87
N ALA A 45 -4.30 -12.20 -7.02
CA ALA A 45 -4.93 -11.68 -8.23
C ALA A 45 -4.13 -10.55 -8.90
N CYS A 46 -3.81 -9.52 -8.13
CA CYS A 46 -2.72 -8.58 -8.36
C CYS A 46 -2.21 -8.16 -6.97
N PRO A 47 -0.95 -7.68 -6.84
CA PRO A 47 -0.40 -7.14 -5.60
C PRO A 47 -1.27 -6.01 -5.08
N VAL A 48 -1.11 -4.76 -5.53
CA VAL A 48 -1.89 -3.62 -5.04
C VAL A 48 -3.39 -3.94 -4.85
N ARG A 49 -4.04 -4.73 -5.72
CA ARG A 49 -5.42 -5.17 -5.46
C ARG A 49 -5.56 -5.98 -4.17
N ALA A 50 -4.90 -7.13 -4.03
CA ALA A 50 -5.09 -7.96 -2.84
C ALA A 50 -4.35 -7.38 -1.63
N LEU A 51 -3.47 -6.40 -1.84
CA LEU A 51 -2.68 -5.72 -0.84
C LEU A 51 -3.56 -4.72 -0.12
N LEU A 52 -4.34 -3.93 -0.84
CA LEU A 52 -5.20 -2.94 -0.19
C LEU A 52 -6.44 -3.65 0.37
N ALA A 53 -6.84 -4.79 -0.21
CA ALA A 53 -7.90 -5.62 0.35
C ALA A 53 -7.46 -6.27 1.68
N SER A 54 -6.22 -6.75 1.77
CA SER A 54 -5.74 -7.51 2.91
C SER A 54 -5.18 -6.54 3.96
N TRP A 55 -4.28 -5.64 3.56
CA TRP A 55 -3.66 -4.73 4.52
C TRP A 55 -4.71 -3.84 5.18
N GLY A 56 -5.74 -3.44 4.44
CA GLY A 56 -6.79 -2.57 4.96
C GLY A 56 -7.60 -3.19 6.11
N ALA A 57 -7.40 -4.48 6.42
CA ALA A 57 -7.98 -5.18 7.56
C ALA A 57 -7.06 -5.19 8.80
N GLN A 58 -5.79 -4.80 8.68
CA GLN A 58 -4.83 -4.92 9.77
C GLN A 58 -5.01 -3.76 10.78
N ASP A 59 -4.30 -3.86 11.90
CA ASP A 59 -4.33 -2.93 13.03
C ASP A 59 -4.18 -1.48 12.59
N SER A 60 -5.32 -0.78 12.55
CA SER A 60 -5.43 0.65 12.32
C SER A 60 -4.63 1.09 11.08
N ALA A 61 -4.82 0.34 9.99
CA ALA A 61 -4.30 0.49 8.64
C ALA A 61 -4.70 1.83 8.00
N THR A 62 -4.23 2.92 8.59
CA THR A 62 -4.45 4.30 8.19
C THR A 62 -3.75 4.60 6.88
N LEU A 63 -4.19 5.65 6.19
CA LEU A 63 -3.36 6.25 5.16
C LEU A 63 -2.01 6.61 5.77
N ASP A 64 -2.04 7.12 7.00
CA ASP A 64 -0.92 7.67 7.75
C ASP A 64 0.07 6.57 8.14
N ALA A 65 -0.37 5.31 8.19
CA ALA A 65 0.45 4.15 8.45
C ALA A 65 1.20 3.80 7.17
N LEU A 66 0.47 3.63 6.07
CA LEU A 66 1.08 3.27 4.78
C LEU A 66 2.04 4.37 4.33
N LEU A 67 1.68 5.62 4.55
CA LEU A 67 2.48 6.79 4.28
C LEU A 67 3.78 6.75 5.10
N ALA A 68 3.70 6.37 6.37
CA ALA A 68 4.87 6.30 7.25
C ALA A 68 5.78 5.14 6.87
N ALA A 69 5.20 4.00 6.51
CA ALA A 69 5.90 2.86 5.97
C ALA A 69 6.63 3.31 4.70
N LEU A 70 5.94 3.95 3.75
CA LEU A 70 6.56 4.50 2.55
C LEU A 70 7.71 5.46 2.86
N ARG A 71 7.55 6.26 3.91
CA ARG A 71 8.55 7.25 4.27
C ARG A 71 9.84 6.52 4.71
N ARG A 72 9.78 5.29 5.27
CA ARG A 72 10.98 4.48 5.49
C ARG A 72 11.80 4.35 4.21
N ILE A 73 11.14 4.10 3.07
CA ILE A 73 11.78 3.75 1.80
C ILE A 73 12.12 5.01 1.01
N GLN A 74 11.99 6.19 1.62
CA GLN A 74 12.20 7.51 1.03
C GLN A 74 11.44 7.68 -0.30
N ARG A 75 10.40 6.88 -0.53
CA ARG A 75 9.61 6.90 -1.76
C ARG A 75 8.52 7.96 -1.56
N ALA A 76 8.99 9.20 -1.49
CA ALA A 76 8.20 10.35 -1.09
C ALA A 76 7.26 10.82 -2.18
N ASP A 77 7.57 10.48 -3.42
CA ASP A 77 6.77 10.65 -4.62
C ASP A 77 5.38 10.04 -4.39
N ILE A 78 5.34 8.78 -3.95
CA ILE A 78 4.08 8.11 -3.72
C ILE A 78 3.34 8.75 -2.56
N VAL A 79 4.02 9.09 -1.48
CA VAL A 79 3.39 9.65 -0.29
C VAL A 79 2.70 10.98 -0.62
N GLU A 80 3.45 11.94 -1.16
CA GLU A 80 2.90 13.23 -1.47
C GLU A 80 1.77 13.08 -2.50
N SER A 81 1.91 12.21 -3.52
CA SER A 81 0.85 12.02 -4.49
C SER A 81 -0.35 11.29 -3.90
N LEU A 82 -0.10 10.45 -2.89
CA LEU A 82 -1.14 9.83 -2.07
C LEU A 82 -2.06 10.88 -1.49
N CYS A 83 -1.53 12.03 -1.03
CA CYS A 83 -2.37 13.19 -0.77
C CYS A 83 -2.94 13.69 -2.10
N SER A 84 -2.09 14.12 -3.03
CA SER A 84 -2.49 14.59 -4.35
C SER A 84 -1.28 14.69 -5.29
N GLU A 85 -0.37 15.55 -4.87
CA GLU A 85 0.76 16.17 -5.49
C GLU A 85 1.25 17.06 -4.33
N GLY A 1 -5.06 10.73 8.75
CA GLY A 1 -5.49 10.00 9.95
C GLY A 1 -6.77 9.28 9.63
N ASN A 2 -6.68 8.16 8.94
CA ASN A 2 -7.80 7.47 8.27
C ASN A 2 -7.31 6.05 8.04
N LEU A 3 -8.14 4.99 8.03
CA LEU A 3 -7.68 3.75 7.42
C LEU A 3 -7.39 3.95 5.94
N TYR A 4 -6.91 2.90 5.28
CA TYR A 4 -6.83 2.88 3.83
C TYR A 4 -8.04 2.18 3.24
N SER A 5 -8.50 1.09 3.85
CA SER A 5 -9.72 0.38 3.43
C SER A 5 -10.97 1.28 3.46
N SER A 6 -10.93 2.38 4.21
CA SER A 6 -11.94 3.42 4.17
C SER A 6 -12.14 3.97 2.74
N LEU A 7 -11.07 4.19 1.97
CA LEU A 7 -11.08 4.29 0.51
C LEU A 7 -11.53 2.99 -0.19
N PRO A 8 -12.74 2.88 -0.78
CA PRO A 8 -13.01 1.86 -1.80
C PRO A 8 -12.69 2.35 -3.23
N LEU A 9 -12.54 3.66 -3.44
CA LEU A 9 -12.69 4.29 -4.76
C LEU A 9 -11.51 3.97 -5.69
N THR A 10 -11.69 4.30 -6.98
CA THR A 10 -10.76 4.22 -8.10
C THR A 10 -9.40 4.90 -7.87
N LYS A 11 -9.21 5.59 -6.74
CA LYS A 11 -7.89 5.92 -6.23
C LYS A 11 -6.97 4.70 -6.25
N ARG A 12 -7.45 3.48 -5.93
CA ARG A 12 -6.63 2.28 -6.01
C ARG A 12 -5.98 2.11 -7.38
N GLU A 13 -6.65 2.50 -8.45
CA GLU A 13 -6.17 2.35 -9.82
C GLU A 13 -5.00 3.29 -10.07
N GLU A 14 -5.12 4.53 -9.60
CA GLU A 14 -4.01 5.46 -9.53
C GLU A 14 -2.87 4.91 -8.66
N VAL A 15 -3.20 4.20 -7.59
CA VAL A 15 -2.18 3.77 -6.65
C VAL A 15 -1.44 2.54 -7.19
N GLU A 16 -2.07 1.69 -8.01
CA GLU A 16 -1.34 0.70 -8.81
C GLU A 16 -0.28 1.38 -9.69
N LYS A 17 -0.59 2.57 -10.22
CA LYS A 17 0.40 3.39 -10.93
C LYS A 17 1.46 3.92 -9.96
N LEU A 18 1.09 4.35 -8.73
CA LEU A 18 2.02 4.99 -7.80
C LEU A 18 2.91 4.01 -7.03
N LEU A 19 2.31 3.11 -6.23
CA LEU A 19 2.94 2.01 -5.51
C LEU A 19 3.31 0.97 -6.56
N ASN A 20 4.18 1.34 -7.50
CA ASN A 20 4.37 0.63 -8.77
C ASN A 20 4.99 -0.76 -8.56
N GLY A 21 5.02 -1.58 -9.62
CA GLY A 21 5.33 -3.00 -9.61
C GLY A 21 6.81 -3.30 -9.36
N ASP A 22 7.26 -3.02 -8.15
CA ASP A 22 8.55 -3.31 -7.54
C ASP A 22 8.60 -2.63 -6.18
N THR A 23 8.41 -1.30 -6.18
CA THR A 23 8.51 -0.51 -4.97
C THR A 23 7.46 -0.98 -3.95
N TRP A 24 6.27 -1.37 -4.41
CA TRP A 24 5.25 -1.91 -3.53
C TRP A 24 5.82 -3.04 -2.68
N ARG A 25 6.49 -4.07 -3.23
CA ARG A 25 7.17 -5.14 -2.49
C ARG A 25 7.92 -4.62 -1.25
N HIS A 26 8.79 -3.65 -1.49
CA HIS A 26 9.65 -3.07 -0.47
C HIS A 26 8.80 -2.47 0.65
N LEU A 27 7.78 -1.69 0.28
CA LEU A 27 6.81 -1.15 1.21
C LEU A 27 6.04 -2.26 1.94
N ALA A 28 5.57 -3.27 1.22
CA ALA A 28 4.83 -4.41 1.74
C ALA A 28 5.58 -5.06 2.91
N GLY A 29 6.88 -5.32 2.76
CA GLY A 29 7.71 -5.82 3.86
C GLY A 29 7.71 -4.83 5.04
N GLU A 30 7.89 -3.55 4.74
CA GLU A 30 7.90 -2.48 5.74
C GLU A 30 6.53 -2.30 6.42
N LEU A 31 5.44 -2.86 5.87
CA LEU A 31 4.09 -2.81 6.43
C LEU A 31 3.82 -3.96 7.42
N GLY A 32 4.87 -4.45 8.09
CA GLY A 32 4.80 -5.57 9.03
C GLY A 32 4.14 -6.82 8.48
N TYR A 33 4.47 -7.20 7.24
CA TYR A 33 4.07 -8.45 6.63
C TYR A 33 5.35 -9.15 6.17
N GLN A 34 5.64 -10.31 6.77
CA GLN A 34 6.82 -11.14 6.48
C GLN A 34 6.97 -11.45 4.98
N PRO A 35 8.16 -11.82 4.46
CA PRO A 35 8.37 -12.06 3.03
C PRO A 35 7.40 -13.07 2.40
N GLU A 36 6.88 -14.03 3.17
CA GLU A 36 5.90 -15.01 2.73
C GLU A 36 4.64 -14.35 2.20
N HIS A 37 4.21 -13.24 2.84
CA HIS A 37 3.05 -12.49 2.44
C HIS A 37 3.34 -11.81 1.10
N ILE A 38 4.56 -11.30 0.92
CA ILE A 38 4.93 -10.46 -0.21
C ILE A 38 4.73 -11.26 -1.49
N ASP A 39 5.24 -12.50 -1.48
CA ASP A 39 5.06 -13.44 -2.61
C ASP A 39 3.59 -13.77 -2.79
N SER A 40 2.89 -14.04 -1.68
CA SER A 40 1.47 -14.37 -1.67
C SER A 40 0.56 -13.19 -2.04
N PHE A 41 1.09 -11.98 -2.24
CA PHE A 41 0.38 -10.77 -2.68
C PHE A 41 0.59 -10.49 -4.16
N THR A 42 1.72 -10.91 -4.74
CA THR A 42 1.92 -10.81 -6.18
C THR A 42 1.18 -11.94 -6.92
N HIS A 43 0.46 -12.80 -6.21
CA HIS A 43 -0.34 -13.90 -6.75
C HIS A 43 -1.67 -13.39 -7.32
N GLU A 44 -2.33 -12.43 -6.67
CA GLU A 44 -3.60 -11.90 -7.15
C GLU A 44 -3.44 -11.22 -8.52
N ALA A 45 -4.58 -10.91 -9.14
CA ALA A 45 -4.67 -10.29 -10.46
C ALA A 45 -3.71 -9.11 -10.60
N CYS A 46 -3.70 -8.21 -9.62
CA CYS A 46 -2.60 -7.30 -9.34
C CYS A 46 -2.45 -7.20 -7.81
N PRO A 47 -1.23 -7.02 -7.27
CA PRO A 47 -0.96 -6.81 -5.85
C PRO A 47 -1.74 -5.62 -5.32
N VAL A 48 -1.31 -4.41 -5.64
CA VAL A 48 -1.74 -3.16 -5.03
C VAL A 48 -3.26 -3.07 -4.76
N ARG A 49 -4.13 -3.54 -5.65
CA ARG A 49 -5.55 -3.61 -5.37
C ARG A 49 -5.86 -4.54 -4.19
N ALA A 50 -5.52 -5.83 -4.25
CA ALA A 50 -5.87 -6.74 -3.15
C ALA A 50 -4.96 -6.55 -1.92
N LEU A 51 -3.88 -5.82 -2.08
CA LEU A 51 -2.88 -5.51 -1.06
C LEU A 51 -3.48 -4.49 -0.11
N LEU A 52 -4.02 -3.42 -0.66
CA LEU A 52 -4.52 -2.30 0.12
C LEU A 52 -5.91 -2.61 0.67
N ALA A 53 -6.61 -3.60 0.11
CA ALA A 53 -7.79 -4.18 0.73
C ALA A 53 -7.40 -5.07 1.92
N SER A 54 -6.34 -5.87 1.79
CA SER A 54 -6.04 -6.96 2.73
C SER A 54 -5.20 -6.43 3.89
N TRP A 55 -4.12 -5.69 3.62
CA TRP A 55 -3.42 -4.95 4.66
C TRP A 55 -4.41 -4.01 5.36
N GLY A 56 -5.31 -3.39 4.60
CA GLY A 56 -6.34 -2.49 5.11
C GLY A 56 -7.39 -3.16 6.00
N ALA A 57 -7.36 -4.50 6.16
CA ALA A 57 -8.21 -5.20 7.12
C ALA A 57 -7.57 -5.28 8.51
N GLN A 58 -6.27 -4.99 8.65
CA GLN A 58 -5.63 -4.94 9.95
C GLN A 58 -6.09 -3.65 10.63
N ASP A 59 -6.76 -3.74 11.78
CA ASP A 59 -7.14 -2.58 12.58
C ASP A 59 -5.88 -1.94 13.16
N SER A 60 -5.44 -0.84 12.53
CA SER A 60 -4.25 0.00 12.70
C SER A 60 -3.67 0.39 11.33
N ALA A 61 -4.11 -0.23 10.23
CA ALA A 61 -3.70 0.01 8.86
C ALA A 61 -4.20 1.37 8.34
N THR A 62 -3.72 2.44 8.97
CA THR A 62 -4.02 3.78 8.56
C THR A 62 -3.37 4.06 7.22
N LEU A 63 -3.85 5.03 6.45
CA LEU A 63 -3.07 5.48 5.32
C LEU A 63 -1.79 6.12 5.86
N ASP A 64 -1.84 6.64 7.08
CA ASP A 64 -0.73 7.27 7.80
C ASP A 64 0.33 6.23 8.20
N ALA A 65 -0.03 4.95 8.27
CA ALA A 65 0.90 3.83 8.53
C ALA A 65 1.61 3.51 7.22
N LEU A 66 0.85 3.34 6.14
CA LEU A 66 1.43 3.04 4.83
C LEU A 66 2.33 4.18 4.36
N LEU A 67 1.90 5.41 4.60
CA LEU A 67 2.63 6.63 4.32
C LEU A 67 3.93 6.66 5.10
N ALA A 68 3.90 6.28 6.39
CA ALA A 68 5.09 6.24 7.22
C ALA A 68 6.05 5.15 6.75
N ALA A 69 5.53 3.98 6.39
CA ALA A 69 6.32 2.92 5.81
C ALA A 69 6.95 3.43 4.50
N LEU A 70 6.20 4.10 3.62
CA LEU A 70 6.77 4.77 2.45
C LEU A 70 7.89 5.74 2.82
N ARG A 71 7.72 6.51 3.88
CA ARG A 71 8.72 7.44 4.34
C ARG A 71 10.01 6.71 4.75
N ARG A 72 9.95 5.46 5.22
CA ARG A 72 11.14 4.69 5.57
C ARG A 72 11.98 4.36 4.35
N ILE A 73 11.38 4.05 3.19
CA ILE A 73 12.14 3.92 1.94
C ILE A 73 12.25 5.27 1.23
N GLN A 74 11.91 6.34 1.94
CA GLN A 74 11.88 7.73 1.51
C GLN A 74 11.09 7.94 0.21
N ARG A 75 10.21 7.02 -0.16
CA ARG A 75 9.36 7.10 -1.37
C ARG A 75 8.15 7.98 -1.10
N ALA A 76 8.45 9.22 -0.74
CA ALA A 76 7.51 10.26 -0.39
C ALA A 76 6.80 10.80 -1.64
N ASP A 77 7.38 10.60 -2.81
CA ASP A 77 6.76 10.82 -4.12
C ASP A 77 5.42 10.07 -4.22
N ILE A 78 5.37 8.85 -3.67
CA ILE A 78 4.12 8.10 -3.65
C ILE A 78 3.19 8.67 -2.57
N VAL A 79 3.70 9.15 -1.43
CA VAL A 79 2.89 9.73 -0.37
C VAL A 79 2.14 10.97 -0.87
N GLU A 80 2.87 11.93 -1.44
CA GLU A 80 2.27 13.19 -1.87
C GLU A 80 1.19 12.94 -2.93
N SER A 81 1.44 11.99 -3.85
CA SER A 81 0.48 11.65 -4.89
C SER A 81 -0.67 10.78 -4.34
N LEU A 82 -0.40 10.00 -3.30
CA LEU A 82 -1.41 9.24 -2.56
C LEU A 82 -2.53 10.14 -2.09
N CYS A 83 -2.23 11.37 -1.66
CA CYS A 83 -3.30 12.34 -1.51
C CYS A 83 -3.63 12.89 -2.91
N SER A 84 -2.66 13.55 -3.57
CA SER A 84 -2.73 14.36 -4.79
C SER A 84 -3.71 15.56 -4.64
N GLU A 85 -4.75 15.40 -3.82
CA GLU A 85 -5.82 16.31 -3.44
C GLU A 85 -5.98 16.07 -1.93
N GLY A 1 -8.26 2.38 12.10
CA GLY A 1 -8.35 3.86 12.10
C GLY A 1 -8.86 4.36 10.76
N ASN A 2 -8.45 5.56 10.34
CA ASN A 2 -8.86 6.14 9.05
C ASN A 2 -7.99 5.47 7.99
N LEU A 3 -8.46 4.34 7.46
CA LEU A 3 -7.62 3.54 6.57
C LEU A 3 -7.23 4.27 5.30
N TYR A 4 -6.43 3.57 4.51
CA TYR A 4 -6.15 3.88 3.13
C TYR A 4 -7.33 3.48 2.27
N SER A 5 -7.72 2.21 2.37
CA SER A 5 -8.88 1.58 1.75
C SER A 5 -10.21 2.12 2.31
N SER A 6 -10.17 3.04 3.28
CA SER A 6 -11.36 3.73 3.78
C SER A 6 -12.01 4.48 2.63
N LEU A 7 -11.23 5.18 1.80
CA LEU A 7 -11.59 5.59 0.45
C LEU A 7 -11.85 4.34 -0.39
N PRO A 8 -13.10 3.99 -0.75
CA PRO A 8 -13.39 2.80 -1.54
C PRO A 8 -13.39 3.08 -3.05
N LEU A 9 -13.13 4.32 -3.45
CA LEU A 9 -13.43 4.85 -4.78
C LEU A 9 -12.15 4.93 -5.62
N THR A 10 -12.28 5.36 -6.87
CA THR A 10 -11.29 5.42 -7.95
C THR A 10 -9.96 6.09 -7.57
N LYS A 11 -9.88 6.80 -6.43
CA LYS A 11 -8.61 7.20 -5.85
C LYS A 11 -7.72 5.97 -5.62
N ARG A 12 -8.23 4.79 -5.20
CA ARG A 12 -7.37 3.61 -5.19
C ARG A 12 -6.74 3.36 -6.54
N GLU A 13 -7.48 3.41 -7.65
CA GLU A 13 -6.95 3.04 -8.98
C GLU A 13 -5.75 3.91 -9.34
N GLU A 14 -5.87 5.22 -9.11
CA GLU A 14 -4.81 6.19 -9.26
C GLU A 14 -3.57 5.82 -8.46
N VAL A 15 -3.74 5.51 -7.17
CA VAL A 15 -2.60 5.27 -6.30
C VAL A 15 -2.05 3.86 -6.49
N GLU A 16 -2.87 2.88 -6.87
CA GLU A 16 -2.38 1.57 -7.31
C GLU A 16 -1.38 1.74 -8.46
N LYS A 17 -1.63 2.67 -9.39
CA LYS A 17 -0.65 2.98 -10.43
C LYS A 17 0.59 3.69 -9.87
N LEU A 18 0.51 4.34 -8.71
CA LEU A 18 1.65 4.98 -8.04
C LEU A 18 2.48 3.95 -7.26
N LEU A 19 1.85 3.17 -6.36
CA LEU A 19 2.40 1.99 -5.69
C LEU A 19 2.52 0.84 -6.69
N ASN A 20 3.17 1.11 -7.83
CA ASN A 20 3.42 0.23 -8.96
C ASN A 20 4.21 -1.01 -8.55
N GLY A 21 4.27 -2.00 -9.44
CA GLY A 21 5.05 -3.23 -9.38
C GLY A 21 6.56 -2.99 -9.32
N ASP A 22 7.01 -2.45 -8.20
CA ASP A 22 8.36 -2.20 -7.75
C ASP A 22 8.30 -1.68 -6.32
N THR A 23 7.81 -0.45 -6.15
CA THR A 23 7.83 0.24 -4.87
C THR A 23 7.01 -0.55 -3.86
N TRP A 24 5.87 -1.10 -4.29
CA TRP A 24 4.98 -1.82 -3.41
C TRP A 24 5.76 -2.90 -2.64
N ARG A 25 6.52 -3.78 -3.31
CA ARG A 25 7.38 -4.81 -2.71
C ARG A 25 8.18 -4.30 -1.51
N HIS A 26 8.84 -3.14 -1.67
CA HIS A 26 9.69 -2.55 -0.64
C HIS A 26 8.83 -2.30 0.59
N LEU A 27 7.75 -1.55 0.39
CA LEU A 27 6.77 -1.20 1.39
C LEU A 27 6.11 -2.44 2.02
N ALA A 28 5.84 -3.49 1.25
CA ALA A 28 5.12 -4.69 1.66
C ALA A 28 5.68 -5.23 2.98
N GLY A 29 7.01 -5.38 3.09
CA GLY A 29 7.65 -5.84 4.31
C GLY A 29 7.63 -4.81 5.42
N GLU A 30 7.77 -3.53 5.06
CA GLU A 30 7.74 -2.42 6.02
C GLU A 30 6.38 -2.33 6.74
N LEU A 31 5.34 -2.95 6.18
CA LEU A 31 3.98 -3.01 6.72
C LEU A 31 3.71 -4.21 7.62
N GLY A 32 4.76 -4.71 8.29
CA GLY A 32 4.68 -5.86 9.19
C GLY A 32 4.04 -7.10 8.61
N TYR A 33 4.13 -7.30 7.28
CA TYR A 33 3.70 -8.50 6.61
C TYR A 33 4.96 -9.22 6.13
N GLN A 34 5.26 -10.34 6.79
CA GLN A 34 6.42 -11.19 6.55
C GLN A 34 6.54 -11.56 5.04
N PRO A 35 7.73 -11.96 4.53
CA PRO A 35 7.91 -12.22 3.11
C PRO A 35 7.00 -13.31 2.54
N GLU A 36 6.46 -14.20 3.37
CA GLU A 36 5.46 -15.20 2.97
C GLU A 36 4.22 -14.52 2.37
N HIS A 37 3.82 -13.38 2.93
CA HIS A 37 2.73 -12.54 2.42
C HIS A 37 3.19 -11.93 1.10
N ILE A 38 4.38 -11.32 1.09
CA ILE A 38 4.89 -10.50 -0.01
C ILE A 38 4.98 -11.36 -1.26
N ASP A 39 5.59 -12.54 -1.17
CA ASP A 39 5.68 -13.39 -2.35
C ASP A 39 4.31 -13.96 -2.70
N SER A 40 3.41 -14.15 -1.73
CA SER A 40 2.08 -14.68 -2.03
C SER A 40 1.19 -13.61 -2.68
N PHE A 41 1.60 -12.35 -2.66
CA PHE A 41 0.84 -11.23 -3.19
C PHE A 41 1.17 -11.07 -4.67
N THR A 42 2.41 -11.33 -5.06
CA THR A 42 2.79 -11.21 -6.46
C THR A 42 2.35 -12.45 -7.27
N HIS A 43 1.79 -13.47 -6.61
CA HIS A 43 1.17 -14.63 -7.25
C HIS A 43 -0.32 -14.40 -7.50
N GLU A 44 -1.02 -13.76 -6.57
CA GLU A 44 -2.38 -13.29 -6.82
C GLU A 44 -2.56 -12.38 -8.03
N ALA A 45 -3.84 -12.18 -8.37
CA ALA A 45 -4.32 -11.48 -9.55
C ALA A 45 -3.54 -10.19 -9.81
N CYS A 46 -3.38 -9.38 -8.76
CA CYS A 46 -2.34 -8.38 -8.66
C CYS A 46 -1.96 -8.31 -7.18
N PRO A 47 -0.67 -8.03 -6.85
CA PRO A 47 -0.26 -7.62 -5.50
C PRO A 47 -1.07 -6.42 -5.09
N VAL A 48 -0.76 -5.25 -5.62
CA VAL A 48 -1.31 -3.96 -5.22
C VAL A 48 -2.84 -4.01 -4.97
N ARG A 49 -3.62 -4.73 -5.79
CA ARG A 49 -5.07 -4.90 -5.55
C ARG A 49 -5.33 -5.69 -4.29
N ALA A 50 -4.86 -6.95 -4.23
CA ALA A 50 -5.13 -7.77 -3.06
C ALA A 50 -4.37 -7.25 -1.84
N LEU A 51 -3.42 -6.32 -2.02
CA LEU A 51 -2.62 -5.70 -0.99
C LEU A 51 -3.45 -4.65 -0.27
N LEU A 52 -4.24 -3.83 -0.98
CA LEU A 52 -5.03 -2.81 -0.29
C LEU A 52 -6.27 -3.44 0.34
N ALA A 53 -6.72 -4.60 -0.16
CA ALA A 53 -7.76 -5.38 0.51
C ALA A 53 -7.21 -6.10 1.76
N SER A 54 -6.01 -6.68 1.68
CA SER A 54 -5.48 -7.57 2.71
C SER A 54 -4.73 -6.79 3.79
N TRP A 55 -3.84 -5.87 3.40
CA TRP A 55 -3.28 -4.96 4.38
C TRP A 55 -4.41 -4.22 5.09
N GLY A 56 -5.45 -3.81 4.36
CA GLY A 56 -6.58 -3.10 4.92
C GLY A 56 -7.44 -3.92 5.89
N ALA A 57 -7.14 -5.20 6.13
CA ALA A 57 -7.73 -5.98 7.21
C ALA A 57 -7.12 -5.63 8.58
N GLN A 58 -5.91 -5.05 8.61
CA GLN A 58 -5.34 -4.44 9.81
C GLN A 58 -6.15 -3.17 10.10
N ASP A 59 -6.67 -2.99 11.31
CA ASP A 59 -7.20 -1.66 11.70
C ASP A 59 -6.08 -0.60 11.71
N SER A 60 -4.84 -1.05 11.95
CA SER A 60 -3.63 -0.26 11.84
C SER A 60 -3.30 0.11 10.38
N ALA A 61 -4.12 -0.25 9.39
CA ALA A 61 -3.87 0.09 8.00
C ALA A 61 -4.29 1.54 7.67
N THR A 62 -3.87 2.49 8.49
CA THR A 62 -4.25 3.88 8.34
C THR A 62 -3.57 4.44 7.08
N LEU A 63 -4.09 5.54 6.52
CA LEU A 63 -3.35 6.19 5.43
C LEU A 63 -1.98 6.58 5.96
N ASP A 64 -1.93 7.11 7.19
CA ASP A 64 -0.70 7.58 7.83
C ASP A 64 0.27 6.45 8.16
N ALA A 65 -0.18 5.19 8.19
CA ALA A 65 0.66 4.03 8.43
C ALA A 65 1.41 3.71 7.15
N LEU A 66 0.70 3.54 6.03
CA LEU A 66 1.33 3.22 4.75
C LEU A 66 2.14 4.40 4.22
N LEU A 67 1.65 5.62 4.43
CA LEU A 67 2.35 6.85 4.12
C LEU A 67 3.66 6.94 4.94
N ALA A 68 3.66 6.53 6.21
CA ALA A 68 4.87 6.51 7.02
C ALA A 68 5.82 5.42 6.54
N ALA A 69 5.28 4.22 6.29
CA ALA A 69 6.05 3.09 5.83
C ALA A 69 6.74 3.42 4.51
N LEU A 70 6.06 4.07 3.55
CA LEU A 70 6.69 4.52 2.31
C LEU A 70 7.88 5.44 2.54
N ARG A 71 7.69 6.42 3.41
CA ARG A 71 8.74 7.35 3.81
C ARG A 71 9.92 6.62 4.44
N ARG A 72 9.70 5.46 5.09
CA ARG A 72 10.76 4.63 5.64
C ARG A 72 11.77 4.20 4.58
N ILE A 73 11.32 3.77 3.37
CA ILE A 73 12.24 3.46 2.28
C ILE A 73 12.52 4.71 1.42
N GLN A 74 12.25 5.90 1.96
CA GLN A 74 12.37 7.20 1.31
C GLN A 74 11.61 7.29 -0.03
N ARG A 75 10.64 6.39 -0.28
CA ARG A 75 9.75 6.47 -1.45
C ARG A 75 8.65 7.50 -1.14
N ALA A 76 9.07 8.74 -0.87
CA ALA A 76 8.21 9.83 -0.45
C ALA A 76 7.48 10.48 -1.63
N ASP A 77 7.89 10.17 -2.86
CA ASP A 77 7.20 10.50 -4.09
C ASP A 77 5.77 9.99 -4.05
N ILE A 78 5.56 8.70 -3.74
CA ILE A 78 4.22 8.16 -3.67
C ILE A 78 3.46 8.81 -2.51
N VAL A 79 4.11 9.23 -1.42
CA VAL A 79 3.43 9.76 -0.26
C VAL A 79 2.59 11.01 -0.57
N GLU A 80 3.17 12.06 -1.16
CA GLU A 80 2.35 13.22 -1.54
C GLU A 80 1.27 12.83 -2.56
N SER A 81 1.65 11.97 -3.50
CA SER A 81 0.83 11.52 -4.62
C SER A 81 -0.35 10.63 -4.14
N LEU A 82 -0.16 9.93 -3.02
CA LEU A 82 -1.20 9.22 -2.27
C LEU A 82 -2.34 10.15 -1.97
N CYS A 83 -2.06 11.24 -1.24
CA CYS A 83 -3.16 11.97 -0.66
C CYS A 83 -3.92 12.69 -1.78
N SER A 84 -3.28 13.62 -2.49
CA SER A 84 -3.79 14.53 -3.55
C SER A 84 -4.95 15.43 -3.05
N GLU A 85 -5.71 14.94 -2.08
CA GLU A 85 -7.05 15.20 -1.60
C GLU A 85 -6.98 14.91 -0.10
N GLY A 1 -6.29 12.54 4.67
CA GLY A 1 -5.95 11.72 5.85
C GLY A 1 -7.19 10.92 6.22
N ASN A 2 -7.15 9.60 6.02
CA ASN A 2 -8.34 8.76 5.84
C ASN A 2 -7.92 7.33 6.17
N LEU A 3 -8.86 6.36 6.28
CA LEU A 3 -8.40 4.99 6.14
C LEU A 3 -7.80 4.77 4.75
N TYR A 4 -7.28 3.57 4.50
CA TYR A 4 -6.83 3.22 3.17
C TYR A 4 -7.96 2.44 2.48
N SER A 5 -8.31 1.30 3.08
CA SER A 5 -9.31 0.32 2.62
C SER A 5 -10.73 0.88 2.48
N SER A 6 -11.03 1.97 3.18
CA SER A 6 -12.28 2.72 3.05
C SER A 6 -12.51 3.13 1.59
N LEU A 7 -11.45 3.51 0.86
CA LEU A 7 -11.54 3.74 -0.57
C LEU A 7 -12.09 2.48 -1.24
N PRO A 8 -13.27 2.51 -1.88
CA PRO A 8 -13.88 1.29 -2.39
C PRO A 8 -13.00 0.66 -3.47
N LEU A 9 -12.67 1.39 -4.54
CA LEU A 9 -11.82 0.84 -5.60
C LEU A 9 -11.00 1.90 -6.33
N THR A 10 -11.61 2.92 -6.93
CA THR A 10 -10.95 3.66 -8.02
C THR A 10 -9.81 4.60 -7.62
N LYS A 11 -9.83 5.23 -6.43
CA LYS A 11 -8.59 5.87 -5.96
C LYS A 11 -7.51 4.80 -5.80
N ARG A 12 -7.82 3.59 -5.29
CA ARG A 12 -6.82 2.53 -5.23
C ARG A 12 -6.28 2.15 -6.60
N GLU A 13 -7.01 2.34 -7.71
CA GLU A 13 -6.52 2.10 -9.06
C GLU A 13 -5.48 3.14 -9.46
N GLU A 14 -5.73 4.41 -9.16
CA GLU A 14 -4.73 5.47 -9.29
C GLU A 14 -3.51 5.12 -8.42
N VAL A 15 -3.74 4.62 -7.21
CA VAL A 15 -2.66 4.19 -6.33
C VAL A 15 -1.90 2.99 -6.89
N GLU A 16 -2.50 2.07 -7.67
CA GLU A 16 -1.71 1.03 -8.35
C GLU A 16 -0.70 1.67 -9.30
N LYS A 17 -1.04 2.81 -9.92
CA LYS A 17 -0.09 3.58 -10.71
C LYS A 17 0.88 4.36 -9.81
N LEU A 18 0.56 4.69 -8.56
CA LEU A 18 1.50 5.36 -7.65
C LEU A 18 2.47 4.36 -7.01
N LEU A 19 1.98 3.39 -6.23
CA LEU A 19 2.69 2.25 -5.64
C LEU A 19 3.01 1.22 -6.72
N ASN A 20 3.65 1.66 -7.80
CA ASN A 20 3.93 0.92 -9.00
C ASN A 20 5.37 0.42 -9.03
N GLY A 21 5.68 -0.44 -10.01
CA GLY A 21 6.99 -1.06 -10.10
C GLY A 21 7.11 -2.09 -8.97
N ASP A 22 8.28 -2.13 -8.34
CA ASP A 22 8.67 -3.13 -7.35
C ASP A 22 8.68 -2.46 -5.95
N THR A 23 8.73 -1.13 -5.91
CA THR A 23 8.60 -0.34 -4.69
C THR A 23 7.48 -0.86 -3.77
N TRP A 24 6.32 -1.24 -4.32
CA TRP A 24 5.26 -1.81 -3.49
C TRP A 24 5.80 -2.96 -2.63
N ARG A 25 6.45 -4.01 -3.18
CA ARG A 25 7.18 -5.05 -2.44
C ARG A 25 8.04 -4.51 -1.30
N HIS A 26 8.85 -3.47 -1.55
CA HIS A 26 9.73 -2.90 -0.53
C HIS A 26 8.89 -2.50 0.68
N LEU A 27 7.83 -1.75 0.41
CA LEU A 27 6.85 -1.31 1.39
C LEU A 27 6.13 -2.50 2.03
N ALA A 28 5.77 -3.52 1.26
CA ALA A 28 5.03 -4.70 1.69
C ALA A 28 5.67 -5.32 2.94
N GLY A 29 7.00 -5.51 2.93
CA GLY A 29 7.73 -6.00 4.09
C GLY A 29 7.73 -5.00 5.25
N GLU A 30 7.86 -3.71 4.98
CA GLU A 30 7.78 -2.66 5.99
C GLU A 30 6.39 -2.59 6.64
N LEU A 31 5.35 -3.14 6.00
CA LEU A 31 4.00 -3.30 6.54
C LEU A 31 3.86 -4.61 7.34
N GLY A 32 4.96 -5.08 7.93
CA GLY A 32 5.03 -6.23 8.82
C GLY A 32 4.41 -7.52 8.28
N TYR A 33 4.49 -7.75 6.97
CA TYR A 33 4.04 -8.98 6.34
C TYR A 33 5.25 -9.76 5.85
N GLN A 34 5.33 -11.04 6.23
CA GLN A 34 6.38 -11.97 5.81
C GLN A 34 6.56 -11.98 4.29
N PRO A 35 7.72 -12.41 3.76
CA PRO A 35 7.97 -12.48 2.33
C PRO A 35 7.07 -13.49 1.61
N GLU A 36 6.54 -14.49 2.31
CA GLU A 36 5.56 -15.42 1.77
C GLU A 36 4.34 -14.64 1.29
N HIS A 37 3.86 -13.71 2.13
CA HIS A 37 2.66 -12.94 1.89
C HIS A 37 2.96 -11.89 0.83
N ILE A 38 4.16 -11.28 0.87
CA ILE A 38 4.57 -10.31 -0.14
C ILE A 38 4.51 -10.98 -1.51
N ASP A 39 5.13 -12.15 -1.70
CA ASP A 39 5.09 -12.73 -3.04
C ASP A 39 3.69 -13.25 -3.38
N SER A 40 2.88 -13.68 -2.39
CA SER A 40 1.50 -14.07 -2.69
C SER A 40 0.63 -12.89 -3.08
N PHE A 41 1.09 -11.66 -2.89
CA PHE A 41 0.30 -10.48 -3.20
C PHE A 41 0.54 -10.12 -4.66
N THR A 42 1.72 -10.41 -5.23
CA THR A 42 1.90 -10.25 -6.67
C THR A 42 1.30 -11.42 -7.47
N HIS A 43 0.91 -12.53 -6.80
CA HIS A 43 0.22 -13.66 -7.42
C HIS A 43 -1.30 -13.48 -7.35
N GLU A 44 -1.81 -12.94 -6.25
CA GLU A 44 -3.20 -12.54 -6.07
C GLU A 44 -3.60 -11.51 -7.14
N ALA A 45 -4.91 -11.23 -7.23
CA ALA A 45 -5.56 -10.64 -8.40
C ALA A 45 -4.80 -9.44 -8.98
N CYS A 46 -4.47 -8.47 -8.13
CA CYS A 46 -3.41 -7.50 -8.35
C CYS A 46 -2.83 -7.24 -6.95
N PRO A 47 -1.52 -6.92 -6.82
CA PRO A 47 -0.89 -6.55 -5.55
C PRO A 47 -1.62 -5.39 -4.93
N VAL A 48 -1.32 -4.15 -5.29
CA VAL A 48 -1.91 -2.97 -4.68
C VAL A 48 -3.43 -3.08 -4.41
N ARG A 49 -4.26 -3.69 -5.27
CA ARG A 49 -5.67 -3.95 -4.90
C ARG A 49 -5.78 -4.83 -3.65
N ALA A 50 -5.28 -6.08 -3.68
CA ALA A 50 -5.54 -7.01 -2.57
C ALA A 50 -4.59 -6.77 -1.39
N LEU A 51 -3.55 -5.97 -1.61
CA LEU A 51 -2.62 -5.47 -0.61
C LEU A 51 -3.36 -4.51 0.26
N LEU A 52 -4.06 -3.54 -0.35
CA LEU A 52 -4.76 -2.51 0.39
C LEU A 52 -6.07 -3.03 0.94
N ALA A 53 -6.60 -4.14 0.41
CA ALA A 53 -7.74 -4.82 1.04
C ALA A 53 -7.31 -5.57 2.31
N SER A 54 -6.16 -6.24 2.29
CA SER A 54 -5.74 -7.13 3.37
C SER A 54 -4.89 -6.37 4.40
N TRP A 55 -3.88 -5.62 3.96
CA TRP A 55 -3.12 -4.73 4.84
C TRP A 55 -4.08 -3.75 5.50
N GLY A 56 -5.06 -3.25 4.75
CA GLY A 56 -6.07 -2.32 5.21
C GLY A 56 -7.08 -2.92 6.20
N ALA A 57 -6.78 -4.09 6.77
CA ALA A 57 -7.46 -4.74 7.89
C ALA A 57 -6.48 -5.08 9.03
N GLN A 58 -5.20 -4.67 8.96
CA GLN A 58 -4.35 -4.61 10.14
C GLN A 58 -4.89 -3.49 11.03
N ASP A 59 -4.88 -3.71 12.35
CA ASP A 59 -5.37 -2.75 13.33
C ASP A 59 -4.48 -1.51 13.37
N SER A 60 -4.94 -0.44 12.72
CA SER A 60 -4.44 0.95 12.61
C SER A 60 -4.26 1.40 11.14
N ALA A 61 -4.60 0.55 10.16
CA ALA A 61 -4.15 0.66 8.77
C ALA A 61 -4.74 1.84 7.94
N THR A 62 -4.49 3.08 8.34
CA THR A 62 -4.88 4.29 7.61
C THR A 62 -4.05 4.53 6.36
N LEU A 63 -4.45 5.48 5.52
CA LEU A 63 -3.58 5.92 4.44
C LEU A 63 -2.32 6.52 5.06
N ASP A 64 -2.48 7.25 6.16
CA ASP A 64 -1.42 7.89 6.92
C ASP A 64 -0.50 6.87 7.64
N ALA A 65 -0.90 5.60 7.77
CA ALA A 65 -0.03 4.52 8.24
C ALA A 65 0.88 4.07 7.10
N LEU A 66 0.30 3.70 5.95
CA LEU A 66 1.08 3.24 4.81
C LEU A 66 2.01 4.34 4.29
N LEU A 67 1.58 5.59 4.41
CA LEU A 67 2.31 6.80 4.07
C LEU A 67 3.60 6.86 4.90
N ALA A 68 3.50 6.55 6.20
CA ALA A 68 4.65 6.53 7.08
C ALA A 68 5.60 5.41 6.67
N ALA A 69 5.05 4.21 6.44
CA ALA A 69 5.80 3.04 6.01
C ALA A 69 6.58 3.37 4.72
N LEU A 70 5.93 3.97 3.71
CA LEU A 70 6.61 4.40 2.49
C LEU A 70 7.77 5.34 2.79
N ARG A 71 7.53 6.33 3.65
CA ARG A 71 8.53 7.33 3.96
C ARG A 71 9.75 6.67 4.62
N ARG A 72 9.60 5.54 5.34
CA ARG A 72 10.73 4.81 5.90
C ARG A 72 11.72 4.37 4.81
N ILE A 73 11.27 3.89 3.64
CA ILE A 73 12.20 3.51 2.59
C ILE A 73 12.52 4.72 1.69
N GLN A 74 12.32 5.93 2.20
CA GLN A 74 12.43 7.23 1.53
C GLN A 74 11.68 7.31 0.20
N ARG A 75 10.71 6.42 -0.06
CA ARG A 75 9.83 6.50 -1.24
C ARG A 75 8.71 7.52 -0.97
N ALA A 76 9.13 8.72 -0.55
CA ALA A 76 8.27 9.84 -0.22
C ALA A 76 7.64 10.44 -1.47
N ASP A 77 8.23 10.20 -2.64
CA ASP A 77 7.66 10.55 -3.93
C ASP A 77 6.25 10.01 -4.06
N ILE A 78 6.03 8.75 -3.65
CA ILE A 78 4.73 8.14 -3.75
C ILE A 78 3.79 8.73 -2.68
N VAL A 79 4.29 9.04 -1.48
CA VAL A 79 3.51 9.57 -0.37
C VAL A 79 2.87 10.92 -0.72
N GLU A 80 3.70 11.91 -1.04
CA GLU A 80 3.25 13.21 -1.46
C GLU A 80 2.42 13.26 -2.74
N SER A 81 2.61 12.30 -3.66
CA SER A 81 1.64 12.08 -4.72
C SER A 81 0.32 11.47 -4.19
N LEU A 82 0.40 10.57 -3.21
CA LEU A 82 -0.73 9.86 -2.62
C LEU A 82 -1.80 10.73 -1.98
N CYS A 83 -1.39 11.48 -0.96
CA CYS A 83 -2.32 11.98 0.03
C CYS A 83 -3.36 12.93 -0.55
N SER A 84 -2.93 14.07 -1.11
CA SER A 84 -3.74 15.21 -1.54
C SER A 84 -4.59 15.84 -0.41
N GLU A 85 -5.04 15.08 0.57
CA GLU A 85 -5.82 15.44 1.77
C GLU A 85 -5.19 14.64 2.91
N GLY A 1 -5.11 7.31 11.47
CA GLY A 1 -5.88 8.27 10.66
C GLY A 1 -7.07 7.60 10.02
N ASN A 2 -7.46 8.00 8.81
CA ASN A 2 -8.54 7.34 8.06
C ASN A 2 -7.97 6.06 7.44
N LEU A 3 -8.74 4.97 7.35
CA LEU A 3 -8.22 3.75 6.74
C LEU A 3 -7.84 3.93 5.26
N TYR A 4 -7.31 2.87 4.66
CA TYR A 4 -6.81 2.88 3.31
C TYR A 4 -7.91 2.38 2.39
N SER A 5 -8.49 1.24 2.75
CA SER A 5 -9.72 0.66 2.25
C SER A 5 -10.94 1.57 2.44
N SER A 6 -10.86 2.53 3.36
CA SER A 6 -11.96 3.44 3.65
C SER A 6 -12.32 4.27 2.41
N LEU A 7 -11.33 4.75 1.64
CA LEU A 7 -11.49 5.16 0.25
C LEU A 7 -11.92 3.99 -0.64
N PRO A 8 -13.19 3.86 -1.08
CA PRO A 8 -13.54 2.88 -2.11
C PRO A 8 -13.27 3.38 -3.53
N LEU A 9 -12.99 4.69 -3.68
CA LEU A 9 -13.09 5.39 -4.95
C LEU A 9 -11.82 5.16 -5.77
N THR A 10 -11.86 5.54 -7.05
CA THR A 10 -10.82 5.45 -8.08
C THR A 10 -9.47 6.06 -7.66
N LYS A 11 -9.37 6.78 -6.54
CA LYS A 11 -8.07 7.07 -5.93
C LYS A 11 -7.31 5.76 -5.68
N ARG A 12 -7.91 4.63 -5.26
CA ARG A 12 -7.15 3.37 -5.19
C ARG A 12 -6.58 2.97 -6.55
N GLU A 13 -7.33 3.06 -7.64
CA GLU A 13 -6.85 2.72 -9.00
C GLU A 13 -5.64 3.60 -9.35
N GLU A 14 -5.77 4.90 -9.09
CA GLU A 14 -4.70 5.88 -9.31
C GLU A 14 -3.47 5.50 -8.47
N VAL A 15 -3.68 5.04 -7.24
CA VAL A 15 -2.67 4.59 -6.31
C VAL A 15 -2.05 3.26 -6.73
N GLU A 16 -2.73 2.35 -7.40
CA GLU A 16 -2.12 1.15 -7.97
C GLU A 16 -1.05 1.55 -8.99
N LYS A 17 -1.31 2.61 -9.75
CA LYS A 17 -0.30 3.22 -10.61
C LYS A 17 0.78 3.95 -9.80
N LEU A 18 0.54 4.39 -8.55
CA LEU A 18 1.60 4.98 -7.71
C LEU A 18 2.47 3.94 -7.02
N LEU A 19 1.88 3.09 -6.17
CA LEU A 19 2.48 1.94 -5.48
C LEU A 19 2.66 0.85 -6.55
N ASN A 20 3.46 1.16 -7.57
CA ASN A 20 3.60 0.41 -8.78
C ASN A 20 4.21 -0.97 -8.52
N GLY A 21 4.21 -1.82 -9.57
CA GLY A 21 4.88 -3.11 -9.62
C GLY A 21 6.40 -2.99 -9.56
N ASP A 22 6.89 -2.58 -8.39
CA ASP A 22 8.26 -2.39 -7.93
C ASP A 22 8.20 -1.87 -6.50
N THR A 23 7.73 -0.64 -6.34
CA THR A 23 7.80 0.04 -5.06
C THR A 23 7.01 -0.72 -4.02
N TRP A 24 5.83 -1.22 -4.40
CA TRP A 24 4.95 -1.90 -3.49
C TRP A 24 5.73 -3.00 -2.75
N ARG A 25 6.43 -3.90 -3.46
CA ARG A 25 7.27 -4.97 -2.93
C ARG A 25 8.13 -4.50 -1.77
N HIS A 26 8.91 -3.45 -2.02
CA HIS A 26 9.85 -2.90 -1.06
C HIS A 26 9.12 -2.43 0.19
N LEU A 27 8.02 -1.70 0.00
CA LEU A 27 7.16 -1.21 1.07
C LEU A 27 6.45 -2.33 1.83
N ALA A 28 6.01 -3.38 1.14
CA ALA A 28 5.28 -4.52 1.70
C ALA A 28 5.94 -5.01 2.99
N GLY A 29 7.27 -5.20 2.99
CA GLY A 29 8.03 -5.55 4.17
C GLY A 29 7.85 -4.57 5.32
N GLU A 30 7.88 -3.26 5.05
CA GLU A 30 7.70 -2.27 6.11
C GLU A 30 6.24 -2.19 6.60
N LEU A 31 5.28 -2.72 5.83
CA LEU A 31 3.87 -2.80 6.20
C LEU A 31 3.57 -3.96 7.16
N GLY A 32 4.54 -4.37 7.98
CA GLY A 32 4.45 -5.50 8.89
C GLY A 32 4.00 -6.81 8.24
N TYR A 33 4.29 -7.01 6.96
CA TYR A 33 4.01 -8.24 6.25
C TYR A 33 5.34 -8.89 5.88
N GLN A 34 5.64 -10.00 6.56
CA GLN A 34 6.82 -10.84 6.33
C GLN A 34 6.97 -11.22 4.85
N PRO A 35 8.17 -11.61 4.36
CA PRO A 35 8.40 -11.82 2.93
C PRO A 35 7.55 -12.94 2.35
N GLU A 36 7.13 -13.92 3.16
CA GLU A 36 6.23 -14.99 2.75
C GLU A 36 4.87 -14.42 2.29
N HIS A 37 4.42 -13.32 2.89
CA HIS A 37 3.24 -12.57 2.46
C HIS A 37 3.56 -11.87 1.15
N ILE A 38 4.69 -11.16 1.06
CA ILE A 38 5.06 -10.34 -0.08
C ILE A 38 5.07 -11.21 -1.34
N ASP A 39 5.73 -12.37 -1.27
CA ASP A 39 5.80 -13.25 -2.42
C ASP A 39 4.44 -13.89 -2.70
N SER A 40 3.59 -14.06 -1.67
CA SER A 40 2.27 -14.64 -1.87
C SER A 40 1.27 -13.60 -2.40
N PHE A 41 1.63 -12.32 -2.38
CA PHE A 41 0.80 -11.20 -2.83
C PHE A 41 1.05 -10.97 -4.31
N THR A 42 2.28 -11.17 -4.78
CA THR A 42 2.56 -11.10 -6.21
C THR A 42 2.11 -12.40 -6.91
N HIS A 43 1.62 -13.39 -6.16
CA HIS A 43 0.98 -14.60 -6.65
C HIS A 43 -0.47 -14.32 -7.05
N GLU A 44 -1.16 -13.46 -6.31
CA GLU A 44 -2.53 -13.07 -6.61
C GLU A 44 -2.60 -12.33 -7.95
N ALA A 45 -3.84 -12.13 -8.44
CA ALA A 45 -4.16 -11.52 -9.72
C ALA A 45 -3.35 -10.24 -9.95
N CYS A 46 -3.33 -9.35 -8.96
CA CYS A 46 -2.33 -8.32 -8.80
C CYS A 46 -2.12 -8.14 -7.28
N PRO A 47 -0.88 -7.87 -6.81
CA PRO A 47 -0.61 -7.50 -5.42
C PRO A 47 -1.47 -6.32 -5.03
N VAL A 48 -1.09 -5.12 -5.46
CA VAL A 48 -1.58 -3.84 -4.96
C VAL A 48 -3.12 -3.84 -4.73
N ARG A 49 -3.90 -4.45 -5.63
CA ARG A 49 -5.35 -4.62 -5.47
C ARG A 49 -5.72 -5.40 -4.21
N ALA A 50 -5.29 -6.66 -4.08
CA ALA A 50 -5.65 -7.44 -2.89
C ALA A 50 -4.82 -7.01 -1.68
N LEU A 51 -3.76 -6.23 -1.90
CA LEU A 51 -2.89 -5.68 -0.88
C LEU A 51 -3.61 -4.55 -0.16
N LEU A 52 -4.29 -3.65 -0.88
CA LEU A 52 -4.97 -2.54 -0.22
C LEU A 52 -6.29 -3.02 0.38
N ALA A 53 -6.84 -4.15 -0.09
CA ALA A 53 -7.95 -4.81 0.57
C ALA A 53 -7.51 -5.55 1.84
N SER A 54 -6.37 -6.25 1.83
CA SER A 54 -5.95 -7.13 2.91
C SER A 54 -5.16 -6.33 3.94
N TRP A 55 -4.18 -5.54 3.51
CA TRP A 55 -3.46 -4.69 4.43
C TRP A 55 -4.45 -3.71 5.07
N GLY A 56 -5.38 -3.17 4.27
CA GLY A 56 -6.45 -2.29 4.72
C GLY A 56 -7.52 -2.98 5.57
N ALA A 57 -7.28 -4.20 6.04
CA ALA A 57 -8.09 -4.93 7.00
C ALA A 57 -7.35 -5.20 8.32
N GLN A 58 -6.04 -4.88 8.42
CA GLN A 58 -5.34 -4.97 9.70
C GLN A 58 -5.77 -3.76 10.53
N ASP A 59 -6.35 -3.96 11.71
CA ASP A 59 -6.77 -2.86 12.58
C ASP A 59 -5.54 -2.08 13.08
N SER A 60 -5.29 -0.93 12.46
CA SER A 60 -4.24 0.10 12.62
C SER A 60 -3.67 0.54 11.27
N ALA A 61 -3.98 -0.16 10.17
CA ALA A 61 -3.41 0.03 8.84
C ALA A 61 -3.97 1.27 8.12
N THR A 62 -3.98 2.43 8.77
CA THR A 62 -4.58 3.62 8.21
C THR A 62 -3.70 4.20 7.09
N LEU A 63 -4.16 5.18 6.30
CA LEU A 63 -3.34 5.68 5.19
C LEU A 63 -2.06 6.31 5.75
N ASP A 64 -2.12 6.92 6.92
CA ASP A 64 -1.01 7.46 7.70
C ASP A 64 -0.09 6.36 8.28
N ALA A 65 -0.48 5.09 8.29
CA ALA A 65 0.46 3.99 8.51
C ALA A 65 1.24 3.72 7.23
N LEU A 66 0.55 3.51 6.10
CA LEU A 66 1.23 3.17 4.86
C LEU A 66 2.15 4.29 4.39
N LEU A 67 1.72 5.53 4.57
CA LEU A 67 2.48 6.72 4.26
C LEU A 67 3.80 6.73 5.05
N ALA A 68 3.77 6.31 6.32
CA ALA A 68 4.95 6.24 7.16
C ALA A 68 5.85 5.12 6.68
N ALA A 69 5.27 3.95 6.41
CA ALA A 69 5.96 2.80 5.85
C ALA A 69 6.67 3.22 4.55
N LEU A 70 6.00 3.93 3.64
CA LEU A 70 6.58 4.44 2.39
C LEU A 70 7.79 5.33 2.65
N ARG A 71 7.69 6.21 3.64
CA ARG A 71 8.77 7.13 3.94
C ARG A 71 9.96 6.37 4.55
N ARG A 72 9.74 5.24 5.24
CA ARG A 72 10.79 4.31 5.70
C ARG A 72 11.69 3.85 4.55
N ILE A 73 11.11 3.45 3.42
CA ILE A 73 11.76 3.16 2.14
C ILE A 73 11.93 4.37 1.22
N GLN A 74 11.83 5.58 1.79
CA GLN A 74 12.04 6.88 1.18
C GLN A 74 11.33 7.05 -0.17
N ARG A 75 10.33 6.21 -0.45
CA ARG A 75 9.41 6.36 -1.57
C ARG A 75 8.32 7.38 -1.22
N ALA A 76 8.79 8.55 -0.78
CA ALA A 76 8.02 9.71 -0.43
C ALA A 76 7.40 10.38 -1.67
N ASP A 77 7.94 10.07 -2.85
CA ASP A 77 7.35 10.38 -4.15
C ASP A 77 5.92 9.88 -4.21
N ILE A 78 5.67 8.64 -3.77
CA ILE A 78 4.31 8.13 -3.74
C ILE A 78 3.53 8.80 -2.62
N VAL A 79 4.13 9.08 -1.46
CA VAL A 79 3.39 9.58 -0.32
C VAL A 79 2.73 10.92 -0.67
N GLU A 80 3.52 11.88 -1.15
CA GLU A 80 3.01 13.21 -1.44
C GLU A 80 1.91 13.11 -2.53
N SER A 81 2.09 12.20 -3.50
CA SER A 81 1.10 11.95 -4.55
C SER A 81 -0.15 11.25 -4.00
N LEU A 82 0.02 10.39 -2.99
CA LEU A 82 -1.04 9.70 -2.27
C LEU A 82 -2.09 10.62 -1.70
N CYS A 83 -1.67 11.74 -1.11
CA CYS A 83 -2.64 12.73 -0.65
C CYS A 83 -3.32 13.30 -1.90
N SER A 84 -2.55 13.95 -2.79
CA SER A 84 -3.00 14.72 -3.96
C SER A 84 -3.94 15.90 -3.60
N GLU A 85 -4.71 15.78 -2.52
CA GLU A 85 -5.73 16.63 -1.95
C GLU A 85 -5.49 16.54 -0.44
N GLY A 1 -5.23 9.15 10.95
CA GLY A 1 -5.55 7.82 11.48
C GLY A 1 -6.91 7.42 10.94
N ASN A 2 -6.94 6.98 9.69
CA ASN A 2 -8.14 6.78 8.89
C ASN A 2 -7.75 5.65 7.95
N LEU A 3 -8.47 4.53 7.87
CA LEU A 3 -7.93 3.35 7.22
C LEU A 3 -7.60 3.58 5.75
N TYR A 4 -7.05 2.56 5.11
CA TYR A 4 -6.80 2.62 3.68
C TYR A 4 -8.13 2.27 2.99
N SER A 5 -8.95 1.46 3.66
CA SER A 5 -10.34 1.17 3.38
C SER A 5 -11.22 2.43 3.40
N SER A 6 -10.72 3.58 3.88
CA SER A 6 -11.41 4.85 3.76
C SER A 6 -11.43 5.28 2.28
N LEU A 7 -10.31 5.19 1.55
CA LEU A 7 -10.32 5.21 0.09
C LEU A 7 -11.13 4.03 -0.43
N PRO A 8 -12.28 4.21 -1.09
CA PRO A 8 -13.08 3.08 -1.55
C PRO A 8 -12.40 2.37 -2.71
N LEU A 9 -12.35 2.99 -3.90
CA LEU A 9 -11.86 2.36 -5.12
C LEU A 9 -11.10 3.33 -6.02
N THR A 10 -11.60 4.54 -6.26
CA THR A 10 -11.19 5.33 -7.42
C THR A 10 -9.69 5.68 -7.34
N LYS A 11 -9.28 6.17 -6.17
CA LYS A 11 -7.88 6.43 -5.81
C LYS A 11 -7.03 5.17 -5.98
N ARG A 12 -7.52 3.96 -5.67
CA ARG A 12 -6.74 2.74 -5.80
C ARG A 12 -6.19 2.60 -7.22
N GLU A 13 -6.96 2.97 -8.25
CA GLU A 13 -6.53 2.82 -9.65
C GLU A 13 -5.28 3.65 -9.91
N GLU A 14 -5.23 4.87 -9.37
CA GLU A 14 -4.02 5.68 -9.39
C GLU A 14 -2.92 4.95 -8.60
N VAL A 15 -3.20 4.48 -7.39
CA VAL A 15 -2.21 3.85 -6.52
C VAL A 15 -1.63 2.56 -7.11
N GLU A 16 -2.40 1.76 -7.84
CA GLU A 16 -1.93 0.57 -8.54
C GLU A 16 -0.89 0.94 -9.58
N LYS A 17 -0.94 2.14 -10.15
CA LYS A 17 0.20 2.72 -10.86
C LYS A 17 1.27 3.31 -9.92
N LEU A 18 0.90 4.03 -8.84
CA LEU A 18 1.84 4.74 -7.98
C LEU A 18 2.78 3.76 -7.28
N LEU A 19 2.21 2.86 -6.46
CA LEU A 19 2.86 1.76 -5.74
C LEU A 19 3.24 0.69 -6.80
N ASN A 20 4.09 1.08 -7.77
CA ASN A 20 4.60 0.28 -8.89
C ASN A 20 5.05 -1.12 -8.45
N GLY A 21 5.05 -2.10 -9.37
CA GLY A 21 5.35 -3.51 -9.11
C GLY A 21 6.83 -3.76 -8.79
N ASP A 22 7.25 -3.25 -7.65
CA ASP A 22 8.55 -3.32 -6.99
C ASP A 22 8.56 -2.33 -5.83
N THR A 23 8.05 -1.12 -6.09
CA THR A 23 8.00 -0.08 -5.09
C THR A 23 7.00 -0.47 -4.01
N TRP A 24 5.83 -1.04 -4.36
CA TRP A 24 5.01 -1.74 -3.39
C TRP A 24 5.82 -2.80 -2.63
N ARG A 25 6.48 -3.77 -3.30
CA ARG A 25 7.31 -4.81 -2.67
C ARG A 25 8.20 -4.28 -1.54
N HIS A 26 8.93 -3.18 -1.77
CA HIS A 26 9.72 -2.52 -0.75
C HIS A 26 8.86 -2.25 0.49
N LEU A 27 7.80 -1.45 0.30
CA LEU A 27 6.83 -1.05 1.31
C LEU A 27 6.20 -2.26 2.00
N ALA A 28 5.85 -3.29 1.25
CA ALA A 28 5.19 -4.49 1.71
C ALA A 28 5.94 -5.08 2.91
N GLY A 29 7.26 -5.25 2.82
CA GLY A 29 8.06 -5.70 3.94
C GLY A 29 8.10 -4.66 5.09
N GLU A 30 8.11 -3.37 4.75
CA GLU A 30 8.08 -2.27 5.73
C GLU A 30 6.77 -2.28 6.54
N LEU A 31 5.70 -2.92 6.05
CA LEU A 31 4.41 -3.06 6.73
C LEU A 31 4.39 -4.26 7.69
N GLY A 32 5.55 -4.64 8.24
CA GLY A 32 5.70 -5.78 9.15
C GLY A 32 5.13 -7.09 8.64
N TYR A 33 5.11 -7.29 7.32
CA TYR A 33 4.50 -8.44 6.69
C TYR A 33 5.61 -9.30 6.12
N GLN A 34 5.76 -10.51 6.69
CA GLN A 34 6.76 -11.52 6.36
C GLN A 34 6.81 -11.82 4.84
N PRO A 35 7.92 -12.39 4.32
CA PRO A 35 8.11 -12.55 2.87
C PRO A 35 7.05 -13.44 2.22
N GLU A 36 6.48 -14.40 2.96
CA GLU A 36 5.41 -15.28 2.51
C GLU A 36 4.14 -14.49 2.16
N HIS A 37 3.89 -13.38 2.85
CA HIS A 37 2.80 -12.47 2.53
C HIS A 37 3.11 -11.79 1.20
N ILE A 38 4.36 -11.34 1.02
CA ILE A 38 4.79 -10.55 -0.12
C ILE A 38 4.56 -11.42 -1.37
N ASP A 39 4.96 -12.69 -1.28
CA ASP A 39 4.81 -13.70 -2.32
C ASP A 39 3.33 -13.87 -2.66
N SER A 40 2.49 -14.08 -1.63
CA SER A 40 1.08 -14.34 -1.85
C SER A 40 0.32 -13.11 -2.39
N PHE A 41 0.94 -11.93 -2.38
CA PHE A 41 0.40 -10.76 -3.04
C PHE A 41 0.87 -10.65 -4.48
N THR A 42 2.10 -11.02 -4.81
CA THR A 42 2.58 -10.91 -6.19
C THR A 42 2.06 -12.07 -7.04
N HIS A 43 1.45 -13.09 -6.43
CA HIS A 43 0.72 -14.16 -7.09
C HIS A 43 -0.69 -13.72 -7.52
N GLU A 44 -1.39 -12.92 -6.72
CA GLU A 44 -2.67 -12.34 -7.13
C GLU A 44 -2.67 -11.58 -8.45
N ALA A 45 -3.89 -11.30 -8.92
CA ALA A 45 -4.20 -10.62 -10.18
C ALA A 45 -3.41 -9.32 -10.32
N CYS A 46 -3.44 -8.51 -9.26
CA CYS A 46 -2.46 -7.49 -8.99
C CYS A 46 -2.19 -7.53 -7.48
N PRO A 47 -0.94 -7.39 -7.00
CA PRO A 47 -0.61 -7.13 -5.60
C PRO A 47 -1.43 -5.95 -5.12
N VAL A 48 -1.10 -4.73 -5.53
CA VAL A 48 -1.73 -3.51 -5.04
C VAL A 48 -3.27 -3.60 -4.89
N ARG A 49 -4.02 -4.24 -5.80
CA ARG A 49 -5.44 -4.50 -5.55
C ARG A 49 -5.69 -5.38 -4.33
N ALA A 50 -5.19 -6.63 -4.31
CA ALA A 50 -5.50 -7.52 -3.18
C ALA A 50 -4.73 -7.12 -1.92
N LEU A 51 -3.75 -6.23 -2.03
CA LEU A 51 -2.91 -5.69 -0.98
C LEU A 51 -3.71 -4.62 -0.25
N LEU A 52 -4.29 -3.67 -0.99
CA LEU A 52 -5.05 -2.57 -0.41
C LEU A 52 -6.44 -3.06 0.00
N ALA A 53 -6.92 -4.19 -0.53
CA ALA A 53 -8.09 -4.87 0.00
C ALA A 53 -7.78 -5.59 1.32
N SER A 54 -6.63 -6.26 1.43
CA SER A 54 -6.34 -7.14 2.57
C SER A 54 -5.69 -6.40 3.72
N TRP A 55 -4.66 -5.59 3.46
CA TRP A 55 -3.97 -4.80 4.49
C TRP A 55 -4.97 -3.96 5.27
N GLY A 56 -6.00 -3.43 4.60
CA GLY A 56 -7.08 -2.66 5.19
C GLY A 56 -8.01 -3.44 6.14
N ALA A 57 -7.72 -4.73 6.41
CA ALA A 57 -8.30 -5.50 7.50
C ALA A 57 -7.66 -5.18 8.85
N GLN A 58 -6.42 -4.69 8.86
CA GLN A 58 -5.58 -4.63 10.04
C GLN A 58 -5.87 -3.30 10.75
N ASP A 59 -5.98 -3.31 12.08
CA ASP A 59 -6.38 -2.15 12.89
C ASP A 59 -5.56 -0.91 12.53
N SER A 60 -4.25 -1.03 12.62
CA SER A 60 -3.31 0.05 12.38
C SER A 60 -3.14 0.41 10.89
N ALA A 61 -3.95 -0.13 9.97
CA ALA A 61 -3.77 0.04 8.53
C ALA A 61 -4.30 1.40 8.04
N THR A 62 -3.91 2.47 8.71
CA THR A 62 -4.33 3.81 8.33
C THR A 62 -3.68 4.19 6.98
N LEU A 63 -4.25 5.14 6.26
CA LEU A 63 -3.58 5.76 5.11
C LEU A 63 -2.23 6.28 5.59
N ASP A 64 -2.22 6.86 6.79
CA ASP A 64 -1.05 7.41 7.46
C ASP A 64 -0.06 6.33 7.92
N ALA A 65 -0.44 5.05 8.00
CA ALA A 65 0.49 3.95 8.23
C ALA A 65 1.20 3.60 6.91
N LEU A 66 0.46 3.43 5.82
CA LEU A 66 1.07 3.05 4.53
C LEU A 66 1.98 4.17 4.06
N LEU A 67 1.51 5.40 4.24
CA LEU A 67 2.21 6.64 3.96
C LEU A 67 3.51 6.70 4.78
N ALA A 68 3.45 6.39 6.08
CA ALA A 68 4.63 6.39 6.94
C ALA A 68 5.62 5.33 6.47
N ALA A 69 5.12 4.13 6.18
CA ALA A 69 5.92 3.02 5.71
C ALA A 69 6.61 3.39 4.40
N LEU A 70 5.94 4.04 3.45
CA LEU A 70 6.59 4.57 2.26
C LEU A 70 7.65 5.62 2.57
N ARG A 71 7.43 6.46 3.59
CA ARG A 71 8.39 7.51 3.88
C ARG A 71 9.69 6.88 4.43
N ARG A 72 9.64 5.71 5.10
CA ARG A 72 10.82 4.94 5.54
C ARG A 72 11.80 4.80 4.37
N ILE A 73 11.26 4.42 3.21
CA ILE A 73 12.00 4.04 2.01
C ILE A 73 12.29 5.28 1.15
N GLN A 74 12.08 6.49 1.68
CA GLN A 74 12.14 7.78 1.00
C GLN A 74 11.27 7.81 -0.26
N ARG A 75 10.27 6.91 -0.36
CA ARG A 75 9.28 6.86 -1.43
C ARG A 75 8.19 7.92 -1.18
N ALA A 76 8.66 9.16 -0.98
CA ALA A 76 7.82 10.31 -0.68
C ALA A 76 6.99 10.73 -1.90
N ASP A 77 7.42 10.34 -3.09
CA ASP A 77 6.72 10.52 -4.36
C ASP A 77 5.31 9.97 -4.28
N ILE A 78 5.16 8.71 -3.87
CA ILE A 78 3.84 8.10 -3.78
C ILE A 78 3.08 8.70 -2.59
N VAL A 79 3.78 9.01 -1.50
CA VAL A 79 3.13 9.47 -0.29
C VAL A 79 2.39 10.78 -0.55
N GLU A 80 3.10 11.79 -1.07
CA GLU A 80 2.52 13.07 -1.38
C GLU A 80 1.40 13.11 -2.43
N SER A 81 1.39 12.17 -3.40
CA SER A 81 0.18 11.91 -4.19
C SER A 81 -0.90 11.23 -3.33
N LEU A 82 -0.51 10.30 -2.45
CA LEU A 82 -1.41 9.65 -1.51
C LEU A 82 -2.19 10.65 -0.67
N CYS A 83 -1.55 11.74 -0.27
CA CYS A 83 -2.16 12.85 0.43
C CYS A 83 -3.31 13.50 -0.35
N SER A 84 -3.22 13.64 -1.67
CA SER A 84 -4.07 14.53 -2.46
C SER A 84 -5.33 13.90 -3.09
N GLU A 85 -5.21 12.90 -3.97
CA GLU A 85 -6.35 12.49 -4.81
C GLU A 85 -7.33 11.67 -3.95
N GLY A 1 -5.05 10.56 8.99
CA GLY A 1 -6.04 11.01 8.02
C GLY A 1 -7.19 10.02 8.04
N ASN A 2 -7.68 9.67 6.86
CA ASN A 2 -8.65 8.59 6.68
C ASN A 2 -7.92 7.24 6.74
N LEU A 3 -8.69 6.14 6.78
CA LEU A 3 -8.12 4.85 6.45
C LEU A 3 -7.61 4.88 5.01
N TYR A 4 -7.01 3.78 4.57
CA TYR A 4 -6.80 3.56 3.15
C TYR A 4 -8.10 3.00 2.61
N SER A 5 -8.61 1.92 3.21
CA SER A 5 -9.82 1.25 2.78
C SER A 5 -11.12 2.08 2.86
N SER A 6 -11.07 3.30 3.38
CA SER A 6 -12.14 4.29 3.22
C SER A 6 -12.32 4.59 1.72
N LEU A 7 -11.22 4.76 1.00
CA LEU A 7 -11.19 4.91 -0.45
C LEU A 7 -11.76 3.62 -1.06
N PRO A 8 -12.87 3.67 -1.83
CA PRO A 8 -13.55 2.45 -2.28
C PRO A 8 -12.61 1.64 -3.19
N LEU A 9 -12.32 2.13 -4.40
CA LEU A 9 -11.37 1.48 -5.29
C LEU A 9 -10.63 2.48 -6.18
N THR A 10 -11.23 3.61 -6.56
CA THR A 10 -10.74 4.42 -7.68
C THR A 10 -9.39 5.06 -7.37
N LYS A 11 -9.25 5.60 -6.15
CA LYS A 11 -7.97 6.07 -5.66
C LYS A 11 -6.99 4.88 -5.54
N ARG A 12 -7.43 3.68 -5.11
CA ARG A 12 -6.53 2.52 -5.08
C ARG A 12 -5.93 2.27 -6.46
N GLU A 13 -6.74 2.30 -7.53
CA GLU A 13 -6.32 2.15 -8.92
C GLU A 13 -5.32 3.24 -9.30
N GLU A 14 -5.61 4.49 -8.94
CA GLU A 14 -4.69 5.59 -9.17
C GLU A 14 -3.35 5.36 -8.46
N VAL A 15 -3.36 4.69 -7.31
CA VAL A 15 -2.16 4.31 -6.59
C VAL A 15 -1.52 3.04 -7.14
N GLU A 16 -2.23 2.11 -7.75
CA GLU A 16 -1.60 1.00 -8.48
C GLU A 16 -0.59 1.52 -9.51
N LYS A 17 -0.81 2.73 -10.05
CA LYS A 17 0.21 3.39 -10.87
C LYS A 17 1.43 3.80 -10.04
N LEU A 18 1.21 4.31 -8.82
CA LEU A 18 2.23 4.93 -7.96
C LEU A 18 3.05 3.88 -7.21
N LEU A 19 2.39 3.05 -6.38
CA LEU A 19 2.90 1.88 -5.66
C LEU A 19 3.19 0.80 -6.73
N ASN A 20 4.11 1.11 -7.65
CA ASN A 20 4.38 0.37 -8.88
C ASN A 20 4.87 -1.04 -8.59
N GLY A 21 4.94 -1.86 -9.65
CA GLY A 21 5.52 -3.20 -9.65
C GLY A 21 7.04 -3.17 -9.47
N ASP A 22 7.48 -2.78 -8.29
CA ASP A 22 8.75 -2.99 -7.61
C ASP A 22 8.53 -2.39 -6.22
N THR A 23 8.35 -1.07 -6.16
CA THR A 23 8.36 -0.28 -4.94
C THR A 23 7.38 -0.86 -3.92
N TRP A 24 6.21 -1.30 -4.39
CA TRP A 24 5.21 -1.88 -3.53
C TRP A 24 5.82 -3.01 -2.66
N ARG A 25 6.58 -3.97 -3.22
CA ARG A 25 7.33 -4.99 -2.46
C ARG A 25 8.03 -4.43 -1.23
N HIS A 26 8.91 -3.44 -1.47
CA HIS A 26 9.72 -2.79 -0.45
C HIS A 26 8.82 -2.29 0.68
N LEU A 27 7.77 -1.54 0.33
CA LEU A 27 6.76 -1.08 1.27
C LEU A 27 6.08 -2.24 2.00
N ALA A 28 5.55 -3.20 1.26
CA ALA A 28 4.80 -4.34 1.74
C ALA A 28 5.57 -5.07 2.84
N GLY A 29 6.85 -5.37 2.61
CA GLY A 29 7.70 -6.01 3.62
C GLY A 29 7.89 -5.11 4.83
N GLU A 30 8.06 -3.81 4.61
CA GLU A 30 8.23 -2.82 5.67
C GLU A 30 6.93 -2.66 6.49
N LEU A 31 5.77 -3.10 5.97
CA LEU A 31 4.49 -3.17 6.67
C LEU A 31 4.29 -4.51 7.41
N GLY A 32 5.39 -5.14 7.83
CA GLY A 32 5.40 -6.29 8.72
C GLY A 32 4.52 -7.47 8.35
N TYR A 33 4.34 -7.74 7.05
CA TYR A 33 3.68 -8.94 6.56
C TYR A 33 4.81 -9.78 5.96
N GLN A 34 4.99 -11.00 6.47
CA GLN A 34 6.15 -11.87 6.22
C GLN A 34 6.43 -12.03 4.71
N PRO A 35 7.66 -12.40 4.29
CA PRO A 35 8.01 -12.44 2.87
C PRO A 35 7.16 -13.40 2.04
N GLU A 36 6.61 -14.45 2.65
CA GLU A 36 5.69 -15.38 1.99
C GLU A 36 4.47 -14.61 1.50
N HIS A 37 3.98 -13.69 2.32
CA HIS A 37 2.78 -12.90 2.06
C HIS A 37 3.10 -11.94 0.92
N ILE A 38 4.31 -11.36 0.91
CA ILE A 38 4.76 -10.45 -0.13
C ILE A 38 4.71 -11.17 -1.48
N ASP A 39 5.25 -12.39 -1.53
CA ASP A 39 5.25 -13.12 -2.79
C ASP A 39 3.83 -13.55 -3.16
N SER A 40 3.03 -14.01 -2.19
CA SER A 40 1.66 -14.42 -2.40
C SER A 40 0.73 -13.24 -2.76
N PHE A 41 1.19 -12.00 -2.63
CA PHE A 41 0.44 -10.81 -3.01
C PHE A 41 0.71 -10.50 -4.47
N THR A 42 1.91 -10.76 -4.99
CA THR A 42 2.16 -10.54 -6.42
C THR A 42 1.58 -11.69 -7.27
N HIS A 43 1.01 -12.73 -6.65
CA HIS A 43 0.25 -13.79 -7.31
C HIS A 43 -1.17 -13.33 -7.66
N GLU A 44 -1.81 -12.55 -6.78
CA GLU A 44 -3.10 -11.92 -7.08
C GLU A 44 -3.18 -11.11 -8.36
N ALA A 45 -4.43 -10.75 -8.71
CA ALA A 45 -4.81 -9.97 -9.88
C ALA A 45 -3.84 -8.80 -10.07
N CYS A 46 -3.58 -8.08 -9.00
CA CYS A 46 -2.40 -7.24 -8.79
C CYS A 46 -2.12 -7.32 -7.28
N PRO A 47 -0.88 -7.06 -6.85
CA PRO A 47 -0.55 -6.83 -5.44
C PRO A 47 -1.43 -5.72 -4.90
N VAL A 48 -1.18 -4.46 -5.26
CA VAL A 48 -1.84 -3.29 -4.69
C VAL A 48 -3.36 -3.47 -4.46
N ARG A 49 -4.14 -4.09 -5.37
CA ARG A 49 -5.54 -4.40 -5.05
C ARG A 49 -5.70 -5.29 -3.82
N ALA A 50 -5.17 -6.52 -3.81
CA ALA A 50 -5.43 -7.42 -2.69
C ALA A 50 -4.53 -7.11 -1.49
N LEU A 51 -3.52 -6.28 -1.69
CA LEU A 51 -2.61 -5.75 -0.69
C LEU A 51 -3.40 -4.79 0.18
N LEU A 52 -4.12 -3.85 -0.44
CA LEU A 52 -4.83 -2.83 0.31
C LEU A 52 -6.14 -3.40 0.87
N ALA A 53 -6.64 -4.51 0.33
CA ALA A 53 -7.76 -5.24 0.93
C ALA A 53 -7.30 -5.94 2.22
N SER A 54 -6.12 -6.55 2.21
CA SER A 54 -5.64 -7.39 3.30
C SER A 54 -4.90 -6.56 4.36
N TRP A 55 -3.90 -5.78 3.93
CA TRP A 55 -3.20 -4.88 4.82
C TRP A 55 -4.15 -3.84 5.41
N GLY A 56 -5.06 -3.31 4.58
CA GLY A 56 -5.93 -2.22 4.95
C GLY A 56 -7.16 -2.67 5.74
N ALA A 57 -7.03 -3.76 6.50
CA ALA A 57 -8.06 -4.33 7.35
C ALA A 57 -7.57 -4.62 8.77
N GLN A 58 -6.26 -4.56 9.07
CA GLN A 58 -5.80 -4.69 10.45
C GLN A 58 -6.05 -3.35 11.18
N ASP A 59 -6.43 -3.42 12.46
CA ASP A 59 -6.71 -2.25 13.29
C ASP A 59 -5.41 -1.50 13.58
N SER A 60 -5.20 -0.39 12.85
CA SER A 60 -4.12 0.61 12.85
C SER A 60 -3.67 0.96 11.43
N ALA A 61 -4.11 0.20 10.40
CA ALA A 61 -3.67 0.34 9.02
C ALA A 61 -4.26 1.57 8.31
N THR A 62 -4.17 2.78 8.88
CA THR A 62 -4.71 3.99 8.26
C THR A 62 -3.89 4.35 7.01
N LEU A 63 -4.30 5.36 6.23
CA LEU A 63 -3.39 5.80 5.15
C LEU A 63 -2.08 6.29 5.77
N ASP A 64 -2.07 6.82 6.99
CA ASP A 64 -0.87 7.39 7.61
C ASP A 64 0.16 6.31 7.93
N ALA A 65 -0.27 5.06 8.04
CA ALA A 65 0.58 3.92 8.35
C ALA A 65 1.32 3.50 7.08
N LEU A 66 0.59 3.27 5.99
CA LEU A 66 1.20 2.96 4.70
C LEU A 66 2.09 4.11 4.25
N LEU A 67 1.63 5.34 4.45
CA LEU A 67 2.33 6.57 4.12
C LEU A 67 3.65 6.64 4.89
N ALA A 68 3.64 6.31 6.18
CA ALA A 68 4.84 6.31 7.00
C ALA A 68 5.82 5.28 6.46
N ALA A 69 5.35 4.05 6.21
CA ALA A 69 6.16 2.98 5.69
C ALA A 69 6.76 3.36 4.33
N LEU A 70 6.03 4.05 3.44
CA LEU A 70 6.64 4.63 2.25
C LEU A 70 7.74 5.65 2.55
N ARG A 71 7.46 6.63 3.40
CA ARG A 71 8.37 7.76 3.60
C ARG A 71 9.64 7.27 4.33
N ARG A 72 9.52 6.23 5.16
CA ARG A 72 10.60 5.38 5.67
C ARG A 72 11.53 4.86 4.59
N ILE A 73 11.03 4.34 3.47
CA ILE A 73 11.86 3.89 2.35
C ILE A 73 12.15 5.04 1.37
N GLN A 74 12.01 6.29 1.81
CA GLN A 74 12.03 7.55 1.06
C GLN A 74 11.18 7.59 -0.20
N ARG A 75 10.22 6.68 -0.37
CA ARG A 75 9.28 6.71 -1.50
C ARG A 75 8.14 7.70 -1.22
N ALA A 76 8.53 8.91 -0.82
CA ALA A 76 7.64 9.99 -0.41
C ALA A 76 6.93 10.62 -1.62
N ASP A 77 7.48 10.46 -2.81
CA ASP A 77 6.83 10.81 -4.08
C ASP A 77 5.48 10.10 -4.19
N ILE A 78 5.40 8.81 -3.85
CA ILE A 78 4.12 8.12 -3.82
C ILE A 78 3.25 8.69 -2.70
N VAL A 79 3.81 9.06 -1.55
CA VAL A 79 3.03 9.55 -0.41
C VAL A 79 2.26 10.82 -0.77
N GLU A 80 2.96 11.86 -1.20
CA GLU A 80 2.36 13.12 -1.57
C GLU A 80 1.35 13.03 -2.73
N SER A 81 1.51 12.08 -3.66
CA SER A 81 0.46 11.76 -4.62
C SER A 81 -0.70 10.98 -3.96
N LEU A 82 -0.37 10.09 -3.01
CA LEU A 82 -1.32 9.36 -2.18
C LEU A 82 -2.26 10.23 -1.38
N CYS A 83 -1.76 11.23 -0.67
CA CYS A 83 -2.52 11.80 0.44
C CYS A 83 -3.83 12.38 -0.08
N SER A 84 -3.77 13.38 -0.96
CA SER A 84 -4.91 14.09 -1.57
C SER A 84 -5.88 14.76 -0.57
N GLU A 85 -6.02 14.21 0.64
CA GLU A 85 -6.49 14.75 1.89
C GLU A 85 -5.24 15.33 2.54
#